data_2AYI
#
_entry.id   2AYI
#
_cell.length_a   246.472
_cell.length_b   246.472
_cell.length_c   51.135
_cell.angle_alpha   90.00
_cell.angle_beta   90.00
_cell.angle_gamma   90.00
#
_symmetry.space_group_name_H-M   'P 42'
#
loop_
_entity.id
_entity.type
_entity.pdbx_description
1 polymer 'Aminopeptidase T'
2 non-polymer 'ZINC ION'
#
_entity_poly.entity_id   1
_entity_poly.type   'polypeptide(L)'
_entity_poly.pdbx_seq_one_letter_code
;MDAFKRNLEKLAELAIRVGLNLEKGQEVIATAPIEAVDFVRLLAEKAYREGASLFTVIYGDQELARKRLALAPEEGLDKA
PAWLYEGMARAFREGAARLAVSGSDPKALEGLPPEKVGRAQKANARAYKPALEAITEFVTNWTIVPFAHPGWARAVFPGL
PEEEAVRRLWEAIFQATRADQEDPIAAWEAHNRALHEKVAYLNARRFHALHFKGPGTDLVVGLAEGHLWQGGATATKGGR
LCNPNLPTEEVFTAPHRERVEGVVRASRPLALGGTLVEGIFARFERGFAVEVRAEKGEEVLRRLLDTDEGARRLGEVALV
PADNPIAKTGLVFFDTLFDENAASHIAFGQAYQENLEGRPSGEAFRKRGGNESLVHVDWMIGSEEMDVDGLYEDGTRTPL
MRRGRWVV
;
_entity_poly.pdbx_strand_id   A,B,C,D,E
#
# COMPACT_ATOMS: atom_id res chain seq x y z
N ALA A 3 -59.49 -2.93 -10.78
CA ALA A 3 -59.51 -3.57 -9.41
C ALA A 3 -58.76 -2.71 -8.36
N PHE A 4 -57.45 -2.58 -8.53
CA PHE A 4 -56.59 -1.80 -7.64
C PHE A 4 -56.39 -0.42 -8.31
N LYS A 5 -56.53 -0.41 -9.63
CA LYS A 5 -56.40 0.81 -10.42
C LYS A 5 -57.55 1.72 -9.97
N ARG A 6 -58.62 1.10 -9.49
CA ARG A 6 -59.78 1.86 -9.03
C ARG A 6 -59.46 2.55 -7.71
N ASN A 7 -58.40 2.10 -7.03
CA ASN A 7 -57.99 2.69 -5.76
C ASN A 7 -56.99 3.79 -6.07
N LEU A 8 -55.92 3.40 -6.75
CA LEU A 8 -54.86 4.30 -7.17
C LEU A 8 -55.51 5.61 -7.62
N GLU A 9 -56.62 5.47 -8.34
CA GLU A 9 -57.36 6.63 -8.83
C GLU A 9 -57.85 7.45 -7.65
N LYS A 10 -58.62 6.81 -6.77
CA LYS A 10 -59.16 7.50 -5.60
C LYS A 10 -58.05 8.20 -4.84
N LEU A 11 -56.97 7.50 -4.58
CA LEU A 11 -55.87 8.11 -3.87
C LEU A 11 -55.59 9.44 -4.55
N ALA A 12 -55.15 9.35 -5.79
CA ALA A 12 -54.84 10.54 -6.57
C ALA A 12 -55.97 11.55 -6.52
N GLU A 13 -57.15 11.10 -6.92
CA GLU A 13 -58.35 11.95 -6.93
C GLU A 13 -58.44 12.73 -5.63
N LEU A 14 -58.20 12.02 -4.53
CA LEU A 14 -58.26 12.56 -3.19
C LEU A 14 -57.17 13.59 -2.92
N ALA A 15 -55.94 13.25 -3.28
CA ALA A 15 -54.81 14.13 -3.06
C ALA A 15 -55.18 15.56 -3.37
N ILE A 16 -56.11 15.73 -4.31
CA ILE A 16 -56.54 17.06 -4.75
C ILE A 16 -57.79 17.65 -4.09
N ARG A 17 -58.92 16.93 -4.16
CA ARG A 17 -60.19 17.40 -3.57
C ARG A 17 -60.15 17.54 -2.05
N VAL A 18 -59.12 16.97 -1.43
CA VAL A 18 -58.98 17.01 0.03
C VAL A 18 -57.62 17.47 0.51
N GLY A 19 -56.56 16.88 -0.06
CA GLY A 19 -55.22 17.24 0.33
C GLY A 19 -55.00 18.72 0.08
N LEU A 20 -55.23 19.17 -1.16
CA LEU A 20 -55.04 20.57 -1.53
C LEU A 20 -56.31 21.40 -1.44
N ASN A 21 -57.44 20.76 -1.74
CA ASN A 21 -58.73 21.44 -1.77
C ASN A 21 -58.57 22.52 -2.84
N LEU A 22 -57.84 22.14 -3.88
CA LEU A 22 -57.53 23.00 -5.01
C LEU A 22 -58.69 23.82 -5.54
N GLU A 23 -58.50 25.14 -5.58
CA GLU A 23 -59.54 26.03 -6.10
C GLU A 23 -59.29 26.26 -7.60
N LYS A 24 -60.39 26.28 -8.35
CA LYS A 24 -60.32 26.47 -9.79
C LYS A 24 -59.41 27.62 -10.22
N GLY A 25 -58.62 27.36 -11.25
CA GLY A 25 -57.71 28.38 -11.79
C GLY A 25 -56.49 28.62 -10.92
N GLN A 26 -56.13 27.62 -10.14
CA GLN A 26 -54.97 27.72 -9.27
C GLN A 26 -53.86 26.86 -9.88
N GLU A 27 -52.65 27.39 -9.98
CA GLU A 27 -51.53 26.64 -10.55
C GLU A 27 -51.15 25.57 -9.53
N VAL A 28 -50.44 24.53 -9.97
CA VAL A 28 -50.05 23.50 -9.03
C VAL A 28 -48.62 23.07 -9.25
N ILE A 29 -47.68 23.60 -8.45
CA ILE A 29 -46.29 23.20 -8.59
C ILE A 29 -46.20 21.91 -7.80
N ALA A 30 -45.45 20.93 -8.28
CA ALA A 30 -45.35 19.69 -7.55
C ALA A 30 -43.95 19.15 -7.56
N THR A 31 -43.51 18.64 -6.41
CA THR A 31 -42.19 18.06 -6.28
C THR A 31 -42.44 16.55 -6.33
N ALA A 32 -41.57 15.80 -7.01
CA ALA A 32 -41.77 14.36 -7.08
C ALA A 32 -40.53 13.66 -7.58
N PRO A 33 -40.46 12.35 -7.36
CA PRO A 33 -39.32 11.51 -7.78
C PRO A 33 -39.47 10.99 -9.18
N ILE A 34 -38.43 11.27 -9.96
CA ILE A 34 -38.33 10.89 -11.36
C ILE A 34 -38.75 9.47 -11.66
N GLU A 35 -38.91 8.68 -10.62
CA GLU A 35 -39.27 7.29 -10.81
C GLU A 35 -40.75 7.00 -10.63
N ALA A 36 -41.56 8.05 -10.45
CA ALA A 36 -42.98 7.83 -10.27
C ALA A 36 -43.81 8.70 -11.18
N VAL A 37 -43.26 8.95 -12.35
CA VAL A 37 -43.93 9.75 -13.37
C VAL A 37 -45.39 9.35 -13.53
N ASP A 38 -45.59 8.09 -13.88
CA ASP A 38 -46.92 7.57 -14.09
C ASP A 38 -47.92 8.08 -13.08
N PHE A 39 -47.47 8.27 -11.85
CA PHE A 39 -48.35 8.78 -10.80
C PHE A 39 -48.59 10.26 -11.05
N VAL A 40 -47.52 11.03 -11.17
CA VAL A 40 -47.64 12.46 -11.41
C VAL A 40 -48.76 12.72 -12.36
N ARG A 41 -48.68 12.08 -13.52
CA ARG A 41 -49.70 12.24 -14.55
C ARG A 41 -51.07 11.97 -13.98
N LEU A 42 -51.22 10.81 -13.35
CA LEU A 42 -52.50 10.41 -12.76
C LEU A 42 -53.04 11.58 -11.95
N LEU A 43 -52.15 12.17 -11.15
CA LEU A 43 -52.52 13.32 -10.33
C LEU A 43 -52.91 14.48 -11.25
N ALA A 44 -51.94 14.95 -12.04
CA ALA A 44 -52.16 16.03 -12.96
C ALA A 44 -53.56 15.94 -13.52
N GLU A 45 -53.85 14.84 -14.22
CA GLU A 45 -55.17 14.63 -14.81
C GLU A 45 -56.26 15.10 -13.85
N LYS A 46 -56.24 14.55 -12.64
CA LYS A 46 -57.23 14.89 -11.62
C LYS A 46 -57.07 16.34 -11.16
N ALA A 47 -55.85 16.84 -11.21
CA ALA A 47 -55.59 18.20 -10.81
C ALA A 47 -56.38 19.08 -11.75
N TYR A 48 -56.18 18.88 -13.05
CA TYR A 48 -56.88 19.65 -14.07
C TYR A 48 -58.39 19.38 -14.09
N ARG A 49 -58.79 18.13 -13.90
CA ARG A 49 -60.21 17.80 -13.90
C ARG A 49 -60.93 18.58 -12.81
N GLU A 50 -60.15 19.14 -11.88
CA GLU A 50 -60.72 19.91 -10.76
C GLU A 50 -60.64 21.42 -10.89
N GLY A 51 -59.96 21.90 -11.94
CA GLY A 51 -59.84 23.34 -12.15
C GLY A 51 -58.41 23.78 -12.39
N ALA A 52 -57.46 22.97 -11.94
CA ALA A 52 -56.06 23.28 -12.12
C ALA A 52 -55.83 23.94 -13.47
N SER A 53 -55.15 25.09 -13.44
CA SER A 53 -54.86 25.82 -14.66
C SER A 53 -53.44 25.55 -15.19
N LEU A 54 -52.64 24.79 -14.43
CA LEU A 54 -51.28 24.45 -14.83
C LEU A 54 -50.53 23.56 -13.84
N PHE A 55 -50.22 22.35 -14.29
CA PHE A 55 -49.51 21.37 -13.48
C PHE A 55 -48.03 21.33 -13.87
N THR A 56 -47.17 21.95 -13.08
CA THR A 56 -45.74 21.97 -13.38
C THR A 56 -45.00 21.08 -12.39
N VAL A 57 -44.29 20.06 -12.86
CA VAL A 57 -43.59 19.20 -11.93
C VAL A 57 -42.11 19.24 -12.08
N ILE A 58 -41.41 19.21 -10.96
CA ILE A 58 -39.98 19.22 -10.99
C ILE A 58 -39.53 17.91 -10.43
N TYR A 59 -39.01 17.04 -11.28
CA TYR A 59 -38.57 15.73 -10.83
C TYR A 59 -37.19 15.73 -10.19
N GLY A 60 -37.08 14.96 -9.11
CA GLY A 60 -35.83 14.84 -8.39
C GLY A 60 -35.30 13.41 -8.47
N ASP A 61 -34.25 13.22 -9.25
CA ASP A 61 -33.63 11.91 -9.43
C ASP A 61 -32.47 11.79 -8.44
N GLN A 62 -32.40 10.66 -7.75
CA GLN A 62 -31.36 10.43 -6.78
C GLN A 62 -30.10 9.97 -7.49
N GLU A 63 -30.29 9.19 -8.53
CA GLU A 63 -29.15 8.70 -9.31
C GLU A 63 -28.38 9.90 -9.81
N LEU A 64 -29.08 11.00 -10.06
CA LEU A 64 -28.46 12.22 -10.54
C LEU A 64 -27.51 12.77 -9.46
N ALA A 65 -28.01 12.86 -8.24
CA ALA A 65 -27.18 13.36 -7.15
C ALA A 65 -26.12 12.30 -6.83
N ARG A 66 -26.51 11.03 -6.96
CA ARG A 66 -25.59 9.93 -6.69
C ARG A 66 -24.34 10.08 -7.57
N LYS A 67 -24.54 10.41 -8.84
CA LYS A 67 -23.42 10.58 -9.74
C LYS A 67 -22.70 11.88 -9.47
N ARG A 68 -23.40 12.81 -8.83
CA ARG A 68 -22.78 14.10 -8.51
C ARG A 68 -21.69 13.91 -7.48
N LEU A 69 -22.10 13.51 -6.29
CA LEU A 69 -21.18 13.28 -5.17
C LEU A 69 -19.95 12.48 -5.54
N ALA A 70 -20.17 11.44 -6.35
CA ALA A 70 -19.08 10.55 -6.75
C ALA A 70 -18.16 11.08 -7.85
N LEU A 71 -18.62 12.06 -8.63
CA LEU A 71 -17.80 12.58 -9.72
C LEU A 71 -17.52 14.09 -9.70
N ALA A 72 -18.41 14.84 -9.06
CA ALA A 72 -18.27 16.28 -8.95
C ALA A 72 -17.02 16.65 -8.17
N PRO A 73 -16.45 17.83 -8.46
CA PRO A 73 -15.24 18.24 -7.73
C PRO A 73 -15.60 18.78 -6.33
N GLU A 74 -14.76 18.47 -5.34
CA GLU A 74 -14.96 18.95 -3.96
C GLU A 74 -14.86 20.48 -3.97
N GLU A 75 -15.29 21.10 -2.87
CA GLU A 75 -15.26 22.57 -2.77
C GLU A 75 -16.06 23.15 -3.93
N GLY A 76 -16.88 22.29 -4.54
CA GLY A 76 -17.72 22.66 -5.66
C GLY A 76 -19.16 22.23 -5.42
N LEU A 77 -19.35 21.30 -4.48
CA LEU A 77 -20.69 20.82 -4.16
C LEU A 77 -21.51 21.93 -3.50
N ASP A 78 -20.82 22.91 -2.92
CA ASP A 78 -21.46 24.02 -2.22
C ASP A 78 -22.48 24.79 -3.09
N LYS A 79 -22.79 24.26 -4.27
CA LYS A 79 -23.75 24.87 -5.19
C LYS A 79 -25.17 24.43 -4.95
N ALA A 80 -26.08 25.38 -5.10
CA ALA A 80 -27.49 25.10 -4.91
C ALA A 80 -28.40 25.71 -5.98
N PRO A 81 -29.54 25.06 -6.23
CA PRO A 81 -30.53 25.51 -7.22
C PRO A 81 -31.27 26.69 -6.63
N ALA A 82 -30.50 27.72 -6.26
CA ALA A 82 -31.06 28.94 -5.67
C ALA A 82 -32.20 29.48 -6.51
N TRP A 83 -31.88 29.83 -7.76
CA TRP A 83 -32.85 30.37 -8.68
C TRP A 83 -34.17 29.58 -8.68
N LEU A 84 -34.08 28.26 -8.81
CA LEU A 84 -35.27 27.44 -8.85
C LEU A 84 -36.12 27.62 -7.60
N TYR A 85 -35.52 27.34 -6.45
CA TYR A 85 -36.19 27.45 -5.17
C TYR A 85 -36.73 28.85 -4.94
N GLU A 86 -35.88 29.85 -5.03
CA GLU A 86 -36.31 31.24 -4.84
C GLU A 86 -37.48 31.57 -5.75
N GLY A 87 -37.56 30.86 -6.87
CA GLY A 87 -38.64 31.08 -7.81
C GLY A 87 -39.89 30.41 -7.29
N MET A 88 -39.75 29.17 -6.82
CA MET A 88 -40.88 28.43 -6.30
C MET A 88 -41.53 29.23 -5.19
N ALA A 89 -40.71 29.98 -4.45
CA ALA A 89 -41.22 30.79 -3.37
C ALA A 89 -42.21 31.78 -3.98
N ARG A 90 -41.69 32.67 -4.82
CA ARG A 90 -42.51 33.70 -5.47
C ARG A 90 -43.83 33.07 -5.88
N ALA A 91 -43.75 31.98 -6.63
CA ALA A 91 -44.92 31.27 -7.11
C ALA A 91 -45.92 31.01 -5.99
N PHE A 92 -45.39 30.52 -4.87
CA PHE A 92 -46.22 30.22 -3.71
C PHE A 92 -46.91 31.46 -3.17
N ARG A 93 -46.11 32.49 -2.87
CA ARG A 93 -46.65 33.75 -2.34
C ARG A 93 -47.72 34.37 -3.26
N GLU A 94 -47.56 34.17 -4.57
CA GLU A 94 -48.49 34.70 -5.57
C GLU A 94 -49.78 33.87 -5.69
N GLY A 95 -49.90 32.79 -4.92
CA GLY A 95 -51.11 31.98 -4.95
C GLY A 95 -51.03 30.55 -5.46
N ALA A 96 -49.87 30.15 -5.99
CA ALA A 96 -49.69 28.80 -6.52
C ALA A 96 -49.67 27.70 -5.47
N ALA A 97 -50.58 26.74 -5.61
CA ALA A 97 -50.67 25.60 -4.70
C ALA A 97 -49.36 24.80 -4.78
N ARG A 98 -49.14 23.89 -3.84
CA ARG A 98 -47.92 23.09 -3.83
C ARG A 98 -48.09 21.64 -3.42
N LEU A 99 -48.24 20.77 -4.41
CA LEU A 99 -48.37 19.34 -4.19
C LEU A 99 -46.95 18.85 -4.09
N ALA A 100 -46.78 17.67 -3.53
CA ALA A 100 -45.45 17.12 -3.38
C ALA A 100 -45.57 15.62 -3.11
N VAL A 101 -45.04 14.84 -4.03
CA VAL A 101 -45.07 13.40 -3.90
C VAL A 101 -43.87 12.97 -3.10
N SER A 102 -44.10 12.14 -2.08
CA SER A 102 -43.00 11.65 -1.26
C SER A 102 -42.92 10.13 -1.26
N GLY A 103 -41.72 9.63 -0.96
CA GLY A 103 -41.47 8.21 -0.96
C GLY A 103 -40.08 8.05 -1.52
N SER A 104 -39.09 8.16 -0.64
CA SER A 104 -37.71 8.03 -1.06
C SER A 104 -37.06 6.76 -0.50
N ASP A 105 -35.96 6.37 -1.14
CA ASP A 105 -35.18 5.18 -0.75
C ASP A 105 -34.07 5.65 0.18
N PRO A 106 -34.19 5.30 1.47
CA PRO A 106 -33.18 5.70 2.47
C PRO A 106 -31.78 5.28 2.07
N LYS A 107 -31.65 4.07 1.53
CA LYS A 107 -30.35 3.53 1.12
C LYS A 107 -29.87 3.90 -0.30
N ALA A 108 -30.10 5.15 -0.72
CA ALA A 108 -29.69 5.61 -2.04
C ALA A 108 -28.30 6.23 -1.92
N LEU A 109 -28.08 6.90 -0.81
CA LEU A 109 -26.81 7.55 -0.56
C LEU A 109 -25.87 6.63 0.22
N GLU A 110 -26.22 5.35 0.26
CA GLU A 110 -25.41 4.38 0.97
C GLU A 110 -24.13 4.10 0.17
N GLY A 111 -23.03 3.95 0.89
CA GLY A 111 -21.75 3.67 0.26
C GLY A 111 -21.01 4.91 -0.20
N LEU A 112 -21.50 6.06 0.25
CA LEU A 112 -20.91 7.35 -0.13
C LEU A 112 -20.47 8.15 1.10
N PRO A 113 -19.26 8.76 1.03
CA PRO A 113 -18.69 9.57 2.12
C PRO A 113 -19.65 10.65 2.68
N PRO A 114 -20.23 10.37 3.88
CA PRO A 114 -21.20 11.20 4.63
C PRO A 114 -20.70 12.62 4.88
N GLU A 115 -19.39 12.81 4.77
CA GLU A 115 -18.77 14.11 4.98
C GLU A 115 -19.27 15.05 3.89
N LYS A 116 -19.27 14.54 2.66
CA LYS A 116 -19.70 15.30 1.49
C LYS A 116 -21.23 15.48 1.45
N VAL A 117 -21.96 14.36 1.50
CA VAL A 117 -23.42 14.38 1.46
C VAL A 117 -23.99 15.51 2.31
N GLY A 118 -23.34 15.73 3.45
CA GLY A 118 -23.79 16.79 4.32
C GLY A 118 -23.46 18.10 3.65
N ARG A 119 -22.18 18.26 3.28
CA ARG A 119 -21.68 19.47 2.62
C ARG A 119 -22.59 19.91 1.46
N ALA A 120 -23.32 18.95 0.89
CA ALA A 120 -24.22 19.22 -0.24
C ALA A 120 -25.63 19.61 0.19
N GLN A 121 -26.14 18.88 1.18
CA GLN A 121 -27.49 19.14 1.68
C GLN A 121 -27.53 20.40 2.55
N LYS A 122 -26.42 20.66 3.24
CA LYS A 122 -26.32 21.83 4.09
C LYS A 122 -26.38 23.09 3.23
N ALA A 123 -26.02 22.93 1.95
CA ALA A 123 -26.05 24.04 1.02
C ALA A 123 -27.42 24.11 0.35
N ASN A 124 -28.02 22.94 0.14
CA ASN A 124 -29.33 22.89 -0.50
C ASN A 124 -30.33 23.61 0.38
N ALA A 125 -30.45 23.13 1.61
CA ALA A 125 -31.38 23.73 2.57
C ALA A 125 -31.16 25.25 2.69
N ARG A 126 -29.94 25.69 2.42
CA ARG A 126 -29.57 27.11 2.51
C ARG A 126 -30.25 27.95 1.45
N ALA A 127 -30.48 27.37 0.28
CA ALA A 127 -31.14 28.09 -0.78
C ALA A 127 -32.65 27.85 -0.75
N TYR A 128 -33.04 26.64 -0.35
CA TYR A 128 -34.44 26.28 -0.30
C TYR A 128 -35.21 27.04 0.77
N LYS A 129 -34.51 27.43 1.83
CA LYS A 129 -35.11 28.14 2.95
C LYS A 129 -36.32 29.06 2.63
N PRO A 130 -36.14 30.10 1.80
CA PRO A 130 -37.28 30.97 1.49
C PRO A 130 -38.51 30.25 0.99
N ALA A 131 -38.31 29.07 0.41
CA ALA A 131 -39.44 28.29 -0.08
C ALA A 131 -40.11 27.69 1.15
N LEU A 132 -39.33 26.89 1.87
CA LEU A 132 -39.80 26.23 3.09
C LEU A 132 -40.68 27.20 3.87
N GLU A 133 -40.12 28.37 4.19
CA GLU A 133 -40.82 29.41 4.93
C GLU A 133 -42.21 29.63 4.36
N ALA A 134 -42.28 29.72 3.03
CA ALA A 134 -43.54 29.95 2.34
C ALA A 134 -44.53 28.82 2.62
N ILE A 135 -44.01 27.61 2.83
CA ILE A 135 -44.84 26.42 3.11
C ILE A 135 -45.09 26.20 4.62
N THR A 136 -44.03 26.35 5.42
CA THR A 136 -44.10 26.19 6.89
C THR A 136 -45.21 27.12 7.37
N GLU A 137 -45.09 28.37 6.93
CA GLU A 137 -46.05 29.43 7.24
C GLU A 137 -47.08 29.34 6.12
N PHE A 138 -48.14 28.57 6.37
CA PHE A 138 -49.21 28.35 5.40
C PHE A 138 -49.66 29.59 4.65
N VAL A 139 -49.16 29.76 3.43
CA VAL A 139 -49.53 30.90 2.59
C VAL A 139 -50.41 30.35 1.47
N THR A 140 -50.02 29.21 0.92
CA THR A 140 -50.80 28.55 -0.14
C THR A 140 -51.24 27.20 0.38
N ASN A 141 -52.20 26.58 -0.28
CA ASN A 141 -52.66 25.26 0.14
C ASN A 141 -51.73 24.21 -0.43
N TRP A 142 -51.00 23.51 0.44
CA TRP A 142 -50.08 22.47 -0.01
C TRP A 142 -50.40 21.13 0.63
N THR A 143 -49.84 20.07 0.07
CA THR A 143 -50.09 18.73 0.56
C THR A 143 -48.89 17.85 0.31
N ILE A 144 -48.98 16.59 0.71
CA ILE A 144 -47.92 15.63 0.49
C ILE A 144 -48.50 14.24 0.31
N VAL A 145 -48.59 13.76 -0.92
CA VAL A 145 -49.08 12.42 -1.16
C VAL A 145 -47.87 11.59 -1.40
N PRO A 146 -47.95 10.30 -1.06
CA PRO A 146 -46.84 9.37 -1.22
C PRO A 146 -47.16 8.07 -1.93
N PHE A 147 -46.30 7.63 -2.84
CA PHE A 147 -46.52 6.31 -3.45
C PHE A 147 -45.21 5.56 -3.59
N ALA A 148 -45.34 4.23 -3.64
CA ALA A 148 -44.26 3.28 -3.77
C ALA A 148 -42.95 3.80 -4.36
N HIS A 149 -41.97 2.93 -4.31
CA HIS A 149 -40.67 3.29 -4.79
C HIS A 149 -39.83 2.08 -4.44
N PRO A 150 -39.11 1.54 -5.43
CA PRO A 150 -38.24 0.37 -5.25
C PRO A 150 -37.13 0.61 -4.23
N GLY A 151 -37.30 1.67 -3.45
CA GLY A 151 -36.34 2.04 -2.42
C GLY A 151 -37.13 2.08 -1.13
N TRP A 152 -38.37 1.67 -1.26
CA TRP A 152 -39.27 1.59 -0.15
C TRP A 152 -39.81 0.20 0.01
N ALA A 153 -40.48 -0.24 -1.05
CA ALA A 153 -41.03 -1.57 -1.04
C ALA A 153 -39.81 -2.48 -0.86
N ARG A 154 -38.64 -1.96 -1.21
CA ARG A 154 -37.42 -2.75 -1.08
C ARG A 154 -36.84 -2.62 0.33
N ALA A 155 -37.37 -1.70 1.12
CA ALA A 155 -36.86 -1.54 2.47
C ALA A 155 -37.91 -1.91 3.52
N VAL A 156 -39.17 -1.59 3.24
CA VAL A 156 -40.26 -1.91 4.16
C VAL A 156 -40.38 -3.42 4.25
N PHE A 157 -40.49 -4.05 3.09
CA PHE A 157 -40.56 -5.50 3.03
C PHE A 157 -39.27 -6.02 2.41
N PRO A 158 -38.54 -6.91 3.09
CA PRO A 158 -37.32 -7.35 2.39
C PRO A 158 -37.71 -8.60 1.57
N GLY A 159 -38.99 -8.64 1.17
CA GLY A 159 -39.56 -9.73 0.40
C GLY A 159 -39.19 -9.75 -1.07
N LEU A 160 -38.02 -10.35 -1.30
CA LEU A 160 -37.43 -10.47 -2.67
C LEU A 160 -38.30 -9.71 -3.74
N PRO A 161 -39.40 -10.34 -4.25
CA PRO A 161 -40.25 -9.71 -5.29
C PRO A 161 -40.29 -8.16 -5.16
N GLU A 162 -39.53 -7.47 -6.03
CA GLU A 162 -39.56 -6.00 -6.05
C GLU A 162 -40.90 -5.64 -6.73
N GLU A 163 -41.25 -6.36 -7.80
CA GLU A 163 -42.51 -6.16 -8.49
C GLU A 163 -43.63 -6.31 -7.47
N GLU A 164 -43.43 -7.22 -6.53
CA GLU A 164 -44.43 -7.50 -5.51
C GLU A 164 -44.25 -6.75 -4.19
N ALA A 165 -43.09 -6.18 -3.96
CA ALA A 165 -42.90 -5.42 -2.74
C ALA A 165 -43.82 -4.23 -2.88
N VAL A 166 -43.73 -3.58 -4.02
CA VAL A 166 -44.58 -2.43 -4.32
C VAL A 166 -45.99 -2.93 -4.21
N ARG A 167 -46.23 -4.07 -4.84
CA ARG A 167 -47.54 -4.73 -4.84
C ARG A 167 -48.16 -4.76 -3.43
N ARG A 168 -47.30 -4.78 -2.41
CA ARG A 168 -47.78 -4.83 -1.03
C ARG A 168 -47.86 -3.39 -0.53
N LEU A 169 -46.72 -2.73 -0.53
CA LEU A 169 -46.61 -1.35 -0.10
C LEU A 169 -47.65 -0.48 -0.74
N TRP A 170 -47.81 -0.59 -2.05
CA TRP A 170 -48.81 0.23 -2.72
C TRP A 170 -50.14 0.05 -2.02
N GLU A 171 -50.37 -1.15 -1.50
CA GLU A 171 -51.64 -1.49 -0.86
C GLU A 171 -51.73 -0.97 0.56
N ALA A 172 -50.59 -0.83 1.20
CA ALA A 172 -50.56 -0.33 2.58
C ALA A 172 -51.06 1.10 2.58
N ILE A 173 -50.61 1.83 1.57
CA ILE A 173 -50.98 3.22 1.41
C ILE A 173 -52.45 3.42 1.13
N PHE A 174 -53.06 2.46 0.45
CA PHE A 174 -54.49 2.56 0.14
C PHE A 174 -55.34 2.45 1.42
N GLN A 175 -54.69 2.03 2.51
CA GLN A 175 -55.37 1.92 3.80
C GLN A 175 -55.00 3.15 4.64
N ALA A 176 -53.70 3.43 4.75
CA ALA A 176 -53.22 4.56 5.52
C ALA A 176 -53.77 5.90 5.05
N THR A 177 -54.06 6.00 3.76
CA THR A 177 -54.57 7.24 3.19
C THR A 177 -56.07 7.22 3.19
N PRO A 184 -63.75 6.95 0.66
CA PRO A 184 -62.72 7.64 1.45
C PRO A 184 -63.02 9.04 2.00
N ILE A 185 -63.59 9.86 1.15
CA ILE A 185 -63.86 11.23 1.52
C ILE A 185 -64.73 11.31 2.77
N ALA A 186 -65.63 10.37 2.90
CA ALA A 186 -66.57 10.32 4.04
C ALA A 186 -65.94 9.74 5.30
N ALA A 187 -64.76 9.15 5.16
CA ALA A 187 -64.05 8.58 6.30
C ALA A 187 -63.08 9.67 6.77
N TRP A 188 -62.62 10.46 5.81
CA TRP A 188 -61.67 11.56 6.08
C TRP A 188 -62.41 12.75 6.60
N GLU A 189 -63.67 12.86 6.23
CA GLU A 189 -64.48 13.96 6.68
C GLU A 189 -64.74 13.75 8.17
N ALA A 190 -65.01 12.51 8.55
CA ALA A 190 -65.29 12.18 9.93
C ALA A 190 -64.01 11.86 10.68
N HIS A 191 -62.88 12.13 10.06
CA HIS A 191 -61.59 11.89 10.71
C HIS A 191 -61.04 13.24 11.13
N ASN A 192 -61.24 14.23 10.28
CA ASN A 192 -60.77 15.56 10.60
C ASN A 192 -61.63 16.10 11.72
N ARG A 193 -62.86 15.59 11.83
CA ARG A 193 -63.74 16.04 12.88
C ARG A 193 -63.27 15.33 14.15
N ALA A 194 -63.05 14.02 14.04
CA ALA A 194 -62.59 13.21 15.16
C ALA A 194 -61.27 13.75 15.74
N LEU A 195 -60.55 14.55 14.95
CA LEU A 195 -59.29 15.15 15.38
C LEU A 195 -59.57 16.50 16.01
N HIS A 196 -60.10 17.42 15.22
CA HIS A 196 -60.40 18.74 15.72
C HIS A 196 -61.09 18.64 17.07
N GLU A 197 -61.66 17.48 17.37
CA GLU A 197 -62.32 17.29 18.66
C GLU A 197 -61.25 17.11 19.73
N LYS A 198 -60.34 16.16 19.51
CA LYS A 198 -59.28 15.95 20.48
C LYS A 198 -58.51 17.25 20.61
N VAL A 199 -58.30 17.91 19.49
CA VAL A 199 -57.55 19.16 19.51
C VAL A 199 -58.29 20.23 20.30
N ALA A 200 -59.60 20.09 20.40
CA ALA A 200 -60.39 21.05 21.15
C ALA A 200 -60.25 20.71 22.63
N TYR A 201 -60.35 19.43 22.94
CA TYR A 201 -60.22 18.95 24.31
C TYR A 201 -58.90 19.44 24.86
N LEU A 202 -57.82 18.89 24.33
CA LEU A 202 -56.48 19.24 24.78
C LEU A 202 -56.19 20.73 24.98
N ASN A 203 -56.88 21.59 24.23
CA ASN A 203 -56.66 23.03 24.34
C ASN A 203 -57.42 23.62 25.49
N ALA A 204 -58.62 23.10 25.69
CA ALA A 204 -59.51 23.56 26.75
C ALA A 204 -59.06 23.13 28.12
N ARG A 205 -58.77 21.85 28.30
CA ARG A 205 -58.32 21.37 29.61
C ARG A 205 -57.12 22.18 30.07
N ARG A 206 -56.38 22.74 29.13
CA ARG A 206 -55.23 23.57 29.44
C ARG A 206 -54.32 22.90 30.47
N PHE A 207 -53.74 21.77 30.11
CA PHE A 207 -52.86 21.03 31.01
C PHE A 207 -51.61 21.77 31.41
N HIS A 208 -50.85 21.19 32.32
CA HIS A 208 -49.61 21.79 32.76
C HIS A 208 -48.50 20.87 32.34
N ALA A 209 -48.87 19.63 32.07
CA ALA A 209 -47.89 18.65 31.64
C ALA A 209 -48.52 17.29 31.42
N LEU A 210 -47.89 16.48 30.58
CA LEU A 210 -48.36 15.15 30.30
C LEU A 210 -47.44 14.19 31.03
N HIS A 211 -47.90 12.98 31.29
CA HIS A 211 -47.07 12.01 31.99
C HIS A 211 -47.13 10.66 31.31
N PHE A 212 -46.07 10.32 30.58
CA PHE A 212 -46.01 9.04 29.89
C PHE A 212 -45.47 7.99 30.83
N LYS A 213 -46.08 6.81 30.82
CA LYS A 213 -45.62 5.73 31.66
C LYS A 213 -45.82 4.44 30.90
N GLY A 214 -44.81 3.60 30.94
CA GLY A 214 -44.88 2.33 30.25
C GLY A 214 -43.66 1.49 30.54
N PRO A 215 -43.40 0.45 29.75
CA PRO A 215 -42.23 -0.39 29.99
C PRO A 215 -40.95 0.38 29.69
N GLY A 216 -40.25 0.75 30.74
CA GLY A 216 -39.00 1.49 30.55
C GLY A 216 -39.18 2.98 30.39
N THR A 217 -40.43 3.45 30.41
CA THR A 217 -40.65 4.88 30.28
C THR A 217 -41.36 5.49 31.46
N ASP A 218 -40.94 6.70 31.79
CA ASP A 218 -41.49 7.50 32.87
C ASP A 218 -41.07 8.96 32.75
N LEU A 219 -41.75 9.65 31.85
CA LEU A 219 -41.43 11.03 31.56
C LEU A 219 -42.54 12.02 31.88
N VAL A 220 -42.17 13.15 32.45
CA VAL A 220 -43.14 14.17 32.78
C VAL A 220 -42.87 15.32 31.85
N VAL A 221 -43.47 15.25 30.67
CA VAL A 221 -43.31 16.30 29.68
C VAL A 221 -44.15 17.48 30.06
N GLY A 222 -43.53 18.49 30.64
CA GLY A 222 -44.28 19.67 31.00
C GLY A 222 -44.80 20.25 29.71
N LEU A 223 -45.54 21.34 29.77
CA LEU A 223 -46.03 21.94 28.55
C LEU A 223 -45.76 23.44 28.59
N ALA A 224 -45.55 24.02 27.43
CA ALA A 224 -45.27 25.44 27.33
C ALA A 224 -46.43 26.27 27.85
N GLU A 225 -46.12 27.52 28.21
CA GLU A 225 -47.14 28.42 28.72
C GLU A 225 -48.01 28.94 27.60
N GLY A 226 -49.32 28.91 27.81
CA GLY A 226 -50.21 29.36 26.76
C GLY A 226 -49.94 28.56 25.51
N HIS A 227 -49.60 27.28 25.72
CA HIS A 227 -49.31 26.39 24.62
C HIS A 227 -50.56 26.25 23.79
N LEU A 228 -50.45 25.62 22.63
CA LEU A 228 -51.60 25.41 21.77
C LEU A 228 -51.45 24.16 20.92
N TRP A 229 -52.43 23.27 21.05
CA TRP A 229 -52.44 22.00 20.34
C TRP A 229 -52.93 22.11 18.90
N GLN A 230 -52.17 21.52 18.01
CA GLN A 230 -52.49 21.53 16.59
C GLN A 230 -52.82 20.11 16.16
N GLY A 231 -53.49 19.98 15.01
CA GLY A 231 -53.84 18.66 14.51
C GLY A 231 -54.91 18.61 13.43
N GLY A 232 -54.69 17.77 12.43
CA GLY A 232 -55.67 17.63 11.37
C GLY A 232 -55.61 18.65 10.24
N ALA A 233 -56.79 19.19 9.88
CA ALA A 233 -56.93 20.19 8.81
C ALA A 233 -56.53 21.59 9.25
N THR A 234 -55.79 22.28 8.39
CA THR A 234 -55.31 23.64 8.68
C THR A 234 -56.11 24.71 7.94
N ALA A 235 -56.04 25.93 8.46
CA ALA A 235 -56.72 27.09 7.86
C ALA A 235 -55.78 27.84 6.88
N THR A 236 -56.29 28.09 5.67
CA THR A 236 -55.52 28.78 4.63
C THR A 236 -56.06 30.20 4.38
N LYS A 237 -55.28 31.18 4.86
CA LYS A 237 -55.60 32.61 4.77
C LYS A 237 -57.13 32.88 4.96
N GLY A 238 -57.51 33.11 6.24
CA GLY A 238 -58.90 33.35 6.63
C GLY A 238 -59.66 32.08 7.06
N GLY A 239 -60.40 31.49 6.11
CA GLY A 239 -61.15 30.27 6.33
C GLY A 239 -61.04 29.40 5.07
N ARG A 240 -60.17 28.39 5.12
CA ARG A 240 -59.95 27.47 3.99
C ARG A 240 -59.19 26.23 4.48
N LEU A 241 -59.84 25.07 4.39
CA LEU A 241 -59.24 23.80 4.85
C LEU A 241 -58.31 23.15 3.84
N CYS A 242 -57.46 22.24 4.33
CA CYS A 242 -56.50 21.51 3.49
C CYS A 242 -55.59 20.65 4.37
N ASN A 243 -55.53 19.36 4.08
CA ASN A 243 -54.69 18.45 4.86
C ASN A 243 -53.31 18.38 4.22
N PRO A 244 -52.33 19.05 4.84
CA PRO A 244 -50.93 19.12 4.41
C PRO A 244 -50.32 17.73 4.27
N ASN A 245 -50.45 16.94 5.33
CA ASN A 245 -49.92 15.59 5.31
C ASN A 245 -51.08 14.65 5.03
N LEU A 246 -50.85 13.65 4.19
CA LEU A 246 -51.91 12.73 3.85
C LEU A 246 -52.12 11.66 4.87
N PRO A 247 -51.07 11.04 5.40
CA PRO A 247 -51.18 9.98 6.40
C PRO A 247 -51.76 10.51 7.73
N THR A 248 -51.33 11.72 8.12
CA THR A 248 -51.71 12.48 9.36
C THR A 248 -52.66 11.67 10.27
N GLU A 249 -52.19 11.45 11.49
CA GLU A 249 -52.93 10.73 12.54
C GLU A 249 -52.56 11.35 13.88
N GLU A 250 -51.64 12.30 13.85
CA GLU A 250 -51.15 12.97 15.05
C GLU A 250 -51.85 14.25 15.49
N VAL A 251 -51.53 14.63 16.72
CA VAL A 251 -51.93 15.85 17.42
C VAL A 251 -50.83 16.38 18.30
N PHE A 252 -50.49 17.66 18.26
CA PHE A 252 -49.31 18.00 19.05
C PHE A 252 -49.29 19.42 19.45
N THR A 253 -48.25 19.73 20.19
CA THR A 253 -47.99 21.06 20.71
C THR A 253 -46.59 21.06 21.30
N ALA A 254 -46.09 22.26 21.59
CA ALA A 254 -44.76 22.41 22.14
C ALA A 254 -44.67 22.21 23.64
N PRO A 255 -43.74 21.35 24.07
CA PRO A 255 -43.56 21.09 25.51
C PRO A 255 -42.96 22.36 26.09
N HIS A 256 -42.45 22.29 27.32
CA HIS A 256 -41.83 23.48 27.89
C HIS A 256 -40.30 23.34 27.96
N ARG A 257 -39.62 24.29 27.35
CA ARG A 257 -38.17 24.32 27.30
C ARG A 257 -37.42 23.70 28.51
N GLU A 258 -37.77 24.12 29.73
CA GLU A 258 -37.05 23.69 30.95
C GLU A 258 -37.94 22.85 31.88
N ARG A 259 -38.96 22.14 31.41
CA ARG A 259 -39.76 21.37 32.36
C ARG A 259 -40.10 19.94 31.99
N VAL A 260 -39.07 19.13 31.73
CA VAL A 260 -39.32 17.75 31.37
C VAL A 260 -38.40 16.80 32.11
N GLU A 261 -38.77 16.40 33.33
CA GLU A 261 -37.93 15.45 34.06
C GLU A 261 -38.44 14.01 33.89
N GLY A 262 -37.50 13.08 33.78
CA GLY A 262 -37.89 11.69 33.61
C GLY A 262 -36.94 10.87 32.76
N VAL A 263 -37.29 9.60 32.56
CA VAL A 263 -36.52 8.67 31.76
C VAL A 263 -37.45 8.14 30.71
N VAL A 264 -37.04 8.18 29.45
CA VAL A 264 -37.91 7.70 28.39
C VAL A 264 -37.16 6.83 27.42
N ARG A 265 -37.73 5.69 27.08
CA ARG A 265 -37.10 4.75 26.19
C ARG A 265 -37.86 4.51 24.90
N ALA A 266 -37.10 4.49 23.81
CA ALA A 266 -37.63 4.30 22.47
C ALA A 266 -38.51 3.10 22.31
N SER A 267 -39.37 3.18 21.31
CA SER A 267 -40.31 2.12 20.98
C SER A 267 -40.05 1.63 19.54
N ARG A 268 -39.89 2.59 18.64
CA ARG A 268 -39.64 2.33 17.22
C ARG A 268 -38.31 2.93 16.76
N PRO A 269 -37.68 2.31 15.76
CA PRO A 269 -36.40 2.83 15.26
C PRO A 269 -36.54 4.24 14.71
N LEU A 270 -35.40 4.91 14.61
CA LEU A 270 -35.33 6.27 14.11
C LEU A 270 -34.43 6.33 12.89
N ALA A 271 -35.02 6.56 11.73
CA ALA A 271 -34.24 6.65 10.48
C ALA A 271 -33.71 8.09 10.36
N LEU A 272 -32.48 8.28 10.79
CA LEU A 272 -31.87 9.60 10.74
C LEU A 272 -31.04 9.83 9.47
N GLY A 273 -31.75 10.03 8.34
CA GLY A 273 -31.08 10.27 7.07
C GLY A 273 -30.11 9.17 6.69
N GLY A 274 -30.63 7.98 6.43
CA GLY A 274 -29.77 6.86 6.04
C GLY A 274 -29.31 5.89 7.12
N THR A 275 -28.69 6.43 8.17
CA THR A 275 -28.21 5.59 9.28
C THR A 275 -29.41 5.18 10.14
N LEU A 276 -29.38 3.95 10.65
CA LEU A 276 -30.48 3.46 11.47
C LEU A 276 -30.20 3.48 12.97
N VAL A 277 -30.89 4.36 13.70
CA VAL A 277 -30.73 4.47 15.14
C VAL A 277 -31.80 3.61 15.83
N GLU A 278 -31.39 2.59 16.60
CA GLU A 278 -32.35 1.73 17.28
C GLU A 278 -32.26 1.71 18.81
N GLY A 279 -33.39 1.37 19.43
CA GLY A 279 -33.48 1.29 20.88
C GLY A 279 -33.02 2.49 21.69
N ILE A 280 -32.92 3.63 21.04
CA ILE A 280 -32.48 4.87 21.70
C ILE A 280 -33.08 5.03 23.09
N PHE A 281 -32.37 5.75 23.94
CA PHE A 281 -32.84 5.98 25.29
C PHE A 281 -32.30 7.31 25.76
N ALA A 282 -33.14 8.08 26.45
CA ALA A 282 -32.71 9.39 26.94
C ALA A 282 -33.21 9.68 28.34
N ARG A 283 -32.40 10.39 29.12
CA ARG A 283 -32.77 10.76 30.48
C ARG A 283 -32.83 12.27 30.59
N PHE A 284 -33.98 12.79 30.99
CA PHE A 284 -34.18 14.23 31.13
C PHE A 284 -34.14 14.74 32.56
N GLU A 285 -33.59 15.93 32.69
CA GLU A 285 -33.46 16.61 33.95
C GLU A 285 -33.70 18.09 33.80
N ARG A 286 -34.74 18.61 34.43
CA ARG A 286 -35.07 20.02 34.32
C ARG A 286 -35.09 20.40 32.84
N GLY A 287 -35.69 19.52 32.04
CA GLY A 287 -35.84 19.76 30.62
C GLY A 287 -34.69 19.41 29.70
N PHE A 288 -33.51 19.11 30.26
CA PHE A 288 -32.32 18.77 29.48
C PHE A 288 -32.06 17.28 29.39
N ALA A 289 -31.82 16.80 28.18
CA ALA A 289 -31.53 15.39 27.99
C ALA A 289 -30.09 15.20 28.43
N VAL A 290 -29.91 14.85 29.70
CA VAL A 290 -28.57 14.69 30.22
C VAL A 290 -27.86 13.41 29.81
N GLU A 291 -28.58 12.48 29.19
CA GLU A 291 -27.94 11.24 28.79
C GLU A 291 -28.68 10.60 27.65
N VAL A 292 -28.15 10.70 26.44
CA VAL A 292 -28.78 10.09 25.30
C VAL A 292 -27.93 8.93 24.89
N ARG A 293 -28.56 7.79 24.58
CA ARG A 293 -27.82 6.60 24.19
C ARG A 293 -28.63 5.79 23.21
N ALA A 294 -28.01 4.78 22.63
CA ALA A 294 -28.70 3.93 21.67
C ALA A 294 -27.93 2.67 21.33
N GLU A 295 -28.67 1.59 21.14
CA GLU A 295 -28.07 0.29 20.82
C GLU A 295 -27.24 0.34 19.54
N LYS A 296 -27.66 1.15 18.58
CA LYS A 296 -26.95 1.26 17.31
C LYS A 296 -26.93 2.70 16.80
N GLY A 297 -25.77 3.19 16.41
CA GLY A 297 -25.68 4.54 15.89
C GLY A 297 -25.62 5.60 16.96
N GLU A 298 -25.23 5.21 18.17
CA GLU A 298 -25.12 6.16 19.28
C GLU A 298 -24.25 7.32 18.80
N GLU A 299 -23.09 6.99 18.23
CA GLU A 299 -22.18 8.01 17.73
C GLU A 299 -22.91 9.11 16.93
N VAL A 300 -23.61 8.70 15.87
CA VAL A 300 -24.34 9.63 15.01
C VAL A 300 -25.36 10.51 15.73
N LEU A 301 -26.25 9.88 16.50
CA LEU A 301 -27.26 10.64 17.21
C LEU A 301 -26.66 11.65 18.18
N ARG A 302 -25.66 11.25 18.94
CA ARG A 302 -25.04 12.17 19.89
C ARG A 302 -24.51 13.44 19.23
N ARG A 303 -23.95 13.30 18.02
CA ARG A 303 -23.43 14.45 17.28
C ARG A 303 -24.54 15.43 16.93
N LEU A 304 -25.58 14.92 16.29
CA LEU A 304 -26.71 15.75 15.88
C LEU A 304 -27.29 16.51 17.07
N LEU A 305 -27.31 15.86 18.22
CA LEU A 305 -27.87 16.46 19.44
C LEU A 305 -26.85 17.31 20.19
N ASP A 306 -25.64 17.41 19.67
CA ASP A 306 -24.61 18.23 20.30
C ASP A 306 -24.38 19.48 19.47
N THR A 307 -25.29 19.75 18.54
CA THR A 307 -25.20 20.93 17.68
C THR A 307 -25.14 22.20 18.53
N ASP A 308 -26.16 22.41 19.35
CA ASP A 308 -26.21 23.57 20.23
C ASP A 308 -26.87 23.18 21.55
N GLU A 309 -27.32 24.17 22.34
CA GLU A 309 -27.97 23.85 23.61
C GLU A 309 -29.33 23.23 23.31
N GLY A 310 -30.17 23.99 22.62
CA GLY A 310 -31.50 23.50 22.28
C GLY A 310 -31.53 22.09 21.70
N ALA A 311 -30.44 21.66 21.10
CA ALA A 311 -30.37 20.32 20.51
C ALA A 311 -30.90 19.24 21.46
N ARG A 312 -30.45 19.29 22.72
CA ARG A 312 -30.85 18.29 23.70
C ARG A 312 -32.03 18.68 24.57
N ARG A 313 -33.03 19.35 23.98
CA ARG A 313 -34.22 19.75 24.71
C ARG A 313 -35.39 19.39 23.80
N LEU A 314 -36.61 19.40 24.34
CA LEU A 314 -37.77 19.04 23.54
C LEU A 314 -38.53 20.21 22.93
N GLY A 315 -39.11 19.96 21.76
CA GLY A 315 -39.85 21.01 21.09
C GLY A 315 -41.13 20.55 20.45
N GLU A 316 -41.65 19.40 20.87
CA GLU A 316 -42.88 18.91 20.29
C GLU A 316 -43.34 17.67 21.01
N VAL A 317 -44.61 17.62 21.38
CA VAL A 317 -45.18 16.46 22.07
C VAL A 317 -46.33 16.04 21.20
N ALA A 318 -46.41 14.77 20.86
CA ALA A 318 -47.49 14.36 19.99
C ALA A 318 -48.14 13.08 20.44
N LEU A 319 -49.46 13.03 20.30
CA LEU A 319 -50.20 11.85 20.71
C LEU A 319 -50.83 11.11 19.53
N VAL A 320 -50.42 9.87 19.35
CA VAL A 320 -50.92 9.06 18.26
C VAL A 320 -51.42 7.72 18.75
N PRO A 321 -52.74 7.49 18.68
CA PRO A 321 -53.30 6.21 19.14
C PRO A 321 -52.67 5.07 18.38
N ALA A 322 -52.15 4.07 19.08
CA ALA A 322 -51.50 2.95 18.39
C ALA A 322 -52.49 1.94 17.86
N ASP A 323 -53.73 2.38 17.65
CA ASP A 323 -54.74 1.50 17.08
C ASP A 323 -55.08 2.06 15.70
N ASN A 324 -54.19 2.92 15.20
CA ASN A 324 -54.34 3.57 13.90
C ASN A 324 -53.85 2.72 12.73
N PRO A 325 -54.19 3.12 11.49
CA PRO A 325 -53.80 2.43 10.27
C PRO A 325 -52.31 2.21 10.07
N ILE A 326 -51.53 3.29 10.04
CA ILE A 326 -50.08 3.16 9.85
C ILE A 326 -49.49 2.21 10.90
N ALA A 327 -50.18 2.11 12.03
CA ALA A 327 -49.75 1.28 13.14
C ALA A 327 -50.15 -0.20 13.00
N LYS A 328 -51.35 -0.45 12.47
CA LYS A 328 -51.85 -1.82 12.27
C LYS A 328 -50.98 -2.63 11.30
N THR A 329 -50.31 -1.94 10.38
CA THR A 329 -49.43 -2.59 9.42
C THR A 329 -48.19 -3.10 10.16
N GLY A 330 -47.73 -2.30 11.12
CA GLY A 330 -46.56 -2.65 11.92
C GLY A 330 -45.30 -2.79 11.09
N LEU A 331 -44.86 -1.69 10.50
CA LEU A 331 -43.68 -1.67 9.64
C LEU A 331 -42.86 -0.42 9.88
N VAL A 332 -41.65 -0.41 9.31
CA VAL A 332 -40.83 0.77 9.45
C VAL A 332 -40.74 1.40 8.07
N PHE A 333 -41.22 2.62 7.93
CA PHE A 333 -41.23 3.27 6.63
C PHE A 333 -40.05 4.17 6.39
N PHE A 334 -39.13 4.22 7.35
CA PHE A 334 -37.92 5.04 7.24
C PHE A 334 -38.21 6.39 6.56
N ASP A 335 -39.42 6.89 6.80
CA ASP A 335 -39.90 8.15 6.24
C ASP A 335 -40.58 8.91 7.38
N THR A 336 -40.22 10.18 7.56
CA THR A 336 -40.83 11.00 8.59
C THR A 336 -42.34 10.89 8.46
N LEU A 337 -42.92 11.62 7.52
CA LEU A 337 -44.35 11.59 7.29
C LEU A 337 -45.07 10.33 7.72
N PHE A 338 -44.55 9.18 7.33
CA PHE A 338 -45.20 7.92 7.69
C PHE A 338 -44.97 7.44 9.11
N ASP A 339 -43.73 7.51 9.60
CA ASP A 339 -43.41 7.10 10.97
C ASP A 339 -43.98 8.09 12.01
N GLU A 340 -43.71 9.39 11.82
CA GLU A 340 -44.21 10.44 12.70
C GLU A 340 -45.67 10.22 13.09
N ASN A 341 -46.50 9.81 12.14
CA ASN A 341 -47.91 9.57 12.42
C ASN A 341 -48.18 8.10 12.71
N ALA A 342 -47.13 7.38 13.08
CA ALA A 342 -47.26 5.97 13.40
C ALA A 342 -47.67 5.82 14.86
N ALA A 343 -46.93 6.46 15.76
CA ALA A 343 -47.24 6.40 17.18
C ALA A 343 -46.73 7.63 17.90
N SER A 344 -47.38 7.95 19.02
CA SER A 344 -47.02 9.11 19.83
C SER A 344 -45.52 9.37 19.81
N HIS A 345 -45.12 10.62 19.64
CA HIS A 345 -43.70 10.92 19.62
C HIS A 345 -43.30 12.19 20.32
N ILE A 346 -42.00 12.31 20.56
CA ILE A 346 -41.44 13.48 21.21
C ILE A 346 -40.32 13.92 20.29
N ALA A 347 -39.98 15.20 20.28
CA ALA A 347 -38.92 15.68 19.37
C ALA A 347 -37.98 16.71 19.92
N PHE A 348 -36.68 16.49 19.72
CA PHE A 348 -35.66 17.42 20.20
C PHE A 348 -35.49 18.56 19.23
N GLY A 349 -35.12 19.73 19.75
CA GLY A 349 -34.84 20.86 18.88
C GLY A 349 -35.97 21.88 18.87
N GLN A 350 -35.92 22.72 17.84
CA GLN A 350 -36.85 23.83 17.58
C GLN A 350 -38.32 23.45 17.64
N ALA A 351 -39.11 24.31 18.30
CA ALA A 351 -40.53 24.06 18.42
C ALA A 351 -41.27 24.96 17.45
N TYR A 352 -42.10 24.36 16.61
CA TYR A 352 -42.86 25.12 15.63
C TYR A 352 -43.59 26.23 16.35
N GLN A 353 -43.35 27.49 15.98
CA GLN A 353 -43.99 28.62 16.65
C GLN A 353 -45.51 28.63 16.49
N GLU A 354 -46.00 27.77 15.63
CA GLU A 354 -47.42 27.63 15.37
C GLU A 354 -48.13 26.92 16.55
N ASN A 355 -47.36 26.62 17.60
CA ASN A 355 -47.87 25.92 18.79
C ASN A 355 -48.01 26.80 20.02
N LEU A 356 -47.49 28.01 19.96
CA LEU A 356 -47.62 28.93 21.08
C LEU A 356 -48.73 29.89 20.76
N GLU A 357 -49.83 29.78 21.50
CA GLU A 357 -50.99 30.63 21.30
C GLU A 357 -50.57 32.09 21.34
N GLY A 358 -50.98 32.84 20.31
CA GLY A 358 -50.61 34.24 20.21
C GLY A 358 -49.35 34.39 19.38
N GLY A 362 -39.75 36.52 20.04
CA GLY A 362 -38.32 36.35 19.88
C GLY A 362 -37.68 36.14 21.25
N GLU A 363 -37.99 37.06 22.18
CA GLU A 363 -37.46 36.99 23.55
C GLU A 363 -38.56 36.49 24.49
N ALA A 364 -39.81 36.86 24.20
CA ALA A 364 -40.94 36.42 25.01
C ALA A 364 -41.26 34.96 24.67
N PHE A 365 -40.52 34.42 23.71
CA PHE A 365 -40.66 33.03 23.25
C PHE A 365 -39.90 32.06 24.17
N ARG A 366 -38.65 32.42 24.40
CA ARG A 366 -37.74 31.67 25.25
C ARG A 366 -38.22 31.79 26.69
N LYS A 367 -39.17 32.70 26.93
CA LYS A 367 -39.73 32.93 28.27
C LYS A 367 -41.00 32.12 28.48
N ARG A 368 -41.83 32.09 27.46
CA ARG A 368 -43.07 31.34 27.53
C ARG A 368 -42.74 29.85 27.53
N GLY A 369 -41.49 29.53 27.19
CA GLY A 369 -41.07 28.14 27.17
C GLY A 369 -40.71 27.57 25.81
N GLY A 370 -40.70 28.42 24.79
CA GLY A 370 -40.35 27.95 23.47
C GLY A 370 -38.91 27.53 23.40
N ASN A 371 -38.63 26.44 22.68
CA ASN A 371 -37.26 25.97 22.54
C ASN A 371 -36.73 26.36 21.16
N GLU A 372 -35.49 26.86 21.13
CA GLU A 372 -34.86 27.28 19.87
C GLU A 372 -33.59 26.51 19.53
N SER A 373 -33.54 25.98 18.31
CA SER A 373 -32.37 25.23 17.84
C SER A 373 -32.36 25.01 16.33
N LEU A 374 -31.30 24.38 15.85
CA LEU A 374 -31.14 24.10 14.42
C LEU A 374 -31.81 22.81 13.97
N VAL A 375 -31.79 21.82 14.86
CA VAL A 375 -32.33 20.50 14.54
C VAL A 375 -33.72 20.18 15.07
N HIS A 376 -34.45 19.35 14.32
CA HIS A 376 -35.78 18.91 14.72
C HIS A 376 -35.88 17.41 14.45
N VAL A 377 -35.52 16.63 15.47
CA VAL A 377 -35.52 15.18 15.41
C VAL A 377 -36.73 14.62 16.14
N ASP A 378 -37.52 13.83 15.42
CA ASP A 378 -38.71 13.22 16.00
C ASP A 378 -38.47 11.73 16.16
N TRP A 379 -38.55 11.22 17.39
CA TRP A 379 -38.42 9.79 17.58
C TRP A 379 -39.63 9.36 18.34
N MET A 380 -40.15 8.22 17.96
CA MET A 380 -41.35 7.71 18.57
C MET A 380 -41.09 6.99 19.87
N ILE A 381 -42.04 7.13 20.79
CA ILE A 381 -41.95 6.47 22.09
C ILE A 381 -43.28 5.81 22.41
N GLY A 382 -44.34 6.28 21.77
CA GLY A 382 -45.65 5.69 22.02
C GLY A 382 -45.66 4.25 21.57
N SER A 383 -46.46 3.42 22.23
CA SER A 383 -46.56 2.02 21.85
C SER A 383 -47.89 1.47 22.28
N GLU A 384 -48.05 0.16 22.16
CA GLU A 384 -49.30 -0.48 22.51
C GLU A 384 -49.47 -0.59 24.01
N GLU A 385 -48.42 -0.30 24.75
CA GLU A 385 -48.49 -0.38 26.22
C GLU A 385 -48.08 0.90 26.90
N MET A 386 -48.34 2.02 26.22
CA MET A 386 -48.00 3.35 26.73
C MET A 386 -49.20 4.02 27.36
N ASP A 387 -49.19 4.20 28.67
CA ASP A 387 -50.31 4.86 29.32
C ASP A 387 -49.96 6.32 29.45
N VAL A 388 -50.93 7.20 29.24
CA VAL A 388 -50.66 8.61 29.34
C VAL A 388 -51.73 9.33 30.13
N ASP A 389 -51.29 10.11 31.11
CA ASP A 389 -52.19 10.89 31.95
C ASP A 389 -51.87 12.34 31.67
N GLY A 390 -52.74 13.25 32.08
CA GLY A 390 -52.50 14.67 31.87
C GLY A 390 -52.64 15.38 33.20
N LEU A 391 -51.61 16.12 33.60
CA LEU A 391 -51.65 16.78 34.90
C LEU A 391 -51.96 18.25 34.86
N TYR A 392 -52.64 18.73 35.91
CA TYR A 392 -52.98 20.14 36.07
C TYR A 392 -51.87 20.72 36.92
N GLU A 393 -51.87 22.03 37.17
CA GLU A 393 -50.78 22.60 37.96
C GLU A 393 -50.74 22.14 39.42
N ASP A 394 -51.85 21.61 39.91
CA ASP A 394 -51.92 21.14 41.28
C ASP A 394 -51.57 19.67 41.45
N GLY A 395 -51.58 18.92 40.35
CA GLY A 395 -51.25 17.51 40.43
C GLY A 395 -52.37 16.58 40.05
N THR A 396 -53.60 17.08 40.09
CA THR A 396 -54.75 16.28 39.73
C THR A 396 -54.54 15.76 38.33
N ARG A 397 -54.71 14.46 38.15
CA ARG A 397 -54.49 13.87 36.85
C ARG A 397 -55.68 13.22 36.18
N THR A 398 -55.91 13.62 34.93
CA THR A 398 -57.00 13.11 34.09
C THR A 398 -56.44 12.11 33.09
N PRO A 399 -56.94 10.86 33.09
CA PRO A 399 -56.41 9.89 32.14
C PRO A 399 -56.68 10.30 30.70
N LEU A 400 -55.66 10.23 29.86
CA LEU A 400 -55.77 10.59 28.45
C LEU A 400 -55.67 9.38 27.55
N MET A 401 -54.70 8.52 27.80
CA MET A 401 -54.55 7.32 26.99
C MET A 401 -54.22 6.11 27.81
N ARG A 402 -54.65 4.94 27.34
CA ARG A 402 -54.38 3.67 28.02
C ARG A 402 -54.08 2.61 27.00
N ARG A 403 -53.07 1.80 27.30
CA ARG A 403 -52.65 0.75 26.40
C ARG A 403 -52.64 1.26 24.97
N GLY A 404 -52.27 2.54 24.85
CA GLY A 404 -52.16 3.17 23.55
C GLY A 404 -53.42 3.76 22.99
N ARG A 405 -54.58 3.43 23.55
CA ARG A 405 -55.82 3.96 23.03
C ARG A 405 -56.32 5.16 23.80
N TRP A 406 -57.13 5.98 23.14
CA TRP A 406 -57.69 7.16 23.77
C TRP A 406 -58.77 6.75 24.73
N VAL A 407 -58.87 7.48 25.81
CA VAL A 407 -59.95 7.28 26.75
C VAL A 407 -60.87 8.48 26.81
N VAL A 408 -60.36 9.54 26.16
CA VAL A 408 -61.02 10.84 26.02
C VAL A 408 -61.12 11.56 27.36
N ALA B 3 -20.81 -1.78 -28.18
CA ALA B 3 -20.80 -1.62 -29.67
C ALA B 3 -21.34 -0.25 -30.11
N PHE B 4 -22.62 -0.01 -29.84
CA PHE B 4 -23.29 1.26 -30.17
C PHE B 4 -23.31 2.12 -28.90
N LYS B 5 -23.24 1.43 -27.76
CA LYS B 5 -23.20 2.09 -26.47
C LYS B 5 -21.89 2.89 -26.44
N ARG B 6 -20.90 2.44 -27.19
CA ARG B 6 -19.60 3.11 -27.25
C ARG B 6 -19.72 4.43 -28.04
N ASN B 7 -20.81 4.56 -28.81
CA ASN B 7 -21.07 5.78 -29.59
C ASN B 7 -21.89 6.72 -28.72
N LEU B 8 -23.04 6.21 -28.30
CA LEU B 8 -23.96 6.95 -27.43
C LEU B 8 -23.14 7.71 -26.41
N GLU B 9 -22.09 7.06 -25.92
CA GLU B 9 -21.21 7.66 -24.93
C GLU B 9 -20.52 8.88 -25.54
N LYS B 10 -19.81 8.65 -26.65
CA LYS B 10 -19.09 9.72 -27.32
C LYS B 10 -20.03 10.89 -27.58
N LEU B 11 -21.21 10.60 -28.12
CA LEU B 11 -22.17 11.66 -28.38
C LEU B 11 -22.26 12.50 -27.13
N ALA B 12 -22.77 11.87 -26.08
CA ALA B 12 -22.92 12.53 -24.79
C ALA B 12 -21.63 13.21 -24.36
N GLU B 13 -20.55 12.43 -24.28
CA GLU B 13 -19.24 12.94 -23.91
C GLU B 13 -18.95 14.25 -24.64
N LEU B 14 -19.22 14.24 -25.94
CA LEU B 14 -19.01 15.38 -26.82
C LEU B 14 -19.89 16.56 -26.50
N ALA B 15 -21.19 16.30 -26.31
CA ALA B 15 -22.15 17.35 -26.00
C ALA B 15 -21.58 18.34 -25.01
N ILE B 16 -20.67 17.86 -24.16
CA ILE B 16 -20.07 18.69 -23.12
C ILE B 16 -18.70 19.30 -23.44
N ARG B 17 -17.71 18.48 -23.80
CA ARG B 17 -16.35 18.95 -24.11
C ARG B 17 -16.28 19.84 -25.36
N VAL B 18 -17.35 19.84 -26.16
CA VAL B 18 -17.40 20.64 -27.38
C VAL B 18 -18.63 21.50 -27.51
N GLY B 19 -19.79 20.90 -27.26
CA GLY B 19 -21.04 21.64 -27.35
C GLY B 19 -21.03 22.79 -26.38
N LEU B 20 -20.80 22.50 -25.11
CA LEU B 20 -20.79 23.52 -24.06
C LEU B 20 -19.40 24.06 -23.76
N ASN B 21 -18.41 23.19 -23.87
CA ASN B 21 -17.02 23.54 -23.55
C ASN B 21 -17.06 23.93 -22.08
N LEU B 22 -17.91 23.22 -21.35
CA LEU B 22 -18.14 23.41 -19.93
C LEU B 22 -16.89 23.64 -19.10
N GLU B 23 -16.86 24.77 -18.40
CA GLU B 23 -15.71 25.08 -17.55
C GLU B 23 -15.99 24.57 -16.13
N LYS B 24 -14.96 24.03 -15.49
CA LYS B 24 -15.05 23.46 -14.14
C LYS B 24 -15.78 24.37 -13.15
N GLY B 25 -16.68 23.77 -12.37
CA GLY B 25 -17.43 24.50 -11.37
C GLY B 25 -18.55 25.35 -11.95
N GLN B 26 -19.04 24.95 -13.11
CA GLN B 26 -20.11 25.68 -13.76
C GLN B 26 -21.37 24.84 -13.63
N GLU B 27 -22.47 25.44 -13.22
CA GLU B 27 -23.72 24.71 -13.09
C GLU B 27 -24.23 24.40 -14.48
N VAL B 28 -25.12 23.42 -14.61
CA VAL B 28 -25.65 23.08 -15.93
C VAL B 28 -27.14 22.84 -15.92
N ILE B 29 -27.92 23.84 -16.29
CA ILE B 29 -29.37 23.67 -16.33
C ILE B 29 -29.62 22.99 -17.65
N ALA B 30 -30.56 22.07 -17.72
CA ALA B 30 -30.82 21.40 -18.97
C ALA B 30 -32.28 21.18 -19.19
N THR B 31 -32.72 21.39 -20.42
CA THR B 31 -34.12 21.19 -20.77
C THR B 31 -34.13 19.86 -21.50
N ALA B 32 -35.14 19.03 -21.29
CA ALA B 32 -35.19 17.74 -21.95
C ALA B 32 -36.55 17.11 -21.83
N PRO B 33 -36.83 16.12 -22.68
CA PRO B 33 -38.10 15.39 -22.71
C PRO B 33 -38.12 14.20 -21.76
N ILE B 34 -39.12 14.22 -20.90
CA ILE B 34 -39.36 13.20 -19.88
C ILE B 34 -39.21 11.78 -20.37
N GLU B 35 -39.12 11.61 -21.67
CA GLU B 35 -39.02 10.29 -22.23
C GLU B 35 -37.59 9.89 -22.59
N ALA B 36 -36.62 10.73 -22.24
CA ALA B 36 -35.23 10.39 -22.56
C ALA B 36 -34.32 10.50 -21.36
N VAL B 37 -34.88 10.22 -20.19
CA VAL B 37 -34.15 10.28 -18.94
C VAL B 37 -32.78 9.62 -19.06
N ASP B 38 -32.81 8.35 -19.41
CA ASP B 38 -31.60 7.57 -19.56
C ASP B 38 -30.48 8.35 -20.19
N PHE B 39 -30.84 9.21 -21.13
CA PHE B 39 -29.84 10.01 -21.81
C PHE B 39 -29.36 11.09 -20.86
N VAL B 40 -30.29 11.85 -20.31
CA VAL B 40 -29.96 12.94 -19.41
C VAL B 40 -28.85 12.48 -18.49
N ARG B 41 -29.10 11.38 -17.80
CA ARG B 41 -28.13 10.82 -16.87
C ARG B 41 -26.78 10.65 -17.55
N LEU B 42 -26.79 9.95 -18.68
CA LEU B 42 -25.57 9.70 -19.44
C LEU B 42 -24.81 11.01 -19.56
N LEU B 43 -25.55 12.07 -19.91
CA LEU B 43 -24.95 13.38 -20.06
C LEU B 43 -24.43 13.82 -18.70
N ALA B 44 -25.34 13.98 -17.75
CA ALA B 44 -24.98 14.40 -16.41
C ALA B 44 -23.65 13.81 -16.02
N GLU B 45 -23.59 12.48 -16.00
CA GLU B 45 -22.36 11.79 -15.65
C GLU B 45 -21.17 12.49 -16.27
N LYS B 46 -21.20 12.62 -17.58
CA LYS B 46 -20.11 13.27 -18.33
C LYS B 46 -20.00 14.75 -17.99
N ALA B 47 -21.13 15.35 -17.63
CA ALA B 47 -21.14 16.75 -17.28
C ALA B 47 -20.26 16.89 -16.06
N TYR B 48 -20.58 16.09 -15.05
CA TYR B 48 -19.82 16.11 -13.80
C TYR B 48 -18.39 15.63 -13.99
N ARG B 49 -18.18 14.58 -14.78
CA ARG B 49 -16.83 14.08 -15.02
C ARG B 49 -15.93 15.17 -15.59
N GLU B 50 -16.56 16.24 -16.07
CA GLU B 50 -15.82 17.35 -16.66
C GLU B 50 -15.66 18.57 -15.79
N GLY B 51 -16.30 18.57 -14.62
CA GLY B 51 -16.19 19.69 -13.70
C GLY B 51 -17.54 20.19 -13.22
N ALA B 52 -18.57 19.89 -13.97
CA ALA B 52 -19.91 20.31 -13.61
C ALA B 52 -20.10 20.23 -12.10
N SER B 53 -20.59 21.31 -11.52
CA SER B 53 -20.82 21.37 -10.09
C SER B 53 -22.28 21.12 -9.72
N LEU B 54 -23.15 21.00 -10.73
CA LEU B 54 -24.58 20.74 -10.50
C LEU B 54 -25.42 20.60 -11.77
N PHE B 55 -25.95 19.41 -11.99
CA PHE B 55 -26.76 19.12 -13.16
C PHE B 55 -28.23 19.14 -12.79
N THR B 56 -28.92 20.22 -13.13
CA THR B 56 -30.35 20.32 -12.81
C THR B 56 -31.18 20.19 -14.09
N VAL B 57 -32.07 19.21 -14.16
CA VAL B 57 -32.87 19.06 -15.37
C VAL B 57 -34.33 19.26 -15.16
N ILE B 58 -34.94 19.92 -16.12
CA ILE B 58 -36.36 20.16 -16.03
C ILE B 58 -37.00 19.40 -17.17
N TYR B 59 -37.70 18.33 -16.85
CA TYR B 59 -38.32 17.54 -17.89
C TYR B 59 -39.63 18.10 -18.40
N GLY B 60 -39.82 18.02 -19.71
CA GLY B 60 -41.03 18.48 -20.33
C GLY B 60 -41.78 17.32 -20.97
N ASP B 61 -42.91 16.95 -20.36
CA ASP B 61 -43.74 15.85 -20.85
C ASP B 61 -44.84 16.44 -21.72
N GLN B 62 -45.05 15.85 -22.88
CA GLN B 62 -46.06 16.33 -23.80
C GLN B 62 -47.42 15.79 -23.37
N GLU B 63 -47.43 14.55 -22.88
CA GLU B 63 -48.67 13.94 -22.42
C GLU B 63 -49.27 14.85 -21.35
N LEU B 64 -48.40 15.52 -20.60
CA LEU B 64 -48.84 16.43 -19.56
C LEU B 64 -49.61 17.58 -20.17
N ALA B 65 -49.05 18.21 -21.19
CA ALA B 65 -49.73 19.32 -21.85
C ALA B 65 -50.91 18.75 -22.62
N ARG B 66 -50.76 17.54 -23.15
CA ARG B 66 -51.82 16.89 -23.91
C ARG B 66 -53.06 16.80 -23.05
N LYS B 67 -52.89 16.39 -21.80
CA LYS B 67 -54.03 16.28 -20.88
C LYS B 67 -54.50 17.65 -20.41
N ARG B 68 -53.64 18.66 -20.53
CA ARG B 68 -54.01 20.01 -20.12
C ARG B 68 -55.05 20.55 -21.06
N LEU B 69 -54.65 20.76 -22.31
CA LEU B 69 -55.53 21.29 -23.36
C LEU B 69 -56.90 20.61 -23.41
N ALA B 70 -56.91 19.29 -23.25
CA ALA B 70 -58.14 18.51 -23.31
C ALA B 70 -59.02 18.56 -22.05
N LEU B 71 -58.45 18.92 -20.90
CA LEU B 71 -59.22 18.95 -19.66
C LEU B 71 -59.25 20.27 -18.90
N ALA B 72 -58.21 21.07 -19.10
CA ALA B 72 -58.12 22.37 -18.46
C ALA B 72 -59.25 23.30 -18.91
N PRO B 73 -59.64 24.24 -18.05
CA PRO B 73 -60.71 25.17 -18.43
C PRO B 73 -60.20 26.27 -19.38
N GLU B 74 -61.03 26.64 -20.35
CA GLU B 74 -60.66 27.71 -21.30
C GLU B 74 -60.49 29.02 -20.53
N GLU B 75 -59.91 30.03 -21.17
CA GLU B 75 -59.70 31.34 -20.53
C GLU B 75 -58.87 31.09 -19.23
N GLY B 76 -58.25 29.91 -19.16
CA GLY B 76 -57.44 29.53 -18.04
C GLY B 76 -56.07 29.05 -18.51
N LEU B 77 -55.99 28.70 -19.79
CA LEU B 77 -54.73 28.25 -20.38
C LEU B 77 -53.71 29.37 -20.43
N ASP B 78 -54.18 30.61 -20.41
CA ASP B 78 -53.33 31.80 -20.47
C ASP B 78 -52.24 31.84 -19.36
N LYS B 79 -52.10 30.74 -18.62
CA LYS B 79 -51.11 30.65 -17.56
C LYS B 79 -49.76 30.15 -18.03
N ALA B 80 -48.71 30.73 -17.47
CA ALA B 80 -47.36 30.36 -17.82
C ALA B 80 -46.42 30.15 -16.64
N PRO B 81 -45.41 29.29 -16.79
CA PRO B 81 -44.42 29.00 -15.75
C PRO B 81 -43.46 30.18 -15.69
N ALA B 82 -44.03 31.36 -15.46
CA ALA B 82 -43.25 32.59 -15.38
C ALA B 82 -42.09 32.43 -14.43
N TRP B 83 -42.41 32.14 -13.16
CA TRP B 83 -41.41 31.97 -12.12
C TRP B 83 -40.26 31.09 -12.55
N LEU B 84 -40.57 29.92 -13.12
CA LEU B 84 -39.53 29.01 -13.56
C LEU B 84 -38.61 29.65 -14.57
N TYR B 85 -39.18 30.08 -15.69
CA TYR B 85 -38.41 30.70 -16.74
C TYR B 85 -37.63 31.91 -16.26
N GLU B 86 -38.31 32.87 -15.63
CA GLU B 86 -37.65 34.07 -15.13
C GLU B 86 -36.50 33.70 -14.22
N GLY B 87 -36.60 32.52 -13.61
CA GLY B 87 -35.55 32.05 -12.73
C GLY B 87 -34.40 31.53 -13.55
N MET B 88 -34.72 30.75 -14.58
CA MET B 88 -33.70 30.18 -15.46
C MET B 88 -32.86 31.31 -16.03
N ALA B 89 -33.51 32.45 -16.25
CA ALA B 89 -32.82 33.60 -16.78
C ALA B 89 -31.72 33.96 -15.82
N ARG B 90 -32.12 34.39 -14.62
CA ARG B 90 -31.18 34.78 -13.57
C ARG B 90 -30.00 33.82 -13.58
N ALA B 91 -30.31 32.53 -13.48
CA ALA B 91 -29.29 31.49 -13.47
C ALA B 91 -28.30 31.67 -14.62
N PHE B 92 -28.83 31.91 -15.81
CA PHE B 92 -28.00 32.11 -16.98
C PHE B 92 -27.10 33.32 -16.84
N ARG B 93 -27.70 34.47 -16.56
CA ARG B 93 -26.94 35.69 -16.39
C ARG B 93 -25.83 35.58 -15.33
N GLU B 94 -26.09 34.78 -14.29
CA GLU B 94 -25.14 34.57 -13.19
C GLU B 94 -24.00 33.58 -13.54
N GLY B 95 -24.02 33.04 -14.77
CA GLY B 95 -22.97 32.13 -15.20
C GLY B 95 -23.31 30.67 -15.49
N ALA B 96 -24.55 30.27 -15.19
CA ALA B 96 -24.98 28.89 -15.40
C ALA B 96 -25.13 28.48 -16.86
N ALA B 97 -24.39 27.45 -17.26
CA ALA B 97 -24.45 26.94 -18.64
C ALA B 97 -25.86 26.44 -18.92
N ARG B 98 -26.17 26.18 -20.18
CA ARG B 98 -27.50 25.70 -20.54
C ARG B 98 -27.55 24.67 -21.65
N LEU B 99 -27.59 23.41 -21.24
CA LEU B 99 -27.69 22.30 -22.16
C LEU B 99 -29.17 22.17 -22.45
N ALA B 100 -29.50 21.49 -23.53
CA ALA B 100 -30.90 21.31 -23.89
C ALA B 100 -31.02 20.17 -24.87
N VAL B 101 -31.71 19.13 -24.45
CA VAL B 101 -31.91 17.96 -25.29
C VAL B 101 -33.14 18.20 -26.15
N SER B 102 -33.00 17.98 -27.46
CA SER B 102 -34.10 18.17 -28.38
C SER B 102 -34.43 16.89 -29.14
N GLY B 103 -35.68 16.82 -29.59
CA GLY B 103 -36.15 15.66 -30.31
C GLY B 103 -37.57 15.47 -29.87
N SER B 104 -38.48 16.17 -30.54
CA SER B 104 -39.88 16.09 -30.21
C SER B 104 -40.69 15.40 -31.31
N ASP B 105 -41.88 14.94 -30.91
CA ASP B 105 -42.83 14.27 -31.79
C ASP B 105 -43.80 15.32 -32.34
N PRO B 106 -43.66 15.68 -33.62
CA PRO B 106 -44.54 16.67 -34.23
C PRO B 106 -46.01 16.36 -34.04
N LYS B 107 -46.37 15.08 -34.18
CA LYS B 107 -47.75 14.63 -34.06
C LYS B 107 -48.26 14.31 -32.63
N ALA B 108 -47.84 15.11 -31.65
CA ALA B 108 -48.25 14.92 -30.25
C ALA B 108 -49.49 15.74 -29.99
N LEU B 109 -49.54 16.91 -30.60
CA LEU B 109 -50.67 17.80 -30.45
C LEU B 109 -51.71 17.58 -31.56
N GLU B 110 -51.58 16.45 -32.25
CA GLU B 110 -52.51 16.11 -33.32
C GLU B 110 -53.86 15.69 -32.74
N GLY B 111 -54.94 16.11 -33.39
CA GLY B 111 -56.28 15.77 -32.94
C GLY B 111 -56.81 16.72 -31.88
N LEU B 112 -56.13 17.85 -31.69
CA LEU B 112 -56.52 18.84 -30.70
C LEU B 112 -56.75 20.20 -31.34
N PRO B 113 -57.85 20.90 -30.93
CA PRO B 113 -58.22 22.24 -31.44
C PRO B 113 -57.06 23.26 -31.41
N PRO B 114 -56.47 23.54 -32.60
CA PRO B 114 -55.35 24.45 -32.86
C PRO B 114 -55.57 25.86 -32.33
N GLU B 115 -56.84 26.18 -32.10
CA GLU B 115 -57.22 27.50 -31.59
C GLU B 115 -56.64 27.67 -30.19
N LYS B 116 -56.79 26.60 -29.38
CA LYS B 116 -56.29 26.57 -28.00
C LYS B 116 -54.77 26.45 -27.93
N VAL B 117 -54.23 25.41 -28.57
CA VAL B 117 -52.79 25.17 -28.59
C VAL B 117 -51.99 26.45 -28.79
N GLY B 118 -52.53 27.33 -29.64
CA GLY B 118 -51.88 28.61 -29.89
C GLY B 118 -52.03 29.43 -28.62
N ARG B 119 -53.27 29.60 -28.15
CA ARG B 119 -53.59 30.37 -26.94
C ARG B 119 -52.69 30.00 -25.76
N ALA B 120 -52.18 28.77 -25.76
CA ALA B 120 -51.30 28.27 -24.69
C ALA B 120 -49.82 28.57 -24.93
N GLN B 121 -49.36 28.36 -26.16
CA GLN B 121 -47.97 28.60 -26.52
C GLN B 121 -47.69 30.11 -26.63
N LYS B 122 -48.70 30.87 -27.06
CA LYS B 122 -48.56 32.31 -27.20
C LYS B 122 -48.32 32.92 -25.82
N ALA B 123 -48.78 32.23 -24.79
CA ALA B 123 -48.62 32.68 -23.42
C ALA B 123 -47.30 32.16 -22.85
N ASN B 124 -46.91 30.97 -23.29
CA ASN B 124 -45.68 30.36 -22.83
C ASN B 124 -44.52 31.25 -23.28
N ALA B 125 -44.42 31.46 -24.58
CA ALA B 125 -43.35 32.29 -25.13
C ALA B 125 -43.31 33.66 -24.46
N ARG B 126 -44.46 34.11 -23.95
CA ARG B 126 -44.58 35.42 -23.28
C ARG B 126 -43.82 35.48 -21.98
N ALA B 127 -43.77 34.37 -21.26
CA ALA B 127 -43.04 34.32 -19.98
C ALA B 127 -41.61 33.88 -20.21
N TYR B 128 -41.39 32.99 -21.18
CA TYR B 128 -40.06 32.48 -21.47
C TYR B 128 -39.12 33.54 -22.04
N LYS B 129 -39.69 34.52 -22.73
CA LYS B 129 -38.92 35.58 -23.35
C LYS B 129 -37.60 35.99 -22.66
N PRO B 130 -37.65 36.48 -21.42
CA PRO B 130 -36.41 36.88 -20.75
C PRO B 130 -35.33 35.80 -20.74
N ALA B 131 -35.76 34.55 -20.82
CA ALA B 131 -34.81 33.46 -20.84
C ALA B 131 -34.19 33.45 -22.22
N LEU B 132 -35.04 33.27 -23.23
CA LEU B 132 -34.62 33.24 -24.61
C LEU B 132 -33.57 34.29 -24.82
N GLU B 133 -33.90 35.55 -24.48
CA GLU B 133 -32.99 36.69 -24.62
C GLU B 133 -31.60 36.36 -24.07
N ALA B 134 -31.58 35.76 -22.88
CA ALA B 134 -30.34 35.39 -22.23
C ALA B 134 -29.53 34.40 -23.08
N ILE B 135 -30.23 33.56 -23.85
CA ILE B 135 -29.60 32.56 -24.73
C ILE B 135 -29.32 33.11 -26.14
N THR B 136 -30.30 33.79 -26.73
CA THR B 136 -30.17 34.39 -28.07
C THR B 136 -28.91 35.24 -28.04
N GLU B 137 -28.84 36.10 -27.02
CA GLU B 137 -27.72 36.98 -26.78
C GLU B 137 -26.76 36.16 -25.90
N PHE B 138 -25.86 35.46 -26.55
CA PHE B 138 -24.90 34.61 -25.88
C PHE B 138 -24.30 35.21 -24.63
N VAL B 139 -24.82 34.80 -23.47
CA VAL B 139 -24.31 35.28 -22.19
C VAL B 139 -23.57 34.11 -21.53
N THR B 140 -24.16 32.92 -21.62
CA THR B 140 -23.55 31.71 -21.06
C THR B 140 -23.34 30.75 -22.21
N ASN B 141 -22.54 29.72 -21.99
CA ASN B 141 -22.28 28.76 -23.05
C ASN B 141 -23.39 27.73 -23.05
N TRP B 142 -24.17 27.71 -24.12
CA TRP B 142 -25.28 26.76 -24.24
C TRP B 142 -25.15 25.89 -25.48
N THR B 143 -25.91 24.80 -25.51
CA THR B 143 -25.85 23.86 -26.63
C THR B 143 -27.19 23.20 -26.80
N ILE B 144 -27.28 22.31 -27.78
CA ILE B 144 -28.50 21.57 -28.04
C ILE B 144 -28.16 20.20 -28.62
N VAL B 145 -28.21 19.17 -27.79
CA VAL B 145 -27.96 17.83 -28.29
C VAL B 145 -29.31 17.20 -28.48
N PRO B 146 -29.43 16.28 -29.42
CA PRO B 146 -30.69 15.61 -29.71
C PRO B 146 -30.63 14.09 -29.77
N PHE B 147 -31.61 13.39 -29.18
CA PHE B 147 -31.64 11.94 -29.33
C PHE B 147 -33.05 11.46 -29.53
N ALA B 148 -33.14 10.30 -30.17
CA ALA B 148 -34.37 9.60 -30.51
C ALA B 148 -35.60 9.97 -29.71
N HIS B 149 -36.71 9.43 -30.15
CA HIS B 149 -37.96 9.72 -29.50
C HIS B 149 -38.97 9.00 -30.37
N PRO B 150 -39.82 8.17 -29.76
CA PRO B 150 -40.85 7.42 -30.47
C PRO B 150 -41.85 8.34 -31.20
N GLY B 151 -41.46 9.60 -31.35
CA GLY B 151 -42.29 10.57 -32.03
C GLY B 151 -41.46 11.11 -33.17
N TRP B 152 -40.29 10.51 -33.30
CA TRP B 152 -39.36 10.86 -34.34
C TRP B 152 -39.03 9.68 -35.18
N ALA B 153 -38.51 8.66 -34.51
CA ALA B 153 -38.19 7.44 -35.21
C ALA B 153 -39.53 6.97 -35.78
N ARG B 154 -40.63 7.41 -35.16
CA ARG B 154 -41.95 7.01 -35.63
C ARG B 154 -42.44 7.94 -36.74
N ALA B 155 -41.71 9.02 -36.97
CA ALA B 155 -42.11 9.94 -38.04
C ALA B 155 -41.08 9.97 -39.17
N VAL B 156 -39.80 9.89 -38.82
CA VAL B 156 -38.75 9.90 -39.83
C VAL B 156 -38.86 8.65 -40.68
N PHE B 157 -38.93 7.50 -40.01
CA PHE B 157 -39.08 6.24 -40.70
C PHE B 157 -40.48 5.71 -40.36
N PRO B 158 -41.32 5.44 -41.37
CA PRO B 158 -42.63 4.90 -40.96
C PRO B 158 -42.50 3.35 -40.90
N GLY B 159 -41.27 2.89 -40.62
CA GLY B 159 -40.91 1.47 -40.53
C GLY B 159 -41.36 0.79 -39.24
N LEU B 160 -42.62 0.38 -39.30
CA LEU B 160 -43.29 -0.31 -38.16
C LEU B 160 -42.36 -0.37 -36.89
N PRO B 161 -41.41 -1.33 -36.81
CA PRO B 161 -40.53 -1.46 -35.63
C PRO B 161 -40.23 -0.10 -34.96
N GLU B 162 -40.90 0.18 -33.85
CA GLU B 162 -40.64 1.41 -33.09
C GLU B 162 -39.30 1.13 -32.39
N GLU B 163 -39.16 -0.08 -31.81
CA GLU B 163 -37.91 -0.48 -31.16
C GLU B 163 -36.77 -0.29 -32.16
N GLU B 164 -37.07 -0.52 -33.43
CA GLU B 164 -36.07 -0.43 -34.48
C GLU B 164 -36.05 0.90 -35.22
N ALA B 165 -37.10 1.69 -35.10
CA ALA B 165 -37.11 3.00 -35.75
C ALA B 165 -36.01 3.78 -35.06
N VAL B 166 -36.06 3.78 -33.73
CA VAL B 166 -35.05 4.45 -32.93
C VAL B 166 -33.73 3.83 -33.33
N ARG B 167 -33.70 2.50 -33.37
CA ARG B 167 -32.52 1.72 -33.76
C ARG B 167 -31.83 2.29 -35.01
N ARG B 168 -32.62 2.94 -35.86
CA ARG B 168 -32.09 3.52 -37.10
C ARG B 168 -31.74 4.99 -36.80
N LEU B 169 -32.76 5.73 -36.42
CA LEU B 169 -32.62 7.15 -36.11
C LEU B 169 -31.47 7.39 -35.16
N TRP B 170 -31.40 6.59 -34.10
CA TRP B 170 -30.34 6.78 -33.13
C TRP B 170 -29.01 6.74 -33.87
N GLU B 171 -28.95 5.94 -34.92
CA GLU B 171 -27.73 5.78 -35.68
C GLU B 171 -27.47 6.91 -36.64
N ALA B 172 -28.55 7.56 -37.07
CA ALA B 172 -28.41 8.66 -38.01
C ALA B 172 -27.69 9.78 -37.30
N ILE B 173 -28.06 9.97 -36.05
CA ILE B 173 -27.48 11.01 -35.23
C ILE B 173 -26.01 10.79 -34.94
N PHE B 174 -25.60 9.54 -34.89
CA PHE B 174 -24.20 9.24 -34.62
C PHE B 174 -23.32 9.65 -35.80
N GLN B 175 -23.96 9.96 -36.92
CA GLN B 175 -23.23 10.39 -38.11
C GLN B 175 -23.35 11.91 -38.20
N ALA B 176 -24.58 12.42 -38.09
CA ALA B 176 -24.82 13.85 -38.19
C ALA B 176 -24.09 14.65 -37.12
N THR B 177 -23.86 14.02 -35.96
CA THR B 177 -23.18 14.69 -34.86
C THR B 177 -21.70 14.41 -34.90
N PRO B 184 -14.44 11.94 -30.85
CA PRO B 184 -15.48 12.93 -31.10
C PRO B 184 -15.29 14.33 -30.44
N ILE B 185 -14.42 14.49 -29.43
CA ILE B 185 -14.16 15.84 -28.94
C ILE B 185 -12.96 16.35 -29.75
N ALA B 186 -12.07 15.41 -30.10
CA ALA B 186 -10.87 15.75 -30.87
C ALA B 186 -11.12 15.88 -32.37
N ALA B 187 -12.30 15.45 -32.81
CA ALA B 187 -12.67 15.54 -34.20
C ALA B 187 -13.46 16.85 -34.35
N TRP B 188 -14.19 17.20 -33.31
CA TRP B 188 -14.99 18.41 -33.27
C TRP B 188 -14.11 19.61 -32.99
N GLU B 189 -13.00 19.37 -32.32
CA GLU B 189 -12.08 20.43 -31.98
C GLU B 189 -11.42 20.84 -33.29
N ALA B 190 -11.08 19.85 -34.11
CA ALA B 190 -10.42 20.12 -35.38
C ALA B 190 -11.45 20.34 -36.50
N HIS B 191 -12.71 20.48 -36.13
CA HIS B 191 -13.77 20.72 -37.10
C HIS B 191 -14.16 22.18 -36.97
N ASN B 192 -14.20 22.66 -35.73
CA ASN B 192 -14.55 24.06 -35.50
C ASN B 192 -13.41 24.91 -36.01
N ARG B 193 -12.21 24.33 -36.06
CA ARG B 193 -11.06 25.07 -36.56
C ARG B 193 -11.16 25.04 -38.07
N ALA B 194 -11.43 23.86 -38.60
CA ALA B 194 -11.57 23.69 -40.04
C ALA B 194 -12.65 24.60 -40.60
N LEU B 195 -13.58 25.04 -39.75
CA LEU B 195 -14.66 25.96 -40.16
C LEU B 195 -14.19 27.40 -40.03
N HIS B 196 -13.89 27.82 -38.81
CA HIS B 196 -13.44 29.17 -38.56
C HIS B 196 -12.40 29.56 -39.60
N GLU B 197 -11.79 28.57 -40.25
CA GLU B 197 -10.81 28.87 -41.29
C GLU B 197 -11.53 29.32 -42.54
N LYS B 198 -12.49 28.51 -42.98
CA LYS B 198 -13.23 28.89 -44.17
C LYS B 198 -13.92 30.19 -43.86
N VAL B 199 -14.43 30.33 -42.65
CA VAL B 199 -15.12 31.56 -42.30
C VAL B 199 -14.19 32.75 -42.33
N ALA B 200 -12.91 32.49 -42.16
CA ALA B 200 -11.92 33.56 -42.19
C ALA B 200 -11.65 33.91 -43.63
N TYR B 201 -11.48 32.90 -44.46
CA TYR B 201 -11.24 33.08 -45.88
C TYR B 201 -12.35 33.94 -46.45
N LEU B 202 -13.55 33.38 -46.49
CA LEU B 202 -14.71 34.06 -47.03
C LEU B 202 -14.91 35.50 -46.60
N ASN B 203 -14.43 35.85 -45.42
CA ASN B 203 -14.59 37.22 -44.92
C ASN B 203 -13.53 38.14 -45.45
N ALA B 204 -12.33 37.59 -45.57
CA ALA B 204 -11.19 38.34 -46.05
C ALA B 204 -11.25 38.62 -47.55
N ARG B 205 -11.50 37.59 -48.35
CA ARG B 205 -11.56 37.78 -49.79
C ARG B 205 -12.57 38.87 -50.11
N ARG B 206 -13.52 39.07 -49.21
CA ARG B 206 -14.55 40.09 -49.38
C ARG B 206 -15.14 40.07 -50.80
N PHE B 207 -15.84 38.99 -51.14
CA PHE B 207 -16.43 38.85 -52.45
C PHE B 207 -17.51 39.84 -52.76
N HIS B 208 -17.99 39.84 -54.00
CA HIS B 208 -19.07 40.72 -54.39
C HIS B 208 -20.26 39.86 -54.71
N ALA B 209 -19.99 38.58 -54.95
CA ALA B 209 -21.07 37.66 -55.24
C ALA B 209 -20.53 36.29 -55.53
N LEU B 210 -21.39 35.30 -55.34
CA LEU B 210 -21.03 33.91 -55.59
C LEU B 210 -21.75 33.50 -56.87
N HIS B 211 -21.24 32.46 -57.54
CA HIS B 211 -21.85 32.01 -58.78
C HIS B 211 -22.00 30.50 -58.80
N PHE B 212 -23.22 30.03 -58.57
CA PHE B 212 -23.48 28.61 -58.57
C PHE B 212 -23.73 28.14 -59.98
N LYS B 213 -23.17 27.01 -60.35
CA LYS B 213 -23.41 26.48 -61.67
C LYS B 213 -23.45 24.98 -61.57
N GLY B 214 -24.43 24.38 -62.22
CA GLY B 214 -24.57 22.94 -62.19
C GLY B 214 -25.67 22.48 -63.12
N PRO B 215 -26.16 21.25 -62.96
CA PRO B 215 -27.22 20.77 -63.83
C PRO B 215 -28.51 21.50 -63.55
N GLY B 216 -28.90 22.38 -64.45
CA GLY B 216 -30.14 23.11 -64.26
C GLY B 216 -29.99 24.35 -63.40
N THR B 217 -28.78 24.63 -62.93
CA THR B 217 -28.59 25.81 -62.10
C THR B 217 -27.55 26.78 -62.67
N ASP B 218 -27.86 28.05 -62.52
CA ASP B 218 -27.04 29.16 -62.95
C ASP B 218 -27.46 30.45 -62.29
N LEU B 219 -27.04 30.61 -61.05
CA LEU B 219 -27.42 31.75 -60.23
C LEU B 219 -26.24 32.60 -59.81
N VAL B 220 -26.42 33.90 -59.86
CA VAL B 220 -25.39 34.82 -59.43
C VAL B 220 -25.89 35.49 -58.17
N VAL B 221 -25.62 34.85 -57.03
CA VAL B 221 -26.04 35.36 -55.75
C VAL B 221 -25.11 36.46 -55.35
N GLY B 222 -25.54 37.69 -55.52
CA GLY B 222 -24.69 38.80 -55.14
C GLY B 222 -24.55 38.68 -53.65
N LEU B 223 -23.80 39.58 -53.01
CA LEU B 223 -23.65 39.53 -51.56
C LEU B 223 -23.87 40.91 -50.99
N ALA B 224 -24.40 40.96 -49.77
CA ALA B 224 -24.68 42.21 -49.11
C ALA B 224 -23.42 43.01 -48.91
N GLU B 225 -23.58 44.32 -48.73
CA GLU B 225 -22.45 45.21 -48.52
C GLU B 225 -21.91 45.07 -47.13
N GLY B 226 -20.59 44.96 -47.00
CA GLY B 226 -20.01 44.79 -45.68
C GLY B 226 -20.65 43.58 -45.04
N HIS B 227 -20.92 42.58 -45.87
CA HIS B 227 -21.53 41.34 -45.40
C HIS B 227 -20.54 40.69 -44.44
N LEU B 228 -20.99 39.64 -43.77
CA LEU B 228 -20.13 38.94 -42.83
C LEU B 228 -20.52 37.47 -42.71
N TRP B 229 -19.56 36.60 -43.01
CA TRP B 229 -19.76 35.16 -42.97
C TRP B 229 -19.68 34.57 -41.57
N GLN B 230 -20.68 33.77 -41.24
CA GLN B 230 -20.77 33.10 -39.94
C GLN B 230 -20.59 31.60 -40.13
N GLY B 231 -20.25 30.91 -39.04
CA GLY B 231 -20.08 29.46 -39.13
C GLY B 231 -19.34 28.81 -37.98
N GLY B 232 -19.85 27.66 -37.54
CA GLY B 232 -19.20 26.94 -36.46
C GLY B 232 -19.56 27.36 -35.04
N ALA B 233 -18.52 27.53 -34.21
CA ALA B 233 -18.67 27.94 -32.81
C ALA B 233 -18.91 29.43 -32.64
N THR B 234 -19.85 29.78 -31.76
CA THR B 234 -20.22 31.18 -31.50
C THR B 234 -19.64 31.71 -30.18
N ALA B 235 -19.53 33.04 -30.10
CA ALA B 235 -19.02 33.72 -28.90
C ALA B 235 -20.18 34.10 -27.96
N THR B 236 -20.02 33.71 -26.69
CA THR B 236 -21.02 33.97 -25.66
C THR B 236 -20.56 35.07 -24.68
N LYS B 237 -21.15 36.26 -24.84
CA LYS B 237 -20.87 37.48 -24.04
C LYS B 237 -19.35 37.58 -23.71
N GLY B 238 -18.64 38.27 -24.62
CA GLY B 238 -17.19 38.47 -24.50
C GLY B 238 -16.36 37.41 -25.26
N GLY B 239 -15.95 36.38 -24.52
CA GLY B 239 -15.17 35.28 -25.08
C GLY B 239 -15.63 33.99 -24.42
N ARG B 240 -16.45 33.22 -25.14
CA ARG B 240 -16.98 31.95 -24.64
C ARG B 240 -17.59 31.16 -25.82
N LEU B 241 -17.03 29.99 -26.11
CA LEU B 241 -17.49 29.14 -27.21
C LEU B 241 -18.68 28.25 -26.87
N CYS B 242 -19.37 27.76 -27.90
CA CYS B 242 -20.52 26.89 -27.74
C CYS B 242 -21.15 26.62 -29.11
N ASN B 243 -21.32 25.34 -29.45
CA ASN B 243 -21.95 24.98 -30.73
C ASN B 243 -23.44 24.83 -30.55
N PRO B 244 -24.19 25.84 -31.00
CA PRO B 244 -25.66 25.91 -30.92
C PRO B 244 -26.29 24.69 -31.59
N ASN B 245 -25.89 24.44 -32.82
CA ASN B 245 -26.42 23.30 -33.54
C ASN B 245 -25.38 22.17 -33.44
N LEU B 246 -25.90 20.94 -33.27
CA LEU B 246 -24.96 19.84 -33.11
C LEU B 246 -24.48 19.30 -34.42
N PRO B 247 -25.35 19.11 -35.41
CA PRO B 247 -24.98 18.59 -36.72
C PRO B 247 -24.04 19.56 -37.48
N THR B 248 -24.32 20.87 -37.37
CA THR B 248 -23.60 22.02 -38.00
C THR B 248 -22.47 21.56 -38.92
N GLU B 249 -22.59 21.96 -40.19
CA GLU B 249 -21.61 21.67 -41.23
C GLU B 249 -21.59 22.85 -42.20
N GLU B 250 -22.47 23.83 -41.95
CA GLU B 250 -22.60 25.01 -42.79
C GLU B 250 -21.82 26.25 -42.41
N VAL B 251 -21.76 27.16 -43.37
CA VAL B 251 -21.17 28.49 -43.32
C VAL B 251 -21.97 29.48 -44.09
N PHE B 252 -22.30 30.66 -43.56
CA PHE B 252 -23.20 31.44 -44.39
C PHE B 252 -23.08 32.92 -44.11
N THR B 253 -23.86 33.66 -44.88
CA THR B 253 -23.94 35.10 -44.79
C THR B 253 -25.12 35.54 -45.64
N ALA B 254 -25.52 36.80 -45.44
CA ALA B 254 -26.63 37.35 -46.16
C ALA B 254 -26.33 37.84 -47.56
N PRO B 255 -27.13 37.39 -48.56
CA PRO B 255 -26.91 37.81 -49.93
C PRO B 255 -27.29 39.28 -50.01
N HIS B 256 -27.45 39.81 -51.21
CA HIS B 256 -27.87 41.20 -51.32
C HIS B 256 -29.32 41.28 -51.82
N ARG B 257 -30.12 41.99 -51.04
CA ARG B 257 -31.51 42.19 -51.33
C ARG B 257 -31.89 42.27 -52.81
N GLU B 258 -31.22 43.12 -53.58
CA GLU B 258 -31.60 43.33 -54.98
C GLU B 258 -30.51 42.87 -55.95
N ARG B 259 -29.67 41.88 -55.64
CA ARG B 259 -28.65 41.52 -56.62
C ARG B 259 -28.46 40.05 -56.87
N VAL B 260 -29.52 39.35 -57.24
CA VAL B 260 -29.40 37.93 -57.50
C VAL B 260 -30.07 37.51 -58.81
N GLU B 261 -29.39 37.64 -59.94
CA GLU B 261 -30.01 37.23 -61.20
C GLU B 261 -29.60 35.82 -61.59
N GLY B 262 -30.55 35.07 -62.15
CA GLY B 262 -30.24 33.71 -62.55
C GLY B 262 -31.38 32.73 -62.41
N VAL B 263 -31.11 31.46 -62.71
CA VAL B 263 -32.08 30.39 -62.62
C VAL B 263 -31.49 29.33 -61.74
N VAL B 264 -32.23 28.89 -60.75
CA VAL B 264 -31.69 27.89 -59.86
C VAL B 264 -32.70 26.80 -59.61
N ARG B 265 -32.25 25.55 -59.69
CA ARG B 265 -33.13 24.39 -59.51
C ARG B 265 -32.75 23.51 -58.32
N ALA B 266 -33.79 23.12 -57.58
CA ALA B 266 -33.66 22.31 -56.39
C ALA B 266 -32.88 21.04 -56.59
N SER B 267 -32.32 20.56 -55.49
CA SER B 267 -31.52 19.34 -55.45
C SER B 267 -32.17 18.34 -54.49
N ARG B 268 -32.56 18.83 -53.32
CA ARG B 268 -33.19 18.02 -52.28
C ARG B 268 -34.59 18.55 -51.94
N PRO B 269 -35.50 17.67 -51.52
CA PRO B 269 -36.85 18.08 -51.16
C PRO B 269 -36.85 19.09 -50.01
N LEU B 270 -37.95 19.82 -49.89
CA LEU B 270 -38.13 20.80 -48.85
C LEU B 270 -39.34 20.43 -47.98
N ALA B 271 -39.09 20.05 -46.73
CA ALA B 271 -40.18 19.71 -45.84
C ALA B 271 -40.70 21.00 -45.22
N LEU B 272 -41.78 21.53 -45.79
CA LEU B 272 -42.37 22.77 -45.29
C LEU B 272 -43.52 22.54 -44.31
N GLY B 273 -43.15 22.15 -43.08
CA GLY B 273 -44.12 21.90 -42.04
C GLY B 273 -45.18 20.89 -42.44
N GLY B 274 -44.77 19.64 -42.63
CA GLY B 274 -45.72 18.60 -42.99
C GLY B 274 -45.87 18.27 -44.47
N THR B 275 -46.16 19.28 -45.28
CA THR B 275 -46.33 19.08 -46.72
C THR B 275 -44.93 18.92 -47.37
N LEU B 276 -44.84 18.05 -48.38
CA LEU B 276 -43.56 17.80 -49.04
C LEU B 276 -43.42 18.51 -50.39
N VAL B 277 -42.55 19.51 -50.45
CA VAL B 277 -42.32 20.26 -51.69
C VAL B 277 -41.11 19.65 -52.40
N GLU B 278 -41.31 19.11 -53.61
CA GLU B 278 -40.20 18.50 -54.35
C GLU B 278 -39.84 19.16 -55.68
N GLY B 279 -38.59 18.98 -56.10
CA GLY B 279 -38.13 19.53 -57.36
C GLY B 279 -38.32 21.01 -57.64
N ILE B 280 -38.57 21.76 -56.58
CA ILE B 280 -38.78 23.19 -56.69
C ILE B 280 -37.81 23.84 -57.67
N PHE B 281 -38.25 24.95 -58.26
CA PHE B 281 -37.44 25.69 -59.21
C PHE B 281 -37.81 27.16 -59.15
N ALA B 282 -36.80 28.03 -59.18
CA ALA B 282 -37.07 29.45 -59.10
C ALA B 282 -36.18 30.26 -60.05
N ARG B 283 -36.75 31.34 -60.61
CA ARG B 283 -36.02 32.22 -61.51
C ARG B 283 -35.91 33.62 -60.91
N PHE B 284 -34.70 34.09 -60.72
CA PHE B 284 -34.47 35.39 -60.14
C PHE B 284 -34.09 36.45 -61.13
N GLU B 285 -34.57 37.65 -60.86
CA GLU B 285 -34.31 38.82 -61.65
C GLU B 285 -34.10 40.04 -60.80
N ARG B 286 -32.93 40.66 -60.87
CA ARG B 286 -32.62 41.82 -60.05
C ARG B 286 -33.01 41.51 -58.58
N GLY B 287 -32.65 40.32 -58.13
CA GLY B 287 -32.93 39.90 -56.77
C GLY B 287 -34.31 39.35 -56.45
N PHE B 288 -35.27 39.48 -57.35
CA PHE B 288 -36.61 38.99 -57.12
C PHE B 288 -36.91 37.64 -57.77
N ALA B 289 -37.48 36.74 -57.02
CA ALA B 289 -37.83 35.43 -57.55
C ALA B 289 -39.09 35.65 -58.37
N VAL B 290 -38.92 35.91 -59.66
CA VAL B 290 -40.07 36.17 -60.50
C VAL B 290 -40.88 34.95 -60.90
N GLU B 291 -40.38 33.76 -60.63
CA GLU B 291 -41.12 32.56 -61.01
C GLU B 291 -40.73 31.38 -60.12
N VAL B 292 -41.58 31.03 -59.17
CA VAL B 292 -41.28 29.91 -58.32
C VAL B 292 -42.23 28.82 -58.70
N ARG B 293 -41.73 27.60 -58.81
CA ARG B 293 -42.56 26.46 -59.19
C ARG B 293 -42.08 25.19 -58.53
N ALA B 294 -42.85 24.12 -58.64
CA ALA B 294 -42.47 22.88 -58.03
C ALA B 294 -43.32 21.73 -58.48
N GLU B 295 -42.68 20.57 -58.63
CA GLU B 295 -43.36 19.35 -59.08
C GLU B 295 -44.52 18.96 -58.15
N LYS B 296 -44.36 19.22 -56.86
CA LYS B 296 -45.39 18.86 -55.89
C LYS B 296 -45.50 19.91 -54.80
N GLY B 297 -46.74 20.33 -54.53
CA GLY B 297 -46.97 21.33 -53.50
C GLY B 297 -46.72 22.76 -53.96
N GLU B 298 -46.74 22.97 -55.26
CA GLU B 298 -46.53 24.32 -55.80
C GLU B 298 -47.49 25.26 -55.08
N GLU B 299 -48.76 24.88 -55.01
CA GLU B 299 -49.76 25.69 -54.34
C GLU B 299 -49.27 26.23 -52.99
N VAL B 300 -48.89 25.32 -52.09
CA VAL B 300 -48.41 25.68 -50.75
C VAL B 300 -47.22 26.65 -50.74
N LEU B 301 -46.17 26.29 -51.46
CA LEU B 301 -44.98 27.13 -51.51
C LEU B 301 -45.27 28.54 -51.99
N ARG B 302 -46.04 28.64 -53.07
CA ARG B 302 -46.35 29.96 -53.61
C ARG B 302 -47.02 30.87 -52.59
N ARG B 303 -47.89 30.29 -51.76
CA ARG B 303 -48.59 31.07 -50.73
C ARG B 303 -47.61 31.64 -49.72
N LEU B 304 -46.79 30.76 -49.15
CA LEU B 304 -45.80 31.18 -48.16
C LEU B 304 -44.91 32.28 -48.68
N LEU B 305 -44.57 32.20 -49.97
CA LEU B 305 -43.71 33.19 -50.61
C LEU B 305 -44.46 34.42 -51.12
N ASP B 306 -45.77 34.44 -50.93
CA ASP B 306 -46.58 35.59 -51.34
C ASP B 306 -47.03 36.38 -50.10
N THR B 307 -46.40 36.10 -48.97
CA THR B 307 -46.70 36.78 -47.72
C THR B 307 -46.49 38.28 -47.89
N ASP B 308 -45.28 38.69 -48.24
CA ASP B 308 -44.97 40.10 -48.47
C ASP B 308 -43.98 40.24 -49.62
N GLU B 309 -43.33 41.40 -49.75
CA GLU B 309 -42.36 41.57 -50.81
C GLU B 309 -41.15 40.70 -50.51
N GLY B 310 -40.50 40.96 -49.37
CA GLY B 310 -39.32 40.19 -48.99
C GLY B 310 -39.47 38.69 -49.13
N ALA B 311 -40.70 38.20 -49.07
CA ALA B 311 -40.96 36.77 -49.19
C ALA B 311 -40.21 36.14 -50.36
N ARG B 312 -40.29 36.78 -51.52
CA ARG B 312 -39.64 36.25 -52.72
C ARG B 312 -38.25 36.83 -53.01
N ARG B 313 -37.45 37.04 -51.96
CA ARG B 313 -36.09 37.52 -52.11
C ARG B 313 -35.22 36.66 -51.21
N LEU B 314 -33.91 36.72 -51.38
CA LEU B 314 -33.02 35.90 -50.59
C LEU B 314 -32.46 36.58 -49.36
N GLY B 315 -32.23 35.78 -48.31
CA GLY B 315 -31.68 36.33 -47.09
C GLY B 315 -30.63 35.46 -46.43
N GLU B 316 -30.02 34.55 -47.19
CA GLU B 316 -29.00 33.69 -46.62
C GLU B 316 -28.38 32.82 -47.70
N VAL B 317 -27.06 32.77 -47.74
CA VAL B 317 -26.36 31.95 -48.71
C VAL B 317 -25.50 31.05 -47.88
N ALA B 318 -25.54 29.75 -48.12
CA ALA B 318 -24.74 28.86 -47.31
C ALA B 318 -24.02 27.82 -48.12
N LEU B 319 -22.78 27.54 -47.72
CA LEU B 319 -21.96 26.57 -48.42
C LEU B 319 -21.69 25.32 -47.58
N VAL B 320 -22.16 24.18 -48.08
CA VAL B 320 -21.99 22.92 -47.40
C VAL B 320 -21.39 21.86 -48.30
N PRO B 321 -20.16 21.47 -48.05
CA PRO B 321 -19.52 20.45 -48.88
C PRO B 321 -20.37 19.20 -48.89
N ALA B 322 -20.68 18.68 -50.07
CA ALA B 322 -21.49 17.47 -50.13
C ALA B 322 -20.70 16.20 -49.90
N ASP B 323 -19.57 16.32 -49.21
CA ASP B 323 -18.76 15.14 -48.89
C ASP B 323 -18.81 14.99 -47.38
N ASN B 324 -19.79 15.67 -46.78
CA ASN B 324 -19.99 15.68 -45.32
C ASN B 324 -20.79 14.50 -44.84
N PRO B 325 -20.81 14.27 -43.50
CA PRO B 325 -21.54 13.17 -42.85
C PRO B 325 -23.04 13.11 -43.12
N ILE B 326 -23.77 14.17 -42.81
CA ILE B 326 -25.20 14.16 -43.04
C ILE B 326 -25.49 13.85 -44.49
N ALA B 327 -24.53 14.16 -45.34
CA ALA B 327 -24.66 13.93 -46.78
C ALA B 327 -24.34 12.50 -47.23
N LYS B 328 -23.33 11.88 -46.60
CA LYS B 328 -22.89 10.51 -46.94
C LYS B 328 -24.01 9.49 -46.68
N THR B 329 -24.91 9.80 -45.75
CA THR B 329 -26.03 8.94 -45.43
C THR B 329 -27.03 8.98 -46.58
N GLY B 330 -27.20 10.17 -47.16
CA GLY B 330 -28.09 10.36 -48.29
C GLY B 330 -29.54 10.05 -47.95
N LEU B 331 -30.10 10.83 -47.01
CA LEU B 331 -31.47 10.63 -46.56
C LEU B 331 -32.16 11.96 -46.39
N VAL B 332 -33.48 11.91 -46.21
CA VAL B 332 -34.24 13.12 -46.00
C VAL B 332 -34.70 13.09 -44.57
N PHE B 333 -34.25 14.05 -43.78
CA PHE B 333 -34.60 14.07 -42.36
C PHE B 333 -35.78 14.93 -42.00
N PHE B 334 -36.41 15.49 -43.03
CA PHE B 334 -37.60 16.33 -42.83
C PHE B 334 -37.48 17.20 -41.57
N ASP B 335 -36.26 17.60 -41.26
CA ASP B 335 -35.92 18.46 -40.12
C ASP B 335 -34.95 19.52 -40.61
N THR B 336 -35.20 20.78 -40.25
CA THR B 336 -34.32 21.88 -40.63
C THR B 336 -32.89 21.52 -40.23
N LEU B 337 -32.59 21.69 -38.95
CA LEU B 337 -31.28 21.38 -38.41
C LEU B 337 -30.49 20.32 -39.19
N PHE B 338 -31.11 19.20 -39.50
CA PHE B 338 -30.42 18.14 -40.22
C PHE B 338 -30.25 18.38 -41.69
N ASP B 339 -31.32 18.83 -42.36
CA ASP B 339 -31.27 19.09 -43.79
C ASP B 339 -30.42 20.34 -44.09
N GLU B 340 -30.71 21.44 -43.39
CA GLU B 340 -29.95 22.67 -43.58
C GLU B 340 -28.45 22.44 -43.67
N ASN B 341 -27.93 21.55 -42.84
CA ASN B 341 -26.50 21.27 -42.86
C ASN B 341 -26.16 20.06 -43.72
N ALA B 342 -27.07 19.73 -44.64
CA ALA B 342 -26.88 18.59 -45.52
C ALA B 342 -26.08 19.03 -46.72
N ALA B 343 -26.54 20.08 -47.38
CA ALA B 343 -25.85 20.60 -48.54
C ALA B 343 -26.12 22.08 -48.73
N SER B 344 -25.20 22.76 -49.40
CA SER B 344 -25.28 24.20 -49.67
C SER B 344 -26.72 24.62 -49.89
N HIS B 345 -27.14 25.72 -49.28
CA HIS B 345 -28.51 26.15 -49.47
C HIS B 345 -28.69 27.66 -49.60
N ILE B 346 -29.87 28.05 -50.06
CA ILE B 346 -30.22 29.45 -50.24
C ILE B 346 -31.55 29.62 -49.52
N ALA B 347 -31.85 30.79 -48.99
CA ALA B 347 -33.10 30.95 -48.26
C ALA B 347 -33.86 32.25 -48.49
N PHE B 348 -35.16 32.13 -48.73
CA PHE B 348 -35.99 33.31 -48.96
C PHE B 348 -36.40 33.93 -47.66
N GLY B 349 -36.58 35.25 -47.65
CA GLY B 349 -37.08 35.90 -46.45
C GLY B 349 -35.98 36.65 -45.71
N GLN B 350 -36.33 36.98 -44.46
CA GLN B 350 -35.49 37.73 -43.53
C GLN B 350 -34.07 37.23 -43.40
N ALA B 351 -33.12 38.15 -43.38
CA ALA B 351 -31.72 37.80 -43.26
C ALA B 351 -31.27 38.08 -41.83
N TYR B 352 -30.72 37.05 -41.18
CA TYR B 352 -30.25 37.21 -39.83
C TYR B 352 -29.30 38.42 -39.77
N GLN B 353 -29.62 39.40 -38.92
CA GLN B 353 -28.81 40.62 -38.84
C GLN B 353 -27.40 40.36 -38.34
N GLU B 354 -27.18 39.14 -37.86
CA GLU B 354 -25.88 38.73 -37.35
C GLU B 354 -24.90 38.52 -38.52
N ASN B 355 -25.36 38.79 -39.75
CA ASN B 355 -24.54 38.61 -40.94
C ASN B 355 -24.05 39.90 -41.58
N LEU B 356 -24.55 41.03 -41.09
CA LEU B 356 -24.09 42.31 -41.61
C LEU B 356 -23.09 42.88 -40.63
N GLU B 357 -21.84 42.94 -41.05
CA GLU B 357 -20.78 43.46 -40.21
C GLU B 357 -21.15 44.83 -39.69
N GLY B 358 -21.05 44.98 -38.37
CA GLY B 358 -21.40 46.26 -37.76
C GLY B 358 -22.84 46.21 -37.28
N GLY B 362 -31.85 49.70 -39.17
CA GLY B 362 -33.27 49.69 -39.47
C GLY B 362 -33.50 50.18 -40.89
N GLU B 363 -32.93 51.34 -41.21
CA GLU B 363 -33.06 51.94 -42.54
C GLU B 363 -31.76 51.75 -43.29
N ALA B 364 -30.65 51.80 -42.56
CA ALA B 364 -29.35 51.60 -43.19
C ALA B 364 -29.16 50.12 -43.49
N PHE B 365 -30.14 49.32 -43.07
CA PHE B 365 -30.16 47.87 -43.27
C PHE B 365 -30.61 47.51 -44.68
N ARG B 366 -31.77 48.09 -45.04
CA ARG B 366 -32.41 47.92 -46.35
C ARG B 366 -31.56 48.60 -47.42
N LYS B 367 -30.56 49.36 -46.98
CA LYS B 367 -29.65 50.07 -47.88
C LYS B 367 -28.38 49.25 -48.11
N ARG B 368 -27.87 48.67 -47.04
CA ARG B 368 -26.66 47.87 -47.15
C ARG B 368 -26.99 46.59 -47.91
N GLY B 369 -28.29 46.33 -48.05
CA GLY B 369 -28.72 45.15 -48.78
C GLY B 369 -29.47 44.10 -47.96
N GLY B 370 -29.73 44.42 -46.70
CA GLY B 370 -30.43 43.47 -45.87
C GLY B 370 -31.86 43.27 -46.35
N ASN B 371 -32.35 42.04 -46.29
CA ASN B 371 -33.71 41.74 -46.72
C ASN B 371 -34.59 41.56 -45.48
N GLU B 372 -35.79 42.15 -45.52
CA GLU B 372 -36.72 42.07 -44.41
C GLU B 372 -38.05 41.41 -44.77
N SER B 373 -38.45 40.41 -43.98
CA SER B 373 -39.70 39.71 -44.19
C SER B 373 -40.13 38.86 -43.00
N LEU B 374 -41.31 38.24 -43.13
CA LEU B 374 -41.86 37.40 -42.07
C LEU B 374 -41.37 35.96 -42.12
N VAL B 375 -41.16 35.44 -43.33
CA VAL B 375 -40.73 34.06 -43.52
C VAL B 375 -39.25 33.81 -43.78
N HIS B 376 -38.77 32.65 -43.34
CA HIS B 376 -37.38 32.25 -43.56
C HIS B 376 -37.39 30.79 -43.99
N VAL B 377 -37.48 30.59 -45.30
CA VAL B 377 -37.50 29.27 -45.89
C VAL B 377 -36.15 28.90 -46.47
N ASP B 378 -35.59 27.78 -46.02
CA ASP B 378 -34.30 27.33 -46.52
C ASP B 378 -34.51 26.12 -47.39
N TRP B 379 -34.09 26.17 -48.66
CA TRP B 379 -34.18 25.00 -49.50
C TRP B 379 -32.82 24.79 -50.06
N MET B 380 -32.43 23.52 -50.14
CA MET B 380 -31.11 23.19 -50.59
C MET B 380 -31.01 23.14 -52.08
N ILE B 381 -29.84 23.52 -52.59
CA ILE B 381 -29.59 23.51 -54.02
C ILE B 381 -28.24 22.87 -54.27
N GLY B 382 -27.39 22.87 -53.26
CA GLY B 382 -26.07 22.26 -53.42
C GLY B 382 -26.19 20.78 -53.68
N SER B 383 -25.24 20.21 -54.40
CA SER B 383 -25.28 18.79 -54.70
C SER B 383 -23.89 18.31 -54.99
N GLU B 384 -23.78 17.07 -55.44
CA GLU B 384 -22.49 16.49 -55.74
C GLU B 384 -21.91 17.02 -57.06
N GLU B 385 -22.73 17.74 -57.83
CA GLU B 385 -22.26 18.28 -59.10
C GLU B 385 -22.45 19.78 -59.19
N MET B 386 -22.37 20.44 -58.05
CA MET B 386 -22.53 21.88 -57.96
C MET B 386 -21.19 22.61 -57.91
N ASP B 387 -20.84 23.33 -58.95
CA ASP B 387 -19.56 24.04 -58.94
C ASP B 387 -19.86 25.45 -58.47
N VAL B 388 -18.97 26.01 -57.66
CA VAL B 388 -19.17 27.35 -57.16
C VAL B 388 -17.92 28.19 -57.26
N ASP B 389 -18.05 29.37 -57.86
CA ASP B 389 -16.94 30.30 -58.02
C ASP B 389 -17.31 31.52 -57.20
N GLY B 390 -16.35 32.38 -56.95
CA GLY B 390 -16.63 33.58 -56.18
C GLY B 390 -16.12 34.77 -56.96
N LEU B 391 -16.97 35.75 -57.21
CA LEU B 391 -16.57 36.90 -58.01
C LEU B 391 -16.26 38.15 -57.24
N TYR B 392 -15.32 38.93 -57.76
CA TYR B 392 -14.93 40.21 -57.17
C TYR B 392 -15.73 41.27 -57.90
N GLU B 393 -15.65 42.53 -57.52
CA GLU B 393 -16.47 43.53 -58.20
C GLU B 393 -16.13 43.75 -59.67
N ASP B 394 -14.92 43.35 -60.06
CA ASP B 394 -14.47 43.51 -61.44
C ASP B 394 -14.79 42.31 -62.34
N GLY B 395 -15.10 41.16 -61.74
CA GLY B 395 -15.42 40.00 -62.55
C GLY B 395 -14.46 38.85 -62.35
N THR B 396 -13.26 39.15 -61.85
CA THR B 396 -12.26 38.11 -61.63
C THR B 396 -12.86 37.07 -60.72
N ARG B 397 -12.76 35.81 -61.10
CA ARG B 397 -13.35 34.77 -60.31
C ARG B 397 -12.41 33.72 -59.75
N THR B 398 -12.52 33.51 -58.44
CA THR B 398 -11.71 32.54 -57.71
C THR B 398 -12.55 31.30 -57.44
N PRO B 399 -12.07 30.11 -57.87
CA PRO B 399 -12.86 28.90 -57.63
C PRO B 399 -12.99 28.62 -56.14
N LEU B 400 -14.22 28.33 -55.69
CA LEU B 400 -14.50 28.02 -54.29
C LEU B 400 -14.85 26.57 -54.09
N MET B 401 -15.71 26.04 -54.93
CA MET B 401 -16.11 24.65 -54.80
C MET B 401 -16.22 23.97 -56.15
N ARG B 402 -15.96 22.67 -56.18
CA ARG B 402 -16.05 21.89 -57.39
C ARG B 402 -16.65 20.53 -57.07
N ARG B 403 -17.54 20.07 -57.94
CA ARG B 403 -18.21 18.80 -57.74
C ARG B 403 -18.61 18.66 -56.28
N GLY B 404 -18.96 19.78 -55.68
CA GLY B 404 -19.41 19.78 -54.30
C GLY B 404 -18.35 19.91 -53.24
N ARG B 405 -17.09 19.69 -53.60
CA ARG B 405 -16.03 19.77 -52.61
C ARG B 405 -15.31 21.09 -52.62
N TRP B 406 -14.70 21.41 -51.49
CA TRP B 406 -13.99 22.66 -51.36
C TRP B 406 -12.68 22.57 -52.11
N VAL B 407 -12.27 23.69 -52.68
CA VAL B 407 -10.98 23.76 -53.32
C VAL B 407 -10.07 24.73 -52.61
N VAL B 408 -10.72 25.47 -51.70
CA VAL B 408 -10.12 26.48 -50.84
C VAL B 408 -9.63 27.68 -51.64
N ALA C 3 20.89 -38.83 -29.89
CA ALA C 3 22.10 -39.39 -29.18
C ALA C 3 23.20 -38.33 -28.99
N PHE C 4 23.77 -37.86 -30.10
CA PHE C 4 24.82 -36.84 -30.10
C PHE C 4 24.15 -35.50 -30.37
N LYS C 5 23.00 -35.57 -31.03
CA LYS C 5 22.22 -34.39 -31.36
C LYS C 5 21.76 -33.81 -30.02
N ARG C 6 21.67 -34.67 -29.01
CA ARG C 6 21.26 -34.24 -27.67
C ARG C 6 22.39 -33.46 -27.01
N ASN C 7 23.60 -33.57 -27.54
CA ASN C 7 24.77 -32.86 -27.00
C ASN C 7 24.86 -31.52 -27.74
N LEU C 8 24.98 -31.63 -29.07
CA LEU C 8 25.07 -30.49 -29.95
C LEU C 8 24.11 -29.43 -29.46
N GLU C 9 22.94 -29.88 -29.01
CA GLU C 9 21.91 -28.99 -28.51
C GLU C 9 22.43 -28.28 -27.26
N LYS C 10 22.82 -29.07 -26.27
CA LYS C 10 23.33 -28.52 -25.01
C LYS C 10 24.44 -27.53 -25.29
N LEU C 11 25.40 -27.91 -26.13
CA LEU C 11 26.49 -27.00 -26.48
C LEU C 11 25.85 -25.67 -26.82
N ALA C 12 25.10 -25.67 -27.92
CA ALA C 12 24.42 -24.47 -28.39
C ALA C 12 23.64 -23.80 -27.26
N GLU C 13 22.73 -24.56 -26.66
CA GLU C 13 21.92 -24.07 -25.56
C GLU C 13 22.79 -23.30 -24.58
N LEU C 14 23.93 -23.89 -24.24
CA LEU C 14 24.88 -23.33 -23.31
C LEU C 14 25.53 -22.04 -23.80
N ALA C 15 25.98 -22.06 -25.05
CA ALA C 15 26.62 -20.89 -25.62
C ALA C 15 25.90 -19.62 -25.24
N ILE C 16 24.60 -19.74 -25.02
CA ILE C 16 23.77 -18.59 -24.68
C ILE C 16 23.50 -18.35 -23.19
N ARG C 17 22.94 -19.34 -22.48
CA ARG C 17 22.62 -19.21 -21.05
C ARG C 17 23.85 -19.02 -20.16
N VAL C 18 25.03 -19.28 -20.72
CA VAL C 18 26.29 -19.16 -19.96
C VAL C 18 27.35 -18.35 -20.66
N GLY C 19 27.57 -18.64 -21.94
CA GLY C 19 28.56 -17.90 -22.68
C GLY C 19 28.22 -16.43 -22.72
N LEU C 20 27.01 -16.09 -23.18
CA LEU C 20 26.57 -14.71 -23.27
C LEU C 20 25.78 -14.23 -22.05
N ASN C 21 25.02 -15.16 -21.46
CA ASN C 21 24.15 -14.86 -20.32
C ASN C 21 23.17 -13.83 -20.86
N LEU C 22 22.80 -14.02 -22.13
CA LEU C 22 21.90 -13.16 -22.89
C LEU C 22 20.68 -12.70 -22.12
N GLU C 23 20.52 -11.38 -22.01
CA GLU C 23 19.37 -10.82 -21.32
C GLU C 23 18.25 -10.57 -22.35
N LYS C 24 17.01 -10.85 -21.94
CA LYS C 24 15.84 -10.71 -22.79
C LYS C 24 15.78 -9.37 -23.52
N GLY C 25 15.44 -9.43 -24.80
CA GLY C 25 15.34 -8.24 -25.63
C GLY C 25 16.67 -7.64 -26.04
N GLN C 26 17.69 -8.49 -26.06
CA GLN C 26 19.03 -8.06 -26.44
C GLN C 26 19.32 -8.62 -27.83
N GLU C 27 19.81 -7.77 -28.75
CA GLU C 27 20.11 -8.22 -30.10
C GLU C 27 21.34 -9.10 -30.01
N VAL C 28 21.58 -9.92 -31.03
CA VAL C 28 22.75 -10.78 -31.01
C VAL C 28 23.46 -10.82 -32.34
N ILE C 29 24.50 -10.03 -32.51
CA ILE C 29 25.25 -10.06 -33.75
C ILE C 29 26.16 -11.26 -33.61
N ALA C 30 26.39 -11.99 -34.68
CA ALA C 30 27.26 -13.15 -34.59
C ALA C 30 28.13 -13.30 -35.81
N THR C 31 29.39 -13.64 -35.57
CA THR C 31 30.34 -13.84 -36.65
C THR C 31 30.44 -15.35 -36.78
N ALA C 32 30.51 -15.86 -38.00
CA ALA C 32 30.62 -17.30 -38.17
C ALA C 32 31.02 -17.66 -39.58
N PRO C 33 31.50 -18.90 -39.77
CA PRO C 33 31.94 -19.41 -41.07
C PRO C 33 30.81 -20.00 -41.90
N ILE C 34 30.69 -19.46 -43.11
CA ILE C 34 29.67 -19.84 -44.07
C ILE C 34 29.47 -21.35 -44.20
N GLU C 35 30.38 -22.13 -43.63
CA GLU C 35 30.29 -23.57 -43.73
C GLU C 35 29.66 -24.22 -42.52
N ALA C 36 29.15 -23.43 -41.58
CA ALA C 36 28.54 -24.02 -40.39
C ALA C 36 27.17 -23.43 -40.10
N VAL C 37 26.48 -23.08 -41.18
CA VAL C 37 25.15 -22.51 -41.08
C VAL C 37 24.29 -23.29 -40.12
N ASP C 38 24.13 -24.57 -40.41
CA ASP C 38 23.31 -25.46 -39.59
C ASP C 38 23.46 -25.20 -38.10
N PHE C 39 24.68 -24.84 -37.71
CA PHE C 39 24.96 -24.56 -36.31
C PHE C 39 24.34 -23.21 -35.96
N VAL C 40 24.70 -22.19 -36.73
CA VAL C 40 24.19 -20.85 -36.49
C VAL C 40 22.73 -20.94 -36.11
N ARG C 41 21.95 -21.56 -36.98
CA ARG C 41 20.53 -21.72 -36.75
C ARG C 41 20.28 -22.33 -35.39
N LEU C 42 20.90 -23.46 -35.14
CA LEU C 42 20.75 -24.16 -33.86
C LEU C 42 20.88 -23.15 -32.74
N LEU C 43 21.92 -22.32 -32.84
CA LEU C 43 22.17 -21.30 -31.84
C LEU C 43 20.99 -20.32 -31.85
N ALA C 44 20.81 -19.62 -32.96
CA ALA C 44 19.73 -18.67 -33.11
C ALA C 44 18.50 -19.16 -32.36
N GLU C 45 17.98 -20.30 -32.77
CA GLU C 45 16.81 -20.87 -32.12
C GLU C 45 16.91 -20.68 -30.61
N LYS C 46 17.99 -21.19 -30.04
CA LYS C 46 18.21 -21.09 -28.60
C LYS C 46 18.41 -19.65 -28.17
N ALA C 47 18.96 -18.84 -29.06
CA ALA C 47 19.17 -17.44 -28.76
C ALA C 47 17.81 -16.83 -28.51
N TYR C 48 16.90 -17.04 -29.46
CA TYR C 48 15.55 -16.50 -29.36
C TYR C 48 14.76 -17.16 -28.24
N ARG C 49 14.91 -18.47 -28.07
CA ARG C 49 14.19 -19.15 -27.01
C ARG C 49 14.53 -18.57 -25.64
N GLU C 50 15.59 -17.79 -25.60
CA GLU C 50 16.05 -17.16 -24.36
C GLU C 50 15.71 -15.68 -24.19
N GLY C 51 15.15 -15.08 -25.23
CA GLY C 51 14.79 -13.67 -25.17
C GLY C 51 15.30 -12.88 -26.35
N ALA C 52 16.35 -13.39 -26.99
CA ALA C 52 16.93 -12.71 -28.13
C ALA C 52 15.84 -12.06 -28.98
N SER C 53 16.02 -10.78 -29.27
CA SER C 53 15.06 -10.03 -30.07
C SER C 53 15.48 -9.93 -31.54
N LEU C 54 16.68 -10.43 -31.86
CA LEU C 54 17.17 -10.40 -33.24
C LEU C 54 18.54 -11.03 -33.44
N PHE C 55 18.58 -12.11 -34.19
CA PHE C 55 19.82 -12.84 -34.47
C PHE C 55 20.33 -12.50 -35.86
N THR C 56 21.34 -11.65 -35.94
CA THR C 56 21.90 -11.25 -37.24
C THR C 56 23.27 -11.88 -37.42
N VAL C 57 23.47 -12.69 -38.45
CA VAL C 57 24.78 -13.29 -38.62
C VAL C 57 25.47 -12.87 -39.88
N ILE C 58 26.76 -12.67 -39.77
CA ILE C 58 27.55 -12.27 -40.91
C ILE C 58 28.50 -13.40 -41.19
N TYR C 59 28.26 -14.12 -42.29
CA TYR C 59 29.11 -15.24 -42.63
C TYR C 59 30.40 -14.85 -43.33
N GLY C 60 31.47 -15.53 -42.96
CA GLY C 60 32.76 -15.28 -43.54
C GLY C 60 33.25 -16.52 -44.26
N ASP C 61 33.25 -16.43 -45.59
CA ASP C 61 33.70 -17.54 -46.44
C ASP C 61 35.16 -17.31 -46.80
N GLN C 62 35.95 -18.37 -46.66
CA GLN C 62 37.36 -18.27 -46.97
C GLN C 62 37.58 -18.41 -48.47
N GLU C 63 36.77 -19.25 -49.10
CA GLU C 63 36.88 -19.45 -50.53
C GLU C 63 36.69 -18.09 -51.18
N LEU C 64 35.89 -17.24 -50.55
CA LEU C 64 35.63 -15.91 -51.08
C LEU C 64 36.91 -15.10 -51.08
N ALA C 65 37.62 -15.10 -49.95
CA ALA C 65 38.87 -14.37 -49.88
C ALA C 65 39.89 -15.09 -50.73
N ARG C 66 39.80 -16.41 -50.76
CA ARG C 66 40.74 -17.22 -51.54
C ARG C 66 40.70 -16.77 -53.00
N LYS C 67 39.50 -16.55 -53.53
CA LYS C 67 39.37 -16.11 -54.91
C LYS C 67 39.74 -14.66 -55.05
N ARG C 68 39.72 -13.92 -53.94
CA ARG C 68 40.09 -12.50 -53.98
C ARG C 68 41.57 -12.35 -54.27
N LEU C 69 42.38 -12.81 -53.33
CA LEU C 69 43.83 -12.75 -53.44
C LEU C 69 44.36 -13.22 -54.78
N ALA C 70 43.78 -14.30 -55.29
CA ALA C 70 44.22 -14.87 -56.56
C ALA C 70 43.76 -14.15 -57.82
N LEU C 71 42.70 -13.34 -57.72
CA LEU C 71 42.16 -12.66 -58.91
C LEU C 71 42.07 -11.14 -58.82
N ALA C 72 41.94 -10.64 -57.60
CA ALA C 72 41.84 -9.20 -57.36
C ALA C 72 43.10 -8.49 -57.81
N PRO C 73 42.97 -7.22 -58.21
CA PRO C 73 44.16 -6.47 -58.64
C PRO C 73 45.00 -5.99 -57.42
N GLU C 74 46.33 -6.04 -57.58
CA GLU C 74 47.25 -5.60 -56.51
C GLU C 74 47.00 -4.10 -56.27
N GLU C 75 47.54 -3.57 -55.17
CA GLU C 75 47.38 -2.15 -54.84
C GLU C 75 45.87 -1.85 -54.79
N GLY C 76 45.08 -2.93 -54.67
CA GLY C 76 43.64 -2.82 -54.61
C GLY C 76 43.13 -3.60 -53.41
N LEU C 77 43.95 -4.51 -52.91
CA LEU C 77 43.55 -5.31 -51.76
C LEU C 77 43.41 -4.44 -50.50
N ASP C 78 44.09 -3.29 -50.50
CA ASP C 78 44.09 -2.39 -49.36
C ASP C 78 42.70 -1.94 -48.92
N LYS C 79 41.66 -2.58 -49.48
CA LYS C 79 40.26 -2.27 -49.14
C LYS C 79 39.74 -3.08 -47.97
N ALA C 80 38.93 -2.41 -47.14
CA ALA C 80 38.37 -3.05 -45.97
C ALA C 80 36.88 -2.75 -45.78
N PRO C 81 36.16 -3.68 -45.14
CA PRO C 81 34.73 -3.56 -44.86
C PRO C 81 34.57 -2.59 -43.69
N ALA C 82 35.09 -1.39 -43.87
CA ALA C 82 35.05 -0.35 -42.85
C ALA C 82 33.63 -0.16 -42.35
N TRP C 83 32.75 0.22 -43.26
CA TRP C 83 31.36 0.45 -42.93
C TRP C 83 30.77 -0.64 -42.07
N LEU C 84 30.95 -1.90 -42.47
CA LEU C 84 30.42 -3.03 -41.72
C LEU C 84 30.92 -3.04 -40.28
N TYR C 85 32.24 -3.11 -40.15
CA TYR C 85 32.87 -3.14 -38.84
C TYR C 85 32.50 -1.93 -37.99
N GLU C 86 32.73 -0.73 -38.51
CA GLU C 86 32.40 0.48 -37.79
C GLU C 86 30.95 0.45 -37.33
N GLY C 87 30.11 -0.28 -38.07
CA GLY C 87 28.71 -0.39 -37.73
C GLY C 87 28.54 -1.36 -36.57
N MET C 88 29.25 -2.48 -36.66
CA MET C 88 29.17 -3.49 -35.61
C MET C 88 29.57 -2.87 -34.29
N ALA C 89 30.47 -1.91 -34.36
CA ALA C 89 30.91 -1.22 -33.17
C ALA C 89 29.70 -0.56 -32.54
N ARG C 90 29.15 0.43 -33.26
CA ARG C 90 27.97 1.17 -32.79
C ARG C 90 27.02 0.20 -32.10
N ALA C 91 26.65 -0.84 -32.84
CA ALA C 91 25.74 -1.86 -32.34
C ALA C 91 26.15 -2.34 -30.95
N PHE C 92 27.43 -2.63 -30.82
CA PHE C 92 27.97 -3.10 -29.55
C PHE C 92 27.79 -2.07 -28.46
N ARG C 93 28.29 -0.86 -28.71
CA ARG C 93 28.18 0.21 -27.72
C ARG C 93 26.72 0.48 -27.29
N GLU C 94 25.79 0.30 -28.23
CA GLU C 94 24.37 0.52 -27.97
C GLU C 94 23.69 -0.62 -27.18
N GLY C 95 24.46 -1.67 -26.85
CA GLY C 95 23.90 -2.77 -26.08
C GLY C 95 23.80 -4.16 -26.74
N ALA C 96 24.09 -4.24 -28.04
CA ALA C 96 24.00 -5.51 -28.77
C ALA C 96 25.07 -6.54 -28.40
N ALA C 97 24.62 -7.72 -27.95
CA ALA C 97 25.52 -8.80 -27.57
C ALA C 97 26.31 -9.21 -28.78
N ARG C 98 27.37 -10.01 -28.57
CA ARG C 98 28.20 -10.46 -29.70
C ARG C 98 28.71 -11.88 -29.60
N LEU C 99 27.98 -12.79 -30.24
CA LEU C 99 28.36 -14.19 -30.29
C LEU C 99 29.33 -14.28 -31.44
N ALA C 100 30.09 -15.36 -31.49
CA ALA C 100 31.05 -15.53 -32.57
C ALA C 100 31.47 -16.98 -32.62
N VAL C 101 31.16 -17.63 -33.73
CA VAL C 101 31.51 -19.02 -33.90
C VAL C 101 32.90 -19.10 -34.48
N SER C 102 33.76 -19.91 -33.86
CA SER C 102 35.13 -20.06 -34.35
C SER C 102 35.44 -21.50 -34.71
N GLY C 103 36.44 -21.64 -35.58
CA GLY C 103 36.83 -22.96 -36.06
C GLY C 103 37.20 -22.75 -37.51
N SER C 104 38.44 -22.35 -37.74
CA SER C 104 38.91 -22.12 -39.09
C SER C 104 39.95 -23.15 -39.53
N ASP C 105 40.12 -23.25 -40.84
CA ASP C 105 41.07 -24.17 -41.47
C ASP C 105 42.36 -23.40 -41.71
N PRO C 106 43.41 -23.72 -40.92
CA PRO C 106 44.71 -23.05 -41.05
C PRO C 106 45.24 -23.07 -42.48
N LYS C 107 45.09 -24.21 -43.15
CA LYS C 107 45.58 -24.40 -44.50
C LYS C 107 44.64 -23.96 -45.63
N ALA C 108 43.94 -22.84 -45.44
CA ALA C 108 43.02 -22.33 -46.46
C ALA C 108 43.77 -21.34 -47.35
N LEU C 109 44.68 -20.61 -46.74
CA LEU C 109 45.47 -19.64 -47.47
C LEU C 109 46.79 -20.25 -47.93
N GLU C 110 46.86 -21.57 -47.90
CA GLU C 110 48.06 -22.27 -48.32
C GLU C 110 48.18 -22.23 -49.84
N GLY C 111 49.41 -22.04 -50.31
CA GLY C 111 49.67 -21.99 -51.75
C GLY C 111 49.47 -20.60 -52.35
N LEU C 112 49.36 -19.61 -51.48
CA LEU C 112 49.15 -18.23 -51.90
C LEU C 112 50.24 -17.29 -51.37
N PRO C 113 50.76 -16.39 -52.23
CA PRO C 113 51.81 -15.42 -51.88
C PRO C 113 51.53 -14.63 -50.57
N PRO C 114 52.21 -15.01 -49.47
CA PRO C 114 52.14 -14.44 -48.12
C PRO C 114 52.34 -12.93 -48.08
N GLU C 115 52.96 -12.41 -49.13
CA GLU C 115 53.23 -10.99 -49.23
C GLU C 115 51.90 -10.25 -49.30
N LYS C 116 51.00 -10.78 -50.12
CA LYS C 116 49.67 -10.20 -50.31
C LYS C 116 48.76 -10.43 -49.09
N VAL C 117 48.59 -11.70 -48.72
CA VAL C 117 47.75 -12.07 -47.58
C VAL C 117 47.92 -11.12 -46.43
N GLY C 118 49.16 -10.70 -46.21
CA GLY C 118 49.45 -9.77 -45.15
C GLY C 118 48.84 -8.44 -45.54
N ARG C 119 49.21 -7.95 -46.72
CA ARG C 119 48.73 -6.68 -47.26
C ARG C 119 47.21 -6.53 -47.14
N ALA C 120 46.51 -7.66 -47.10
CA ALA C 120 45.04 -7.68 -46.99
C ALA C 120 44.54 -7.69 -45.56
N GLN C 121 45.18 -8.49 -44.71
CA GLN C 121 44.79 -8.60 -43.31
C GLN C 121 45.24 -7.36 -42.52
N LYS C 122 46.38 -6.80 -42.93
CA LYS C 122 46.90 -5.61 -42.27
C LYS C 122 45.94 -4.45 -42.47
N ALA C 123 45.13 -4.53 -43.53
CA ALA C 123 44.15 -3.50 -43.83
C ALA C 123 42.83 -3.82 -43.15
N ASN C 124 42.54 -5.11 -43.04
CA ASN C 124 41.32 -5.55 -42.40
C ASN C 124 41.36 -5.11 -40.95
N ALA C 125 42.38 -5.55 -40.23
CA ALA C 125 42.52 -5.20 -38.82
C ALA C 125 42.46 -3.67 -38.62
N ARG C 126 42.84 -2.93 -39.66
CA ARG C 126 42.84 -1.46 -39.61
C ARG C 126 41.44 -0.86 -39.51
N ALA C 127 40.48 -1.51 -40.15
CA ALA C 127 39.12 -1.03 -40.10
C ALA C 127 38.36 -1.66 -38.94
N TYR C 128 38.68 -2.91 -38.64
CA TYR C 128 38.01 -3.64 -37.57
C TYR C 128 38.31 -3.09 -36.19
N LYS C 129 39.48 -2.48 -36.05
CA LYS C 129 39.92 -1.94 -34.79
C LYS C 129 38.83 -1.39 -33.84
N PRO C 130 38.06 -0.37 -34.26
CA PRO C 130 37.02 0.17 -33.37
C PRO C 130 36.08 -0.87 -32.82
N ALA C 131 35.92 -1.97 -33.55
CA ALA C 131 35.03 -3.04 -33.12
C ALA C 131 35.76 -3.76 -32.01
N LEU C 132 36.93 -4.29 -32.36
CA LEU C 132 37.78 -5.01 -31.41
C LEU C 132 37.74 -4.28 -30.07
N GLU C 133 38.09 -3.00 -30.09
CA GLU C 133 38.11 -2.18 -28.89
C GLU C 133 36.83 -2.36 -28.08
N ALA C 134 35.70 -2.34 -28.78
CA ALA C 134 34.40 -2.48 -28.15
C ALA C 134 34.28 -3.81 -27.43
N ILE C 135 34.95 -4.83 -27.95
CA ILE C 135 34.93 -6.19 -27.38
C ILE C 135 36.05 -6.39 -26.34
N THR C 136 37.28 -5.95 -26.69
CA THR C 136 38.45 -6.08 -25.81
C THR C 136 38.05 -5.46 -24.47
N GLU C 137 37.53 -4.24 -24.58
CA GLU C 137 37.05 -3.48 -23.46
C GLU C 137 35.58 -3.88 -23.31
N PHE C 138 35.34 -4.91 -22.48
CA PHE C 138 34.01 -5.43 -22.24
C PHE C 138 32.92 -4.38 -22.07
N VAL C 139 32.17 -4.12 -23.15
CA VAL C 139 31.07 -3.15 -23.13
C VAL C 139 29.77 -3.95 -23.20
N THR C 140 29.76 -4.96 -24.06
CA THR C 140 28.58 -5.84 -24.19
C THR C 140 29.02 -7.24 -23.81
N ASN C 141 28.06 -8.12 -23.58
CA ASN C 141 28.38 -9.49 -23.23
C ASN C 141 28.63 -10.29 -24.50
N TRP C 142 29.87 -10.74 -24.69
CA TRP C 142 30.23 -11.51 -25.88
C TRP C 142 30.81 -12.86 -25.51
N THR C 143 30.87 -13.75 -26.49
CA THR C 143 31.36 -15.09 -26.28
C THR C 143 31.98 -15.62 -27.56
N ILE C 144 32.48 -16.85 -27.50
CA ILE C 144 33.06 -17.50 -28.65
C ILE C 144 32.85 -19.01 -28.57
N VAL C 145 31.91 -19.51 -29.34
CA VAL C 145 31.69 -20.94 -29.34
C VAL C 145 32.33 -21.42 -30.61
N PRO C 146 32.79 -22.67 -30.61
CA PRO C 146 33.44 -23.27 -31.76
C PRO C 146 32.92 -24.63 -32.18
N PHE C 147 32.74 -24.87 -33.48
CA PHE C 147 32.38 -26.22 -33.93
C PHE C 147 33.11 -26.59 -35.20
N ALA C 148 33.24 -27.89 -35.38
CA ALA C 148 33.91 -28.53 -36.50
C ALA C 148 34.07 -27.70 -37.76
N HIS C 149 34.82 -28.27 -38.68
CA HIS C 149 35.09 -27.59 -39.90
C HIS C 149 36.06 -28.51 -40.60
N PRO C 150 35.76 -28.88 -41.85
CA PRO C 150 36.61 -29.75 -42.66
C PRO C 150 38.02 -29.19 -42.89
N GLY C 151 38.36 -28.19 -42.09
CA GLY C 151 39.67 -27.57 -42.17
C GLY C 151 40.29 -27.72 -40.80
N TRP C 152 39.55 -28.42 -39.96
CA TRP C 152 39.96 -28.71 -38.60
C TRP C 152 40.01 -30.19 -38.36
N ALA C 153 38.86 -30.83 -38.53
CA ALA C 153 38.80 -32.26 -38.39
C ALA C 153 39.79 -32.81 -39.42
N ARG C 154 40.08 -31.99 -40.44
CA ARG C 154 41.02 -32.41 -41.49
C ARG C 154 42.45 -32.08 -41.10
N ALA C 155 42.62 -31.30 -40.03
CA ALA C 155 43.98 -30.97 -39.60
C ALA C 155 44.31 -31.58 -38.25
N VAL C 156 43.32 -31.62 -37.36
CA VAL C 156 43.51 -32.20 -36.02
C VAL C 156 43.81 -33.68 -36.17
N PHE C 157 42.93 -34.37 -36.89
CA PHE C 157 43.09 -35.79 -37.16
C PHE C 157 43.40 -35.95 -38.64
N PRO C 158 44.53 -36.57 -39.00
CA PRO C 158 44.73 -36.71 -40.45
C PRO C 158 44.08 -38.04 -40.89
N GLY C 159 43.05 -38.45 -40.10
CA GLY C 159 42.28 -39.68 -40.32
C GLY C 159 41.30 -39.64 -41.48
N LEU C 160 41.89 -39.87 -42.66
CA LEU C 160 41.12 -39.89 -43.95
C LEU C 160 39.63 -39.44 -43.76
N PRO C 161 38.72 -40.36 -43.31
CA PRO C 161 37.28 -40.02 -43.13
C PRO C 161 37.08 -38.53 -42.73
N GLU C 162 36.68 -37.68 -43.68
CA GLU C 162 36.39 -36.28 -43.37
C GLU C 162 35.03 -36.32 -42.64
N GLU C 163 34.10 -37.13 -43.14
CA GLU C 163 32.79 -37.30 -42.51
C GLU C 163 33.01 -37.71 -41.07
N GLU C 164 34.06 -38.52 -40.85
CA GLU C 164 34.38 -39.03 -39.52
C GLU C 164 35.40 -38.20 -38.73
N ALA C 165 36.14 -37.33 -39.40
CA ALA C 165 37.11 -36.51 -38.69
C ALA C 165 36.24 -35.62 -37.81
N VAL C 166 35.26 -34.98 -38.43
CA VAL C 166 34.34 -34.14 -37.71
C VAL C 166 33.73 -35.00 -36.63
N ARG C 167 33.29 -36.18 -37.05
CA ARG C 167 32.69 -37.16 -36.14
C ARG C 167 33.48 -37.32 -34.84
N ARG C 168 34.78 -37.07 -34.91
CA ARG C 168 35.65 -37.19 -33.74
C ARG C 168 35.74 -35.82 -33.09
N LEU C 169 36.27 -34.88 -33.85
CA LEU C 169 36.42 -33.51 -33.41
C LEU C 169 35.15 -32.96 -32.78
N TRP C 170 34.03 -33.15 -33.45
CA TRP C 170 32.78 -32.65 -32.91
C TRP C 170 32.63 -33.17 -31.49
N GLU C 171 33.14 -34.36 -31.25
CA GLU C 171 33.01 -35.00 -29.96
C GLU C 171 34.02 -34.50 -28.94
N ALA C 172 35.16 -34.04 -29.44
CA ALA C 172 36.20 -33.52 -28.56
C ALA C 172 35.67 -32.26 -27.88
N ILE C 173 34.95 -31.46 -28.66
CA ILE C 173 34.37 -30.24 -28.20
C ILE C 173 33.29 -30.45 -27.17
N PHE C 174 32.58 -31.56 -27.27
CA PHE C 174 31.52 -31.85 -26.30
C PHE C 174 32.08 -32.15 -24.91
N GLN C 175 33.40 -32.33 -24.85
CA GLN C 175 34.09 -32.58 -23.59
C GLN C 175 34.75 -31.27 -23.15
N ALA C 176 35.50 -30.66 -24.06
CA ALA C 176 36.21 -29.41 -23.77
C ALA C 176 35.27 -28.28 -23.34
N THR C 177 34.05 -28.30 -23.85
CA THR C 177 33.06 -27.26 -23.53
C THR C 177 32.24 -27.65 -22.34
N PRO C 184 25.30 -29.40 -18.27
CA PRO C 184 26.56 -28.65 -18.33
C PRO C 184 26.45 -27.31 -17.64
N ILE C 185 25.26 -26.95 -17.21
CA ILE C 185 25.15 -25.65 -16.59
C ILE C 185 25.60 -25.77 -15.15
N ALA C 186 25.32 -26.93 -14.56
CA ALA C 186 25.65 -27.18 -13.15
C ALA C 186 27.11 -27.58 -12.95
N ALA C 187 27.78 -27.88 -14.06
CA ALA C 187 29.20 -28.24 -14.02
C ALA C 187 29.98 -26.96 -14.27
N TRP C 188 29.40 -26.07 -15.07
CA TRP C 188 29.99 -24.78 -15.41
C TRP C 188 29.78 -23.80 -14.29
N GLU C 189 28.70 -24.01 -13.54
CA GLU C 189 28.41 -23.12 -12.43
C GLU C 189 29.45 -23.38 -11.36
N ALA C 190 29.78 -24.66 -11.15
CA ALA C 190 30.75 -25.07 -10.15
C ALA C 190 32.17 -25.06 -10.72
N HIS C 191 32.32 -24.51 -11.92
CA HIS C 191 33.63 -24.43 -12.54
C HIS C 191 34.07 -22.98 -12.45
N ASN C 192 33.12 -22.07 -12.63
CA ASN C 192 33.46 -20.67 -12.55
C ASN C 192 33.74 -20.34 -11.09
N ARG C 193 33.18 -21.13 -10.19
CA ARG C 193 33.42 -20.92 -8.76
C ARG C 193 34.80 -21.48 -8.47
N ALA C 194 35.05 -22.68 -8.95
CA ALA C 194 36.33 -23.35 -8.76
C ALA C 194 37.48 -22.51 -9.32
N LEU C 195 37.16 -21.57 -10.22
CA LEU C 195 38.16 -20.69 -10.80
C LEU C 195 38.30 -19.43 -9.95
N HIS C 196 37.22 -18.67 -9.85
CA HIS C 196 37.23 -17.45 -9.06
C HIS C 196 37.90 -17.72 -7.71
N GLU C 197 37.97 -18.99 -7.30
CA GLU C 197 38.62 -19.32 -6.05
C GLU C 197 40.12 -19.24 -6.24
N LYS C 198 40.64 -19.92 -7.25
CA LYS C 198 42.07 -19.86 -7.51
C LYS C 198 42.42 -18.41 -7.79
N VAL C 199 41.56 -17.72 -8.53
CA VAL C 199 41.85 -16.34 -8.84
C VAL C 199 41.88 -15.49 -7.59
N ALA C 200 41.18 -15.95 -6.55
CA ALA C 200 41.16 -15.21 -5.30
C ALA C 200 42.46 -15.49 -4.55
N TYR C 201 42.84 -16.76 -4.51
CA TYR C 201 44.05 -17.17 -3.86
C TYR C 201 45.21 -16.36 -4.44
N LEU C 202 45.52 -16.63 -5.69
CA LEU C 202 46.61 -15.96 -6.38
C LEU C 202 46.71 -14.46 -6.21
N ASN C 203 45.59 -13.80 -5.97
CA ASN C 203 45.59 -12.35 -5.81
C ASN C 203 45.95 -11.96 -4.39
N ALA C 204 45.47 -12.76 -3.45
CA ALA C 204 45.70 -12.52 -2.05
C ALA C 204 47.13 -12.82 -1.61
N ARG C 205 47.64 -13.99 -1.97
CA ARG C 205 48.99 -14.33 -1.59
C ARG C 205 49.94 -13.25 -2.07
N ARG C 206 49.54 -12.53 -3.10
CA ARG C 206 50.37 -11.46 -3.65
C ARG C 206 51.83 -11.87 -3.83
N PHE C 207 52.07 -12.83 -4.71
CA PHE C 207 53.42 -13.32 -4.96
C PHE C 207 54.36 -12.30 -5.54
N HIS C 208 55.63 -12.68 -5.65
CA HIS C 208 56.61 -11.79 -6.23
C HIS C 208 57.08 -12.42 -7.51
N ALA C 209 56.84 -13.71 -7.63
CA ALA C 209 57.23 -14.43 -8.82
C ALA C 209 56.90 -15.90 -8.74
N LEU C 210 56.75 -16.54 -9.89
CA LEU C 210 56.45 -17.95 -9.95
C LEU C 210 57.72 -18.64 -10.38
N HIS C 211 57.83 -19.92 -10.11
CA HIS C 211 59.01 -20.67 -10.48
C HIS C 211 58.66 -22.02 -11.10
N PHE C 212 58.77 -22.08 -12.42
CA PHE C 212 58.47 -23.31 -13.13
C PHE C 212 59.69 -24.19 -13.16
N LYS C 213 59.49 -25.48 -12.90
CA LYS C 213 60.61 -26.40 -12.95
C LYS C 213 60.09 -27.70 -13.51
N GLY C 214 60.86 -28.28 -14.43
CA GLY C 214 60.47 -29.53 -15.05
C GLY C 214 61.55 -30.06 -15.96
N PRO C 215 61.25 -31.02 -16.83
CA PRO C 215 62.26 -31.54 -17.73
C PRO C 215 62.67 -30.49 -18.74
N GLY C 216 63.87 -29.94 -18.55
CA GLY C 216 64.35 -28.94 -19.47
C GLY C 216 63.89 -27.54 -19.16
N THR C 217 63.10 -27.37 -18.11
CA THR C 217 62.62 -26.05 -17.76
C THR C 217 63.04 -25.62 -16.37
N ASP C 218 63.38 -24.34 -16.25
CA ASP C 218 63.78 -23.68 -15.02
C ASP C 218 63.71 -22.18 -15.15
N LEU C 219 62.49 -21.66 -15.03
CA LEU C 219 62.25 -20.25 -15.23
C LEU C 219 61.71 -19.56 -13.99
N VAL C 220 62.20 -18.37 -13.74
CA VAL C 220 61.70 -17.62 -12.62
C VAL C 220 60.96 -16.44 -13.20
N VAL C 221 59.68 -16.64 -13.45
CA VAL C 221 58.82 -15.60 -13.98
C VAL C 221 58.42 -14.66 -12.87
N GLY C 222 59.09 -13.52 -12.79
CA GLY C 222 58.75 -12.57 -11.77
C GLY C 222 57.33 -12.15 -12.08
N LEU C 223 56.77 -11.26 -11.28
CA LEU C 223 55.41 -10.79 -11.54
C LEU C 223 55.39 -9.28 -11.43
N ALA C 224 54.51 -8.67 -12.22
CA ALA C 224 54.39 -7.24 -12.21
C ALA C 224 53.97 -6.70 -10.85
N GLU C 225 54.24 -5.42 -10.62
CA GLU C 225 53.89 -4.77 -9.37
C GLU C 225 52.41 -4.50 -9.28
N GLY C 226 51.80 -4.86 -8.16
CA GLY C 226 50.38 -4.64 -8.04
C GLY C 226 49.68 -5.36 -9.18
N HIS C 227 50.24 -6.51 -9.54
CA HIS C 227 49.69 -7.30 -10.61
C HIS C 227 48.31 -7.74 -10.19
N LEU C 228 47.56 -8.34 -11.10
CA LEU C 228 46.21 -8.81 -10.80
C LEU C 228 45.82 -10.00 -11.66
N TRP C 229 45.50 -11.11 -11.00
CA TRP C 229 45.12 -12.34 -11.66
C TRP C 229 43.68 -12.36 -12.16
N GLN C 230 43.52 -12.74 -13.42
CA GLN C 230 42.21 -12.82 -14.06
C GLN C 230 41.89 -14.28 -14.35
N GLY C 231 40.60 -14.58 -14.54
CA GLY C 231 40.20 -15.96 -14.84
C GLY C 231 38.73 -16.28 -14.69
N GLY C 232 38.20 -17.02 -15.65
CA GLY C 232 36.80 -17.42 -15.59
C GLY C 232 35.80 -16.42 -16.13
N ALA C 233 34.74 -16.17 -15.35
CA ALA C 233 33.66 -15.26 -15.71
C ALA C 233 34.03 -13.79 -15.49
N THR C 234 33.68 -12.94 -16.46
CA THR C 234 33.97 -11.51 -16.39
C THR C 234 32.74 -10.66 -16.04
N ALA C 235 33.00 -9.44 -15.53
CA ALA C 235 31.95 -8.50 -15.15
C ALA C 235 31.62 -7.56 -16.33
N THR C 236 30.34 -7.45 -16.65
CA THR C 236 29.88 -6.61 -17.74
C THR C 236 29.15 -5.35 -17.22
N LYS C 237 29.84 -4.20 -17.33
CA LYS C 237 29.36 -2.90 -16.88
C LYS C 237 28.55 -3.00 -15.55
N GLY C 238 29.30 -2.87 -14.44
CA GLY C 238 28.74 -2.98 -13.09
C GLY C 238 28.82 -4.38 -12.47
N GLY C 239 27.72 -5.14 -12.63
CA GLY C 239 27.62 -6.51 -12.14
C GLY C 239 26.84 -7.32 -13.16
N ARG C 240 27.54 -8.10 -13.98
CA ARG C 240 26.91 -8.94 -15.02
C ARG C 240 27.95 -9.95 -15.53
N LEU C 241 27.69 -11.23 -15.31
CA LEU C 241 28.61 -12.32 -15.71
C LEU C 241 28.47 -12.73 -17.19
N CYS C 242 29.49 -13.39 -17.69
CA CYS C 242 29.52 -13.87 -19.07
C CYS C 242 30.89 -14.49 -19.39
N ASN C 243 30.91 -15.74 -19.85
CA ASN C 243 32.15 -16.40 -20.19
C ASN C 243 32.48 -16.14 -21.65
N PRO C 244 33.45 -15.26 -21.89
CA PRO C 244 33.93 -14.85 -23.22
C PRO C 244 34.40 -16.04 -24.02
N ASN C 245 35.27 -16.84 -23.43
CA ASN C 245 35.78 -18.02 -24.10
C ASN C 245 35.00 -19.21 -23.56
N LEU C 246 34.66 -20.13 -24.45
CA LEU C 246 33.88 -21.25 -24.02
C LEU C 246 34.71 -22.38 -23.42
N PRO C 247 35.87 -22.71 -24.01
CA PRO C 247 36.76 -23.76 -23.51
C PRO C 247 37.37 -23.40 -22.13
N THR C 248 37.77 -22.13 -22.00
CA THR C 248 38.39 -21.48 -20.81
C THR C 248 38.66 -22.48 -19.67
N GLU C 249 39.95 -22.58 -19.32
CA GLU C 249 40.43 -23.45 -18.26
C GLU C 249 41.61 -22.74 -17.58
N GLU C 250 41.98 -21.59 -18.13
CA GLU C 250 43.11 -20.82 -17.64
C GLU C 250 42.84 -19.74 -16.61
N VAL C 251 43.94 -19.31 -15.99
CA VAL C 251 44.09 -18.21 -15.02
C VAL C 251 45.37 -17.44 -15.25
N PHE C 252 45.36 -16.12 -15.29
CA PHE C 252 46.62 -15.49 -15.65
C PHE C 252 46.74 -14.08 -15.12
N THR C 253 47.90 -13.53 -15.39
CA THR C 253 48.25 -12.18 -15.02
C THR C 253 49.55 -11.83 -15.71
N ALA C 254 49.89 -10.55 -15.71
CA ALA C 254 51.08 -10.07 -16.37
C ALA C 254 52.35 -10.23 -15.56
N PRO C 255 53.36 -10.84 -16.15
CA PRO C 255 54.63 -11.04 -15.44
C PRO C 255 55.26 -9.66 -15.32
N HIS C 256 56.54 -9.59 -14.97
CA HIS C 256 57.18 -8.29 -14.87
C HIS C 256 58.16 -8.08 -16.02
N ARG C 257 57.96 -6.99 -16.73
CA ARG C 257 58.79 -6.61 -17.85
C ARG C 257 60.27 -7.01 -17.78
N GLU C 258 60.95 -6.67 -16.69
CA GLU C 258 62.39 -6.91 -16.58
C GLU C 258 62.73 -7.94 -15.51
N ARG C 259 61.86 -8.86 -15.14
CA ARG C 259 62.26 -9.80 -14.08
C ARG C 259 62.01 -11.29 -14.33
N VAL C 260 62.54 -11.82 -15.41
CA VAL C 260 62.32 -13.24 -15.71
C VAL C 260 63.57 -13.94 -16.12
N GLU C 261 64.37 -14.40 -15.16
CA GLU C 261 65.60 -15.11 -15.53
C GLU C 261 65.39 -16.62 -15.52
N GLY C 262 66.00 -17.30 -16.48
CA GLY C 262 65.86 -18.75 -16.53
C GLY C 262 65.87 -19.32 -17.94
N VAL C 263 65.69 -20.64 -18.03
CA VAL C 263 65.67 -21.34 -19.30
C VAL C 263 64.36 -22.09 -19.33
N VAL C 264 63.60 -21.96 -20.41
CA VAL C 264 62.34 -22.64 -20.50
C VAL C 264 62.15 -23.31 -21.83
N ARG C 265 61.72 -24.57 -21.82
CA ARG C 265 61.55 -25.33 -23.04
C ARG C 265 60.12 -25.76 -23.30
N ALA C 266 59.71 -25.59 -24.56
CA ALA C 266 58.36 -25.91 -25.01
C ALA C 266 57.90 -27.27 -24.65
N SER C 267 56.58 -27.41 -24.59
CA SER C 267 55.92 -28.67 -24.28
C SER C 267 55.02 -29.10 -25.46
N ARG C 268 54.23 -28.15 -25.96
CA ARG C 268 53.32 -28.35 -27.08
C ARG C 268 53.67 -27.43 -28.26
N PRO C 269 53.36 -27.88 -29.48
CA PRO C 269 53.66 -27.07 -30.66
C PRO C 269 52.93 -25.73 -30.64
N LEU C 270 53.43 -24.80 -31.43
CA LEU C 270 52.86 -23.47 -31.54
C LEU C 270 52.43 -23.21 -32.97
N ALA C 271 51.12 -23.14 -33.19
CA ALA C 271 50.60 -22.88 -34.54
C ALA C 271 50.60 -21.36 -34.75
N LEU C 272 51.65 -20.86 -35.41
CA LEU C 272 51.77 -19.43 -35.65
C LEU C 272 51.23 -19.02 -37.03
N GLY C 273 49.90 -19.01 -37.14
CA GLY C 273 49.25 -18.62 -38.39
C GLY C 273 49.71 -19.43 -39.59
N GLY C 274 49.38 -20.73 -39.57
CA GLY C 274 49.75 -21.60 -40.68
C GLY C 274 51.03 -22.42 -40.55
N THR C 275 52.15 -21.75 -40.25
CA THR C 275 53.43 -22.44 -40.10
C THR C 275 53.46 -23.12 -38.72
N LEU C 276 54.07 -24.30 -38.66
CA LEU C 276 54.12 -25.05 -37.41
C LEU C 276 55.47 -24.95 -36.71
N VAL C 277 55.49 -24.27 -35.56
CA VAL C 277 56.72 -24.12 -34.77
C VAL C 277 56.74 -25.19 -33.68
N GLU C 278 57.74 -26.09 -33.71
CA GLU C 278 57.82 -27.16 -32.72
C GLU C 278 59.08 -27.14 -31.85
N GLY C 279 58.95 -27.73 -30.67
CA GLY C 279 60.07 -27.83 -29.74
C GLY C 279 60.79 -26.56 -29.34
N ILE C 280 60.16 -25.42 -29.61
CA ILE C 280 60.73 -24.13 -29.30
C ILE C 280 61.44 -24.11 -27.95
N PHE C 281 62.43 -23.23 -27.82
CA PHE C 281 63.19 -23.11 -26.60
C PHE C 281 63.68 -21.69 -26.47
N ALA C 282 63.60 -21.13 -25.26
CA ALA C 282 64.05 -19.76 -25.06
C ALA C 282 64.81 -19.58 -23.76
N ARG C 283 65.79 -18.69 -23.77
CA ARG C 283 66.59 -18.41 -22.58
C ARG C 283 66.40 -16.95 -22.18
N PHE C 284 65.95 -16.73 -20.95
CA PHE C 284 65.73 -15.39 -20.44
C PHE C 284 66.79 -14.89 -19.49
N GLU C 285 67.07 -13.61 -19.63
CA GLU C 285 68.03 -12.89 -18.81
C GLU C 285 67.53 -11.51 -18.44
N ARG C 286 67.34 -11.26 -17.15
CA ARG C 286 66.82 -9.97 -16.68
C ARG C 286 65.56 -9.62 -17.51
N GLY C 287 64.69 -10.61 -17.69
CA GLY C 287 63.46 -10.40 -18.44
C GLY C 287 63.50 -10.50 -19.96
N PHE C 288 64.69 -10.50 -20.57
CA PHE C 288 64.83 -10.55 -22.02
C PHE C 288 65.14 -11.94 -22.54
N ALA C 289 64.42 -12.35 -23.58
CA ALA C 289 64.67 -13.65 -24.18
C ALA C 289 65.90 -13.47 -25.04
N VAL C 290 67.06 -13.76 -24.47
CA VAL C 290 68.29 -13.59 -25.20
C VAL C 290 68.57 -14.66 -26.24
N GLU C 291 67.82 -15.75 -26.24
CA GLU C 291 68.07 -16.80 -27.21
C GLU C 291 66.83 -17.61 -27.47
N VAL C 292 66.18 -17.38 -28.60
CA VAL C 292 65.00 -18.13 -28.94
C VAL C 292 65.35 -19.06 -30.07
N ARG C 293 64.92 -20.31 -29.98
CA ARG C 293 65.25 -21.28 -31.01
C ARG C 293 64.10 -22.27 -31.17
N ALA C 294 64.17 -23.11 -32.21
CA ALA C 294 63.12 -24.09 -32.42
C ALA C 294 63.51 -25.13 -33.44
N GLU C 295 63.08 -26.37 -33.21
CA GLU C 295 63.39 -27.48 -34.10
C GLU C 295 62.88 -27.24 -35.49
N LYS C 296 61.75 -26.55 -35.61
CA LYS C 296 61.17 -26.29 -36.91
C LYS C 296 60.55 -24.90 -36.95
N GLY C 297 60.85 -24.16 -38.01
CA GLY C 297 60.30 -22.82 -38.15
C GLY C 297 61.01 -21.75 -37.33
N GLU C 298 62.25 -22.05 -36.93
CA GLU C 298 63.04 -21.09 -36.17
C GLU C 298 63.02 -19.76 -36.93
N GLU C 299 63.31 -19.79 -38.23
CA GLU C 299 63.30 -18.58 -39.05
C GLU C 299 62.08 -17.70 -38.78
N VAL C 300 60.88 -18.28 -38.97
CA VAL C 300 59.63 -17.56 -38.77
C VAL C 300 59.46 -16.94 -37.38
N LEU C 301 59.62 -17.76 -36.34
CA LEU C 301 59.45 -17.27 -34.98
C LEU C 301 60.41 -16.14 -34.65
N ARG C 302 61.68 -16.27 -35.03
CA ARG C 302 62.66 -15.22 -34.73
C ARG C 302 62.25 -13.87 -35.32
N ARG C 303 61.67 -13.89 -36.51
CA ARG C 303 61.22 -12.65 -37.15
C ARG C 303 60.13 -11.97 -36.33
N LEU C 304 59.08 -12.72 -36.04
CA LEU C 304 57.95 -12.19 -35.27
C LEU C 304 58.42 -11.59 -33.96
N LEU C 305 59.42 -12.23 -33.34
CA LEU C 305 59.96 -11.76 -32.06
C LEU C 305 61.02 -10.69 -32.21
N ASP C 306 61.32 -10.31 -33.44
CA ASP C 306 62.30 -9.26 -33.70
C ASP C 306 61.61 -7.98 -34.16
N THR C 307 60.28 -7.95 -33.99
CA THR C 307 59.48 -6.78 -34.35
C THR C 307 60.00 -5.53 -33.62
N ASP C 308 59.99 -5.56 -32.29
CA ASP C 308 60.47 -4.45 -31.50
C ASP C 308 61.17 -4.98 -30.25
N GLU C 309 61.38 -4.13 -29.25
CA GLU C 309 62.02 -4.59 -28.02
C GLU C 309 61.07 -5.51 -27.28
N GLY C 310 59.90 -4.99 -26.91
CA GLY C 310 58.93 -5.80 -26.21
C GLY C 310 58.67 -7.18 -26.80
N ALA C 311 58.93 -7.33 -28.09
CA ALA C 311 58.71 -8.61 -28.75
C ALA C 311 59.30 -9.79 -27.98
N ARG C 312 60.54 -9.63 -27.53
CA ARG C 312 61.23 -10.69 -26.81
C ARG C 312 61.15 -10.59 -25.28
N ARG C 313 59.99 -10.18 -24.77
CA ARG C 313 59.79 -10.09 -23.32
C ARG C 313 58.44 -10.72 -23.05
N LEU C 314 58.13 -11.03 -21.81
CA LEU C 314 56.86 -11.67 -21.47
C LEU C 314 55.75 -10.72 -21.07
N GLY C 315 54.52 -11.09 -21.39
CA GLY C 315 53.41 -10.24 -21.04
C GLY C 315 52.20 -11.01 -20.55
N GLU C 316 52.39 -12.25 -20.10
CA GLU C 316 51.26 -13.03 -19.60
C GLU C 316 51.74 -14.35 -19.04
N VAL C 317 51.29 -14.68 -17.83
CA VAL C 317 51.67 -15.95 -17.22
C VAL C 317 50.36 -16.64 -16.96
N ALA C 318 50.24 -17.89 -17.34
CA ALA C 318 48.97 -18.56 -17.11
C ALA C 318 49.13 -19.95 -16.59
N LEU C 319 48.26 -20.32 -15.67
CA LEU C 319 48.31 -21.63 -15.07
C LEU C 319 47.12 -22.52 -15.47
N VAL C 320 47.42 -23.62 -16.13
CA VAL C 320 46.38 -24.54 -16.57
C VAL C 320 46.67 -25.96 -16.13
N PRO C 321 45.88 -26.50 -15.21
CA PRO C 321 46.11 -27.87 -14.74
C PRO C 321 46.06 -28.82 -15.91
N ALA C 322 47.07 -29.66 -16.06
CA ALA C 322 47.08 -30.59 -17.18
C ALA C 322 46.23 -31.82 -16.94
N ASP C 323 45.24 -31.70 -16.05
CA ASP C 323 44.33 -32.80 -15.78
C ASP C 323 42.95 -32.35 -16.27
N ASN C 324 42.96 -31.31 -17.11
CA ASN C 324 41.75 -30.72 -17.67
C ASN C 324 41.26 -31.43 -18.93
N PRO C 325 40.02 -31.14 -19.35
CA PRO C 325 39.40 -31.72 -20.53
C PRO C 325 40.16 -31.57 -21.85
N ILE C 326 40.44 -30.33 -22.25
CA ILE C 326 41.18 -30.11 -23.50
C ILE C 326 42.48 -30.88 -23.48
N ALA C 327 42.97 -31.13 -22.27
CA ALA C 327 44.23 -31.84 -22.08
C ALA C 327 44.11 -33.35 -22.15
N LYS C 328 43.03 -33.89 -21.59
CA LYS C 328 42.77 -35.35 -21.58
C LYS C 328 42.65 -35.93 -22.99
N THR C 329 42.24 -35.10 -23.95
CA THR C 329 42.11 -35.54 -25.34
C THR C 329 43.50 -35.70 -25.94
N GLY C 330 44.42 -34.81 -25.55
CA GLY C 330 45.80 -34.85 -26.01
C GLY C 330 45.92 -34.71 -27.51
N LEU C 331 45.52 -33.53 -28.00
CA LEU C 331 45.57 -33.25 -29.43
C LEU C 331 46.05 -31.84 -29.68
N VAL C 332 46.34 -31.53 -30.94
CA VAL C 332 46.76 -30.19 -31.27
C VAL C 332 45.64 -29.56 -32.07
N PHE C 333 45.04 -28.50 -31.55
CA PHE C 333 43.91 -27.87 -32.24
C PHE C 333 44.30 -26.71 -33.11
N PHE C 334 45.59 -26.44 -33.22
CA PHE C 334 46.08 -25.34 -34.06
C PHE C 334 45.18 -24.11 -34.00
N ASP C 335 44.56 -23.90 -32.84
CA ASP C 335 43.67 -22.78 -32.56
C ASP C 335 44.01 -22.22 -31.21
N THR C 336 44.18 -20.90 -31.13
CA THR C 336 44.49 -20.25 -29.87
C THR C 336 43.51 -20.73 -28.82
N LEU C 337 42.32 -20.16 -28.82
CA LEU C 337 41.30 -20.53 -27.86
C LEU C 337 41.40 -21.93 -27.30
N PHE C 338 41.59 -22.94 -28.16
CA PHE C 338 41.66 -24.31 -27.68
C PHE C 338 42.98 -24.71 -27.05
N ASP C 339 44.10 -24.35 -27.68
CA ASP C 339 45.44 -24.66 -27.16
C ASP C 339 45.76 -23.82 -25.90
N GLU C 340 45.57 -22.50 -25.99
CA GLU C 340 45.82 -21.61 -24.86
C GLU C 340 45.28 -22.17 -23.55
N ASN C 341 44.10 -22.78 -23.58
CA ASN C 341 43.51 -23.34 -22.38
C ASN C 341 43.79 -24.83 -22.25
N ALA C 342 44.82 -25.27 -22.97
CA ALA C 342 45.22 -26.66 -22.93
C ALA C 342 46.14 -26.90 -21.74
N ALA C 343 47.20 -26.09 -21.64
CA ALA C 343 48.14 -26.24 -20.54
C ALA C 343 48.82 -24.92 -20.24
N SER C 344 49.26 -24.75 -19.00
CA SER C 344 49.95 -23.55 -18.55
C SER C 344 50.79 -22.92 -19.66
N HIS C 345 50.71 -21.61 -19.84
CA HIS C 345 51.49 -20.98 -20.89
C HIS C 345 52.09 -19.64 -20.52
N ILE C 346 53.04 -19.22 -21.34
CA ILE C 346 53.71 -17.95 -21.14
C ILE C 346 53.60 -17.24 -22.48
N ALA C 347 53.58 -15.90 -22.49
CA ALA C 347 53.43 -15.20 -23.77
C ALA C 347 54.28 -13.97 -23.95
N PHE C 348 54.93 -13.87 -25.11
CA PHE C 348 55.76 -12.72 -25.44
C PHE C 348 54.93 -11.56 -25.95
N GLY C 349 55.37 -10.33 -25.68
CA GLY C 349 54.67 -9.18 -26.22
C GLY C 349 53.83 -8.47 -25.17
N GLN C 350 52.93 -7.65 -25.71
CA GLN C 350 52.01 -6.80 -24.95
C GLN C 350 51.23 -7.53 -23.86
N ALA C 351 51.12 -6.89 -22.71
CA ALA C 351 50.41 -7.46 -21.58
C ALA C 351 49.06 -6.80 -21.46
N TYR C 352 48.01 -7.59 -21.46
CA TYR C 352 46.68 -7.02 -21.33
C TYR C 352 46.64 -6.12 -20.10
N GLN C 353 46.29 -4.84 -20.28
CA GLN C 353 46.27 -3.89 -19.16
C GLN C 353 45.22 -4.24 -18.11
N GLU C 354 44.38 -5.21 -18.43
CA GLU C 354 43.33 -5.68 -17.53
C GLU C 354 43.97 -6.52 -16.40
N ASN C 355 45.29 -6.64 -16.40
CA ASN C 355 46.02 -7.43 -15.40
C ASN C 355 46.79 -6.62 -14.38
N LEU C 356 46.86 -5.31 -14.57
CA LEU C 356 47.53 -4.45 -13.61
C LEU C 356 46.46 -3.77 -12.78
N GLU C 357 46.40 -4.16 -11.50
CA GLU C 357 45.41 -3.62 -10.57
C GLU C 357 45.46 -2.09 -10.60
N GLY C 358 44.30 -1.48 -10.81
CA GLY C 358 44.23 -0.03 -10.88
C GLY C 358 44.31 0.42 -12.33
N GLY C 362 50.24 4.81 -18.84
CA GLY C 362 51.00 5.00 -20.06
C GLY C 362 52.48 4.96 -19.73
N GLU C 363 52.90 5.78 -18.78
CA GLU C 363 54.31 5.84 -18.34
C GLU C 363 54.48 5.09 -17.01
N ALA C 364 53.47 5.17 -16.14
CA ALA C 364 53.51 4.47 -14.85
C ALA C 364 53.24 2.97 -15.11
N PHE C 365 53.01 2.63 -16.38
CA PHE C 365 52.77 1.26 -16.83
C PHE C 365 54.07 0.51 -17.04
N ARG C 366 54.97 1.17 -17.78
CA ARG C 366 56.30 0.66 -18.09
C ARG C 366 57.15 0.68 -16.80
N LYS C 367 56.62 1.30 -15.74
CA LYS C 367 57.30 1.39 -14.46
C LYS C 367 56.82 0.29 -13.51
N ARG C 368 55.51 0.05 -13.52
CA ARG C 368 54.93 -0.98 -12.67
C ARG C 368 55.37 -2.34 -13.19
N GLY C 369 55.89 -2.36 -14.40
CA GLY C 369 56.34 -3.60 -14.99
C GLY C 369 55.58 -4.06 -16.22
N GLY C 370 54.65 -3.26 -16.68
CA GLY C 370 53.90 -3.65 -17.87
C GLY C 370 54.79 -3.69 -19.10
N ASN C 371 54.55 -4.67 -19.96
CA ASN C 371 55.34 -4.79 -21.18
C ASN C 371 54.50 -4.29 -22.37
N GLU C 372 55.13 -3.51 -23.25
CA GLU C 372 54.45 -2.96 -24.41
C GLU C 372 55.07 -3.40 -25.74
N SER C 373 54.22 -3.91 -26.64
CA SER C 373 54.65 -4.36 -27.95
C SER C 373 53.49 -4.58 -28.93
N LEU C 374 53.84 -4.92 -30.16
CA LEU C 374 52.87 -5.15 -31.21
C LEU C 374 52.33 -6.58 -31.23
N VAL C 375 53.19 -7.54 -30.89
CA VAL C 375 52.83 -8.96 -30.91
C VAL C 375 52.47 -9.62 -29.57
N HIS C 376 51.56 -10.59 -29.63
CA HIS C 376 51.14 -11.34 -28.45
C HIS C 376 51.10 -12.81 -28.82
N VAL C 377 52.24 -13.47 -28.63
CA VAL C 377 52.39 -14.88 -28.94
C VAL C 377 52.32 -15.73 -27.69
N ASP C 378 51.41 -16.68 -27.66
CA ASP C 378 51.27 -17.55 -26.51
C ASP C 378 51.77 -18.93 -26.87
N TRP C 379 52.76 -19.45 -26.14
CA TRP C 379 53.21 -20.80 -26.40
C TRP C 379 53.15 -21.51 -25.07
N MET C 380 52.71 -22.74 -25.13
CA MET C 380 52.56 -23.52 -23.92
C MET C 380 53.84 -24.15 -23.45
N ILE C 381 53.97 -24.25 -22.14
CA ILE C 381 55.14 -24.85 -21.53
C ILE C 381 54.70 -25.81 -20.47
N GLY C 382 53.51 -25.62 -19.94
CA GLY C 382 53.02 -26.50 -18.91
C GLY C 382 52.87 -27.91 -19.45
N SER C 383 53.02 -28.90 -18.58
CA SER C 383 52.88 -30.29 -19.00
C SER C 383 52.51 -31.14 -17.80
N GLU C 384 52.51 -32.45 -18.00
CA GLU C 384 52.14 -33.37 -16.94
C GLU C 384 53.26 -33.51 -15.91
N GLU C 385 54.43 -32.97 -16.20
CA GLU C 385 55.55 -33.08 -15.28
C GLU C 385 56.12 -31.72 -14.92
N MET C 386 55.27 -30.70 -14.94
CA MET C 386 55.66 -29.34 -14.64
C MET C 386 55.34 -28.96 -13.20
N ASP C 387 56.36 -28.78 -12.36
CA ASP C 387 56.09 -28.41 -10.99
C ASP C 387 56.19 -26.91 -10.90
N VAL C 388 55.30 -26.29 -10.13
CA VAL C 388 55.31 -24.84 -10.01
C VAL C 388 55.20 -24.39 -8.56
N ASP C 389 56.12 -23.53 -8.15
CA ASP C 389 56.12 -23.00 -6.80
C ASP C 389 55.87 -21.51 -6.94
N GLY C 390 55.54 -20.84 -5.85
CA GLY C 390 55.31 -19.41 -5.91
C GLY C 390 56.14 -18.74 -4.84
N LEU C 391 56.96 -17.77 -5.23
CA LEU C 391 57.84 -17.14 -4.28
C LEU C 391 57.40 -15.78 -3.79
N TYR C 392 57.74 -15.47 -2.54
CA TYR C 392 57.43 -14.19 -1.92
C TYR C 392 58.69 -13.33 -2.11
N GLU C 393 58.68 -12.07 -1.71
CA GLU C 393 59.87 -11.25 -1.94
C GLU C 393 61.12 -11.69 -1.18
N ASP C 394 60.92 -12.46 -0.12
CA ASP C 394 62.03 -12.93 0.70
C ASP C 394 62.60 -14.28 0.26
N GLY C 395 61.85 -15.01 -0.57
CA GLY C 395 62.33 -16.29 -1.03
C GLY C 395 61.48 -17.46 -0.59
N THR C 396 60.71 -17.28 0.47
CA THR C 396 59.87 -18.34 0.97
C THR C 396 58.99 -18.82 -0.16
N ARG C 397 58.93 -20.12 -0.36
CA ARG C 397 58.14 -20.64 -1.45
C ARG C 397 57.00 -21.56 -1.08
N THR C 398 55.81 -21.23 -1.60
CA THR C 398 54.58 -22.01 -1.39
C THR C 398 54.28 -22.84 -2.62
N PRO C 399 54.17 -24.16 -2.47
CA PRO C 399 53.90 -24.98 -3.65
C PRO C 399 52.55 -24.65 -4.24
N LEU C 400 52.50 -24.49 -5.57
CA LEU C 400 51.28 -24.18 -6.28
C LEU C 400 50.80 -25.34 -7.14
N MET C 401 51.71 -25.95 -7.88
CA MET C 401 51.34 -27.07 -8.72
C MET C 401 52.39 -28.16 -8.70
N ARG C 402 51.93 -29.40 -8.87
CA ARG C 402 52.82 -30.54 -8.90
C ARG C 402 52.37 -31.50 -9.97
N ARG C 403 53.33 -32.04 -10.71
CA ARG C 403 53.04 -32.96 -11.80
C ARG C 403 51.85 -32.47 -12.59
N GLY C 404 51.75 -31.14 -12.69
CA GLY C 404 50.70 -30.52 -13.45
C GLY C 404 49.40 -30.26 -12.72
N ARG C 405 49.23 -30.84 -11.55
CA ARG C 405 48.00 -30.63 -10.82
C ARG C 405 48.13 -29.59 -9.74
N TRP C 406 47.00 -29.00 -9.38
CA TRP C 406 46.97 -28.00 -8.34
C TRP C 406 47.12 -28.65 -7.00
N VAL C 407 47.80 -27.95 -6.11
CA VAL C 407 47.94 -28.40 -4.75
C VAL C 407 47.24 -27.46 -3.78
N VAL C 408 46.88 -26.33 -4.38
CA VAL C 408 46.19 -25.22 -3.72
C VAL C 408 47.07 -24.54 -2.69
N ALA D 3 32.73 -36.46 36.84
CA ALA D 3 34.02 -36.60 36.12
C ALA D 3 34.45 -35.31 35.41
N PHE D 4 33.67 -34.91 34.40
CA PHE D 4 33.91 -33.69 33.62
C PHE D 4 33.02 -32.61 34.20
N LYS D 5 31.93 -33.05 34.82
CA LYS D 5 30.97 -32.14 35.45
C LYS D 5 31.74 -31.47 36.60
N ARG D 6 32.77 -32.14 37.11
CA ARG D 6 33.57 -31.61 38.20
C ARG D 6 34.47 -30.49 37.68
N ASN D 7 34.64 -30.42 36.36
CA ASN D 7 35.46 -29.37 35.74
C ASN D 7 34.53 -28.19 35.42
N LEU D 8 33.51 -28.48 34.62
CA LEU D 8 32.51 -27.51 34.22
C LEU D 8 32.20 -26.64 35.41
N GLU D 9 32.11 -27.27 36.57
CA GLU D 9 31.82 -26.56 37.80
C GLU D 9 32.94 -25.56 38.08
N LYS D 10 34.16 -26.07 38.17
CA LYS D 10 35.32 -25.22 38.44
C LYS D 10 35.35 -24.05 37.48
N LEU D 11 35.21 -24.34 36.20
CA LEU D 11 35.21 -23.28 35.20
C LEU D 11 34.26 -22.21 35.70
N ALA D 12 32.99 -22.56 35.79
CA ALA D 12 31.96 -21.64 36.26
C ALA D 12 32.36 -20.98 37.58
N GLU D 13 32.64 -21.82 38.57
CA GLU D 13 33.04 -21.37 39.89
C GLU D 13 34.08 -20.28 39.76
N LEU D 14 35.06 -20.53 38.90
CA LEU D 14 36.15 -19.61 38.62
C LEU D 14 35.72 -18.29 37.96
N ALA D 15 34.90 -18.40 36.93
CA ALA D 15 34.42 -17.24 36.22
C ALA D 15 34.07 -16.14 37.19
N ILE D 16 33.65 -16.50 38.39
CA ILE D 16 33.24 -15.54 39.41
C ILE D 16 34.30 -15.11 40.43
N ARG D 17 34.87 -16.06 41.15
CA ARG D 17 35.88 -15.79 42.18
C ARG D 17 37.18 -15.18 41.62
N VAL D 18 37.35 -15.25 40.31
CA VAL D 18 38.55 -14.72 39.65
C VAL D 18 38.27 -13.79 38.48
N GLY D 19 37.38 -14.24 37.59
CA GLY D 19 37.04 -13.44 36.44
C GLY D 19 36.47 -12.10 36.89
N LEU D 20 35.43 -12.14 37.70
CA LEU D 20 34.79 -10.92 38.19
C LEU D 20 35.31 -10.47 39.55
N ASN D 21 35.66 -11.44 40.39
CA ASN D 21 36.11 -11.15 41.75
C ASN D 21 34.93 -10.45 42.42
N LEU D 22 33.75 -10.94 42.05
CA LEU D 22 32.46 -10.43 42.52
C LEU D 22 32.40 -10.14 44.00
N GLU D 23 32.05 -8.91 44.34
CA GLU D 23 31.93 -8.52 45.73
C GLU D 23 30.46 -8.70 46.17
N LYS D 24 30.30 -9.20 47.40
CA LYS D 24 28.99 -9.46 47.97
C LYS D 24 28.01 -8.31 47.78
N GLY D 25 26.79 -8.67 47.39
CA GLY D 25 25.74 -7.69 47.21
C GLY D 25 25.89 -6.88 45.94
N GLN D 26 26.57 -7.46 44.97
CA GLN D 26 26.78 -6.80 43.69
C GLN D 26 25.88 -7.48 42.67
N GLU D 27 25.15 -6.71 41.86
CA GLU D 27 24.27 -7.29 40.84
C GLU D 27 25.15 -7.84 39.74
N VAL D 28 24.62 -8.74 38.93
CA VAL D 28 25.44 -9.31 37.86
C VAL D 28 24.66 -9.41 36.56
N ILE D 29 24.83 -8.44 35.67
CA ILE D 29 24.15 -8.49 34.39
C ILE D 29 25.01 -9.40 33.55
N ALA D 30 24.40 -10.25 32.73
CA ALA D 30 25.20 -11.14 31.90
C ALA D 30 24.64 -11.27 30.51
N THR D 31 25.53 -11.28 29.52
CA THR D 31 25.13 -11.42 28.14
C THR D 31 25.44 -12.87 27.82
N ALA D 32 24.60 -13.55 27.06
CA ALA D 32 24.88 -14.93 26.74
C ALA D 32 24.00 -15.41 25.62
N PRO D 33 24.37 -16.53 24.99
CA PRO D 33 23.62 -17.14 23.88
C PRO D 33 22.54 -18.10 24.33
N ILE D 34 21.34 -17.83 23.86
CA ILE D 34 20.13 -18.58 24.16
C ILE D 34 20.30 -20.09 24.09
N GLU D 35 21.42 -20.53 23.55
CA GLU D 35 21.65 -21.95 23.41
C GLU D 35 22.54 -22.54 24.50
N ALA D 36 22.90 -21.73 25.49
CA ALA D 36 23.77 -22.23 26.57
C ALA D 36 23.19 -21.93 27.95
N VAL D 37 21.86 -21.93 28.02
CA VAL D 37 21.16 -21.66 29.26
C VAL D 37 21.76 -22.46 30.42
N ASP D 38 21.76 -23.77 30.26
CA ASP D 38 22.28 -24.67 31.28
C ASP D 38 23.52 -24.13 31.94
N PHE D 39 24.35 -23.46 31.16
CA PHE D 39 25.59 -22.90 31.68
C PHE D 39 25.25 -21.68 32.54
N VAL D 40 24.51 -20.74 31.94
CA VAL D 40 24.12 -19.53 32.65
C VAL D 40 23.76 -19.89 34.07
N ARG D 41 22.81 -20.82 34.22
CA ARG D 41 22.37 -21.26 35.53
C ARG D 41 23.55 -21.67 36.36
N LEU D 42 24.35 -22.57 35.84
CA LEU D 42 25.52 -23.07 36.54
C LEU D 42 26.26 -21.87 37.12
N LEU D 43 26.45 -20.86 36.29
CA LEU D 43 27.15 -19.65 36.71
C LEU D 43 26.34 -18.99 37.81
N ALA D 44 25.13 -18.57 37.47
CA ALA D 44 24.24 -17.92 38.41
C ALA D 44 24.40 -18.54 39.80
N GLU D 45 24.12 -19.83 39.89
CA GLU D 45 24.25 -20.54 41.14
C GLU D 45 25.51 -20.08 41.87
N LYS D 46 26.65 -20.22 41.21
CA LYS D 46 27.94 -19.84 41.78
C LYS D 46 28.04 -18.33 42.01
N ALA D 47 27.33 -17.59 41.17
CA ALA D 47 27.34 -16.14 41.32
C ALA D 47 26.71 -15.83 42.67
N TYR D 48 25.53 -16.39 42.90
CA TYR D 48 24.83 -16.16 44.16
C TYR D 48 25.56 -16.79 45.33
N ARG D 49 26.12 -17.98 45.16
CA ARG D 49 26.84 -18.65 46.24
C ARG D 49 28.00 -17.78 46.72
N GLU D 50 28.35 -16.78 45.92
CA GLU D 50 29.45 -15.87 46.27
C GLU D 50 29.04 -14.51 46.80
N GLY D 51 27.75 -14.23 46.79
CA GLY D 51 27.27 -12.96 47.29
C GLY D 51 26.31 -12.26 46.34
N ALA D 52 26.40 -12.62 45.07
CA ALA D 52 25.55 -12.01 44.05
C ALA D 52 24.16 -11.76 44.60
N SER D 53 23.67 -10.54 44.43
CA SER D 53 22.36 -10.18 44.92
C SER D 53 21.29 -10.23 43.82
N LEU D 54 21.71 -10.49 42.59
CA LEU D 54 20.78 -10.58 41.45
C LEU D 54 21.45 -10.90 40.13
N PHE D 55 21.11 -12.06 39.58
CA PHE D 55 21.67 -12.52 38.31
C PHE D 55 20.65 -12.30 37.19
N THR D 56 20.84 -11.26 36.38
CA THR D 56 19.91 -10.97 35.28
C THR D 56 20.59 -11.29 33.95
N VAL D 57 20.02 -12.18 33.15
CA VAL D 57 20.66 -12.49 31.88
C VAL D 57 19.84 -12.13 30.70
N ILE D 58 20.49 -11.63 29.68
CA ILE D 58 19.79 -11.27 28.48
C ILE D 58 20.30 -12.17 27.40
N TYR D 59 19.46 -13.09 26.96
CA TYR D 59 19.88 -14.03 25.94
C TYR D 59 19.81 -13.47 24.52
N GLY D 60 20.82 -13.82 23.73
CA GLY D 60 20.88 -13.38 22.35
C GLY D 60 20.83 -14.58 21.43
N ASP D 61 19.69 -14.73 20.76
CA ASP D 61 19.48 -15.83 19.81
C ASP D 61 19.85 -15.34 18.41
N GLN D 62 20.60 -16.15 17.67
CA GLN D 62 21.00 -15.78 16.33
C GLN D 62 19.88 -16.10 15.36
N GLU D 63 19.18 -17.20 15.62
CA GLU D 63 18.07 -17.60 14.77
C GLU D 63 17.07 -16.44 14.75
N LEU D 64 16.99 -15.71 15.85
CA LEU D 64 16.08 -14.58 15.94
C LEU D 64 16.49 -13.52 14.95
N ALA D 65 17.78 -13.17 14.93
CA ALA D 65 18.26 -12.17 13.99
C ALA D 65 18.23 -12.76 12.58
N ARG D 66 18.51 -14.05 12.49
CA ARG D 66 18.51 -14.75 11.21
C ARG D 66 17.14 -14.56 10.54
N LYS D 67 16.08 -14.71 11.31
CA LYS D 67 14.74 -14.54 10.76
C LYS D 67 14.43 -13.08 10.53
N ARG D 68 15.16 -12.21 11.20
CA ARG D 68 14.92 -10.78 11.04
C ARG D 68 15.35 -10.35 9.66
N LEU D 69 16.66 -10.44 9.40
CA LEU D 69 17.25 -10.07 8.12
C LEU D 69 16.49 -10.61 6.92
N ALA D 70 16.06 -11.85 7.02
CA ALA D 70 15.35 -12.51 5.93
C ALA D 70 13.88 -12.14 5.75
N LEU D 71 13.25 -11.59 6.79
CA LEU D 71 11.83 -11.26 6.71
C LEU D 71 11.47 -9.81 7.01
N ALA D 72 12.32 -9.15 7.78
CA ALA D 72 12.09 -7.76 8.16
C ALA D 72 12.13 -6.85 6.94
N PRO D 73 11.43 -5.72 7.00
CA PRO D 73 11.43 -4.81 5.87
C PRO D 73 12.73 -3.97 5.84
N GLU D 74 13.25 -3.73 4.63
CA GLU D 74 14.46 -2.93 4.46
C GLU D 74 14.15 -1.51 4.96
N GLU D 75 15.20 -0.69 5.12
CA GLU D 75 15.04 0.69 5.58
C GLU D 75 14.29 0.66 6.92
N GLY D 76 14.28 -0.53 7.52
CA GLY D 76 13.62 -0.76 8.81
C GLY D 76 14.57 -1.45 9.78
N LEU D 77 15.63 -2.04 9.24
CA LEU D 77 16.61 -2.72 10.09
C LEU D 77 17.37 -1.72 10.93
N ASP D 78 17.41 -0.47 10.49
CA ASP D 78 18.12 0.60 11.20
C ASP D 78 17.69 0.79 12.67
N LYS D 79 16.89 -0.14 13.17
CA LYS D 79 16.43 -0.10 14.56
C LYS D 79 17.35 -0.81 15.54
N ALA D 80 17.48 -0.23 16.72
CA ALA D 80 18.36 -0.79 17.73
C ALA D 80 17.74 -0.81 19.12
N PRO D 81 18.16 -1.76 19.95
CA PRO D 81 17.68 -1.91 21.33
C PRO D 81 18.35 -0.83 22.17
N ALA D 82 18.14 0.42 21.76
CA ALA D 82 18.72 1.56 22.46
C ALA D 82 18.39 1.51 23.94
N TRP D 83 17.11 1.51 24.26
CA TRP D 83 16.66 1.47 25.64
C TRP D 83 17.39 0.42 26.46
N LEU D 84 17.46 -0.79 25.96
CA LEU D 84 18.12 -1.87 26.67
C LEU D 84 19.58 -1.54 26.99
N TYR D 85 20.34 -1.29 25.94
CA TYR D 85 21.75 -0.96 26.07
C TYR D 85 21.97 0.26 26.97
N GLU D 86 21.33 1.38 26.65
CA GLU D 86 21.46 2.60 27.45
C GLU D 86 21.14 2.32 28.91
N GLY D 87 20.32 1.31 29.14
CA GLY D 87 19.97 0.93 30.50
C GLY D 87 21.10 0.15 31.12
N MET D 88 21.65 -0.79 30.36
CA MET D 88 22.76 -1.59 30.85
C MET D 88 23.91 -0.69 31.26
N ALA D 89 24.03 0.42 30.57
CA ALA D 89 25.08 1.38 30.89
C ALA D 89 24.84 1.84 32.33
N ARG D 90 23.72 2.53 32.54
CA ARG D 90 23.37 3.06 33.86
C ARG D 90 23.72 2.02 34.90
N ALA D 91 23.20 0.81 34.71
CA ALA D 91 23.45 -0.28 35.63
C ALA D 91 24.93 -0.44 35.94
N PHE D 92 25.74 -0.39 34.91
CA PHE D 92 27.19 -0.52 35.06
C PHE D 92 27.76 0.61 35.88
N ARG D 93 27.47 1.84 35.48
CA ARG D 93 27.97 3.01 36.20
C ARG D 93 27.56 3.02 37.68
N GLU D 94 26.37 2.48 37.97
CA GLU D 94 25.85 2.42 39.34
C GLU D 94 26.47 1.28 40.20
N GLY D 95 27.39 0.52 39.60
CA GLY D 95 28.06 -0.56 40.34
C GLY D 95 27.82 -2.02 39.93
N ALA D 96 26.88 -2.24 39.00
CA ALA D 96 26.57 -3.59 38.55
C ALA D 96 27.66 -4.28 37.73
N ALA D 97 28.11 -5.43 38.20
CA ALA D 97 29.14 -6.21 37.52
C ALA D 97 28.62 -6.62 36.16
N ARG D 98 29.50 -7.11 35.28
CA ARG D 98 29.07 -7.53 33.96
C ARG D 98 29.76 -8.76 33.41
N LEU D 99 29.11 -9.91 33.59
CA LEU D 99 29.60 -11.18 33.10
C LEU D 99 29.12 -11.24 31.67
N ALA D 100 29.73 -12.11 30.87
CA ALA D 100 29.33 -12.23 29.48
C ALA D 100 29.86 -13.53 28.93
N VAL D 101 28.95 -14.40 28.53
CA VAL D 101 29.31 -15.69 28.00
C VAL D 101 29.52 -15.53 26.49
N SER D 102 30.65 -16.01 25.99
CA SER D 102 30.95 -15.92 24.56
C SER D 102 31.17 -17.28 23.94
N GLY D 103 30.95 -17.35 22.65
CA GLY D 103 31.08 -18.59 21.92
C GLY D 103 29.99 -18.56 20.88
N SER D 104 30.27 -17.94 19.77
CA SER D 104 29.31 -17.83 18.70
C SER D 104 29.70 -18.66 17.46
N ASP D 105 28.71 -18.92 16.61
CA ASP D 105 28.90 -19.69 15.38
C ASP D 105 29.13 -18.70 14.25
N PRO D 106 30.37 -18.63 13.74
CA PRO D 106 30.69 -17.72 12.65
C PRO D 106 29.77 -17.87 11.46
N LYS D 107 29.44 -19.10 11.13
CA LYS D 107 28.58 -19.39 9.98
C LYS D 107 27.07 -19.37 10.23
N ALA D 108 26.60 -18.42 11.03
CA ALA D 108 25.18 -18.29 11.34
C ALA D 108 24.54 -17.32 10.35
N LEU D 109 25.30 -16.30 9.99
CA LEU D 109 24.82 -15.31 9.07
C LEU D 109 25.23 -15.67 7.63
N GLU D 110 25.64 -16.91 7.44
CA GLU D 110 26.04 -17.38 6.12
C GLU D 110 24.81 -17.56 5.23
N GLY D 111 24.94 -17.17 3.96
CA GLY D 111 23.84 -17.31 3.01
C GLY D 111 22.89 -16.13 3.01
N LEU D 112 23.31 -15.05 3.68
CA LEU D 112 22.50 -13.85 3.80
C LEU D 112 23.23 -12.62 3.26
N PRO D 113 22.51 -11.77 2.48
CA PRO D 113 23.06 -10.54 1.88
C PRO D 113 23.81 -9.64 2.87
N PRO D 114 25.16 -9.66 2.81
CA PRO D 114 26.12 -8.90 3.65
C PRO D 114 25.88 -7.40 3.67
N GLU D 115 25.16 -6.94 2.67
CA GLU D 115 24.84 -5.52 2.55
C GLU D 115 23.95 -5.12 3.73
N LYS D 116 22.97 -5.97 4.01
CA LYS D 116 22.01 -5.76 5.09
C LYS D 116 22.66 -6.01 6.46
N VAL D 117 23.23 -7.19 6.65
CA VAL D 117 23.86 -7.56 7.92
C VAL D 117 24.67 -6.41 8.49
N GLY D 118 25.34 -5.69 7.60
CA GLY D 118 26.12 -4.56 8.04
C GLY D 118 25.15 -3.49 8.50
N ARG D 119 24.22 -3.12 7.61
CA ARG D 119 23.21 -2.09 7.87
C ARG D 119 22.55 -2.27 9.25
N ALA D 120 22.55 -3.52 9.74
CA ALA D 120 21.93 -3.86 11.02
C ALA D 120 22.89 -3.75 12.19
N GLN D 121 24.11 -4.23 12.00
CA GLN D 121 25.12 -4.19 13.04
C GLN D 121 25.67 -2.77 13.21
N LYS D 122 25.72 -2.04 12.11
CA LYS D 122 26.23 -0.68 12.14
C LYS D 122 25.30 0.18 12.98
N ALA D 123 24.04 -0.25 13.09
CA ALA D 123 23.05 0.47 13.87
C ALA D 123 23.07 -0.04 15.32
N ASN D 124 23.37 -1.32 15.47
CA ASN D 124 23.43 -1.92 16.79
C ASN D 124 24.55 -1.24 17.57
N ALA D 125 25.77 -1.32 17.04
CA ALA D 125 26.91 -0.71 17.69
C ALA D 125 26.67 0.77 18.01
N ARG D 126 25.80 1.41 17.22
CA ARG D 126 25.47 2.82 17.42
C ARG D 126 24.72 3.08 18.72
N ALA D 127 23.90 2.13 19.16
CA ALA D 127 23.14 2.30 20.39
C ALA D 127 23.90 1.71 21.54
N TYR D 128 24.62 0.63 21.28
CA TYR D 128 25.38 -0.04 22.32
C TYR D 128 26.55 0.79 22.85
N LYS D 129 27.07 1.66 21.99
CA LYS D 129 28.22 2.49 22.35
C LYS D 129 28.35 2.91 23.83
N PRO D 130 27.37 3.67 24.38
CA PRO D 130 27.48 4.08 25.77
C PRO D 130 27.73 2.94 26.75
N ALA D 131 27.32 1.74 26.38
CA ALA D 131 27.55 0.58 27.23
C ALA D 131 29.03 0.23 27.10
N LEU D 132 29.44 -0.07 25.87
CA LEU D 132 30.81 -0.41 25.56
C LEU D 132 31.72 0.50 26.37
N GLU D 133 31.55 1.81 26.20
CA GLU D 133 32.35 2.80 26.92
C GLU D 133 32.47 2.49 28.40
N ALA D 134 31.33 2.14 29.00
CA ALA D 134 31.27 1.80 30.41
C ALA D 134 32.17 0.59 30.74
N ILE D 135 32.31 -0.32 29.77
CA ILE D 135 33.14 -1.52 29.94
C ILE D 135 34.60 -1.30 29.49
N THR D 136 34.78 -0.66 28.34
CA THR D 136 36.13 -0.37 27.79
C THR D 136 36.88 0.35 28.88
N GLU D 137 36.23 1.39 29.42
CA GLU D 137 36.76 2.21 30.50
C GLU D 137 36.27 1.51 31.77
N PHE D 138 37.11 0.62 32.28
CA PHE D 138 36.81 -0.15 33.48
C PHE D 138 36.15 0.63 34.58
N VAL D 139 34.82 0.52 34.69
CA VAL D 139 34.08 1.20 35.75
C VAL D 139 33.60 0.13 36.72
N THR D 140 33.14 -0.98 36.18
CA THR D 140 32.69 -2.11 37.01
C THR D 140 33.57 -3.29 36.68
N ASN D 141 33.53 -4.32 37.51
CA ASN D 141 34.33 -5.51 37.26
C ASN D 141 33.57 -6.42 36.30
N TRP D 142 34.11 -6.60 35.10
CA TRP D 142 33.48 -7.45 34.09
C TRP D 142 34.42 -8.55 33.64
N THR D 143 33.86 -9.57 32.99
CA THR D 143 34.63 -10.70 32.51
C THR D 143 33.98 -11.27 31.27
N ILE D 144 34.57 -12.34 30.74
CA ILE D 144 34.06 -13.01 29.57
C ILE D 144 34.42 -14.50 29.63
N VAL D 145 33.45 -15.34 29.98
CA VAL D 145 33.72 -16.76 30.01
C VAL D 145 33.10 -17.28 28.77
N PRO D 146 33.65 -18.36 28.22
CA PRO D 146 33.15 -18.97 27.00
C PRO D 146 32.90 -20.47 27.05
N PHE D 147 31.77 -20.95 26.51
CA PHE D 147 31.56 -22.39 26.44
C PHE D 147 30.94 -22.79 25.12
N ALA D 148 31.19 -24.04 24.77
CA ALA D 148 30.73 -24.68 23.54
C ALA D 148 29.55 -24.06 22.85
N HIS D 149 29.30 -24.58 21.67
CA HIS D 149 28.22 -24.09 20.88
C HIS D 149 28.33 -24.87 19.59
N PRO D 150 27.23 -25.47 19.15
CA PRO D 150 27.19 -26.26 17.92
C PRO D 150 27.53 -25.43 16.67
N GLY D 151 28.12 -24.27 16.91
CA GLY D 151 28.53 -23.39 15.83
C GLY D 151 30.01 -23.15 16.02
N TRP D 152 30.53 -23.86 16.99
CA TRP D 152 31.94 -23.82 17.30
C TRP D 152 32.56 -25.19 17.20
N ALA D 153 32.01 -26.09 17.99
CA ALA D 153 32.47 -27.45 17.97
C ALA D 153 32.22 -27.91 16.55
N ARG D 154 31.29 -27.25 15.87
CA ARG D 154 30.97 -27.62 14.50
C ARG D 154 31.89 -26.90 13.52
N ALA D 155 32.69 -25.95 14.01
CA ALA D 155 33.61 -25.25 13.13
C ALA D 155 35.06 -25.54 13.49
N VAL D 156 35.34 -25.65 14.79
CA VAL D 156 36.70 -25.94 15.23
C VAL D 156 37.09 -27.31 14.74
N PHE D 157 36.24 -28.29 15.03
CA PHE D 157 36.46 -29.66 14.60
C PHE D 157 35.41 -29.99 13.56
N PRO D 158 35.82 -30.39 12.36
CA PRO D 158 34.73 -30.71 11.42
C PRO D 158 34.41 -32.22 11.61
N GLY D 159 34.64 -32.69 12.85
CA GLY D 159 34.42 -34.08 13.22
C GLY D 159 32.98 -34.46 13.46
N LEU D 160 32.35 -34.77 12.32
CA LEU D 160 30.89 -35.16 12.29
C LEU D 160 30.23 -35.04 13.70
N PRO D 161 30.41 -36.05 14.60
CA PRO D 161 29.79 -36.02 15.95
C PRO D 161 29.65 -34.57 16.50
N GLU D 162 28.43 -34.02 16.44
CA GLU D 162 28.17 -32.69 17.00
C GLU D 162 28.16 -32.93 18.52
N GLU D 163 27.49 -33.99 18.95
CA GLU D 163 27.44 -34.36 20.37
C GLU D 163 28.86 -34.47 20.89
N GLU D 164 29.75 -34.95 20.02
CA GLU D 164 31.15 -35.15 20.37
C GLU D 164 32.09 -34.01 20.01
N ALA D 165 31.65 -33.11 19.13
CA ALA D 165 32.50 -31.97 18.78
C ALA D 165 32.60 -31.16 20.07
N VAL D 166 31.45 -30.88 20.67
CA VAL D 166 31.38 -30.16 21.92
C VAL D 166 32.24 -30.95 22.89
N ARG D 167 31.98 -32.26 22.93
CA ARG D 167 32.70 -33.20 23.79
C ARG D 167 34.22 -32.94 23.78
N ARG D 168 34.71 -32.42 22.66
CA ARG D 168 36.12 -32.15 22.52
C ARG D 168 36.35 -30.71 22.93
N LEU D 169 35.72 -29.81 22.19
CA LEU D 169 35.82 -28.39 22.44
C LEU D 169 35.60 -28.06 23.90
N TRP D 170 34.56 -28.60 24.48
CA TRP D 170 34.28 -28.32 25.89
C TRP D 170 35.53 -28.59 26.71
N GLU D 171 36.29 -29.59 26.26
CA GLU D 171 37.49 -30.03 26.96
C GLU D 171 38.70 -29.13 26.68
N ALA D 172 38.71 -28.50 25.51
CA ALA D 172 39.81 -27.63 25.16
C ALA D 172 39.79 -26.45 26.10
N ILE D 173 38.59 -25.99 26.39
CA ILE D 173 38.39 -24.87 27.27
C ILE D 173 38.78 -25.15 28.70
N PHE D 174 38.64 -26.39 29.12
CA PHE D 174 39.01 -26.74 30.49
C PHE D 174 40.53 -26.65 30.69
N GLN D 175 41.26 -26.54 29.58
CA GLN D 175 42.70 -26.41 29.62
C GLN D 175 43.05 -24.94 29.44
N ALA D 176 42.50 -24.33 28.39
CA ALA D 176 42.77 -22.92 28.11
C ALA D 176 42.38 -21.98 29.25
N THR D 177 41.37 -22.36 30.02
CA THR D 177 40.90 -21.52 31.12
C THR D 177 41.62 -21.91 32.37
N PRO D 184 43.93 -25.26 39.77
CA PRO D 184 43.02 -24.27 39.17
C PRO D 184 43.15 -22.85 39.77
N ILE D 185 44.28 -22.58 40.42
CA ILE D 185 44.48 -21.26 41.01
C ILE D 185 45.97 -21.02 41.16
N ALA D 186 46.71 -22.08 41.44
CA ALA D 186 48.16 -22.01 41.64
C ALA D 186 48.92 -21.96 40.33
N ALA D 187 48.23 -22.22 39.21
CA ALA D 187 48.84 -22.17 37.89
C ALA D 187 48.55 -20.77 37.35
N TRP D 188 47.39 -20.24 37.75
CA TRP D 188 46.95 -18.91 37.36
C TRP D 188 47.63 -17.84 38.18
N GLU D 189 48.00 -18.21 39.39
CA GLU D 189 48.67 -17.27 40.25
C GLU D 189 50.08 -17.04 39.67
N ALA D 190 50.71 -18.12 39.21
CA ALA D 190 52.06 -18.05 38.65
C ALA D 190 52.01 -17.75 37.16
N HIS D 191 50.83 -17.40 36.65
CA HIS D 191 50.68 -17.05 35.25
C HIS D 191 50.54 -15.55 35.19
N ASN D 192 49.82 -14.98 36.14
CA ASN D 192 49.65 -13.54 36.16
C ASN D 192 50.96 -12.92 36.54
N ARG D 193 51.80 -13.67 37.23
CA ARG D 193 53.12 -13.17 37.62
C ARG D 193 54.00 -13.26 36.38
N ALA D 194 53.94 -14.42 35.72
CA ALA D 194 54.72 -14.67 34.51
C ALA D 194 54.40 -13.64 33.43
N LEU D 195 53.24 -12.98 33.55
CA LEU D 195 52.81 -11.94 32.60
C LEU D 195 53.31 -10.59 33.05
N HIS D 196 52.83 -10.15 34.23
CA HIS D 196 53.25 -8.87 34.76
C HIS D 196 54.76 -8.70 34.64
N GLU D 197 55.48 -9.81 34.49
CA GLU D 197 56.93 -9.74 34.33
C GLU D 197 57.23 -9.27 32.92
N LYS D 198 56.67 -9.95 31.92
CA LYS D 198 56.91 -9.54 30.56
C LYS D 198 56.40 -8.12 30.41
N VAL D 199 55.27 -7.83 31.04
CA VAL D 199 54.73 -6.49 30.94
C VAL D 199 55.66 -5.48 31.58
N ALA D 200 56.48 -5.93 32.51
CA ALA D 200 57.41 -5.03 33.18
C ALA D 200 58.58 -4.80 32.25
N TYR D 201 59.08 -5.88 31.66
CA TYR D 201 60.18 -5.83 30.73
C TYR D 201 59.84 -4.84 29.63
N LEU D 202 58.88 -5.21 28.80
CA LEU D 202 58.46 -4.38 27.68
C LEU D 202 58.25 -2.91 27.96
N ASN D 203 57.94 -2.56 29.20
CA ASN D 203 57.71 -1.15 29.56
C ASN D 203 59.01 -0.45 29.86
N ALA D 204 59.90 -1.19 30.51
CA ALA D 204 61.20 -0.67 30.90
C ALA D 204 62.13 -0.49 29.73
N ARG D 205 62.29 -1.52 28.90
CA ARG D 205 63.18 -1.40 27.76
C ARG D 205 62.79 -0.18 26.92
N ARG D 206 61.54 0.24 27.03
CA ARG D 206 61.04 1.40 26.29
C ARG D 206 61.48 1.39 24.82
N PHE D 207 61.00 0.40 24.07
CA PHE D 207 61.35 0.26 22.65
C PHE D 207 60.88 1.40 21.79
N HIS D 208 61.29 1.38 20.53
CA HIS D 208 60.87 2.41 19.61
C HIS D 208 60.04 1.74 18.56
N ALA D 209 60.18 0.41 18.47
CA ALA D 209 59.42 -0.35 17.51
C ALA D 209 59.79 -1.81 17.55
N LEU D 210 58.86 -2.64 17.11
CA LEU D 210 59.07 -4.08 17.05
C LEU D 210 59.27 -4.45 15.61
N HIS D 211 59.89 -5.59 15.35
CA HIS D 211 60.14 -6.01 13.99
C HIS D 211 59.80 -7.47 13.80
N PHE D 212 58.66 -7.72 13.17
CA PHE D 212 58.24 -9.09 12.93
C PHE D 212 58.85 -9.58 11.65
N LYS D 213 59.34 -10.81 11.66
CA LYS D 213 59.91 -11.39 10.46
C LYS D 213 59.58 -12.86 10.44
N GLY D 214 59.15 -13.34 9.28
CA GLY D 214 58.77 -14.73 9.15
C GLY D 214 58.46 -15.06 7.70
N PRO D 215 57.80 -16.19 7.45
CA PRO D 215 57.47 -16.56 6.08
C PRO D 215 56.41 -15.62 5.53
N GLY D 216 56.83 -14.74 4.63
CA GLY D 216 55.88 -13.82 4.05
C GLY D 216 55.65 -12.57 4.88
N THR D 217 56.30 -12.46 6.02
CA THR D 217 56.13 -11.27 6.83
C THR D 217 57.42 -10.52 7.11
N ASP D 218 57.30 -9.21 7.09
CA ASP D 218 58.38 -8.27 7.35
C ASP D 218 57.86 -6.90 7.68
N LEU D 219 57.45 -6.75 8.91
CA LEU D 219 56.81 -5.52 9.34
C LEU D 219 57.57 -4.82 10.46
N VAL D 220 57.68 -3.51 10.36
CA VAL D 220 58.34 -2.73 11.39
C VAL D 220 57.28 -1.91 12.10
N VAL D 221 56.64 -2.51 13.08
CA VAL D 221 55.60 -1.85 13.83
C VAL D 221 56.23 -0.90 14.81
N GLY D 222 56.22 0.38 14.46
CA GLY D 222 56.79 1.36 15.36
C GLY D 222 55.93 1.31 16.60
N LEU D 223 56.24 2.12 17.60
CA LEU D 223 55.43 2.13 18.81
C LEU D 223 55.13 3.56 19.18
N ALA D 224 53.97 3.76 19.78
CA ALA D 224 53.55 5.09 20.18
C ALA D 224 54.50 5.71 21.19
N GLU D 225 54.47 7.03 21.29
CA GLU D 225 55.34 7.75 22.22
C GLU D 225 54.83 7.60 23.63
N GLY D 226 55.73 7.28 24.55
CA GLY D 226 55.30 7.11 25.92
C GLY D 226 54.21 6.05 25.97
N HIS D 227 54.37 5.07 25.09
CA HIS D 227 53.43 3.97 25.01
C HIS D 227 53.46 3.23 26.33
N LEU D 228 52.54 2.30 26.52
CA LEU D 228 52.48 1.53 27.75
C LEU D 228 51.87 0.16 27.52
N TRP D 229 52.64 -0.88 27.85
CA TRP D 229 52.23 -2.26 27.68
C TRP D 229 51.30 -2.76 28.77
N GLN D 230 50.20 -3.37 28.34
CA GLN D 230 49.22 -3.92 29.26
C GLN D 230 49.22 -5.44 29.15
N GLY D 231 48.67 -6.11 30.16
CA GLY D 231 48.62 -7.56 30.13
C GLY D 231 48.33 -8.25 31.45
N GLY D 232 47.49 -9.27 31.40
CA GLY D 232 47.17 -10.02 32.60
C GLY D 232 46.08 -9.46 33.49
N ALA D 233 46.36 -9.42 34.80
CA ALA D 233 45.42 -8.92 35.81
C ALA D 233 45.38 -7.39 35.86
N THR D 234 44.17 -6.85 35.97
CA THR D 234 43.96 -5.40 36.01
C THR D 234 43.65 -4.89 37.43
N ALA D 235 43.88 -3.58 37.62
CA ALA D 235 43.64 -2.92 38.91
C ALA D 235 42.20 -2.32 38.91
N THR D 236 41.46 -2.62 39.98
CA THR D 236 40.09 -2.13 40.15
C THR D 236 39.99 -1.08 41.27
N LYS D 237 39.82 0.18 40.83
CA LYS D 237 39.74 1.37 41.69
C LYS D 237 40.72 1.27 42.90
N GLY D 238 41.94 1.78 42.70
CA GLY D 238 43.01 1.75 43.73
C GLY D 238 43.93 0.53 43.61
N GLY D 239 43.63 -0.49 44.39
CA GLY D 239 44.39 -1.74 44.39
C GLY D 239 43.42 -2.91 44.54
N ARG D 240 43.11 -3.57 43.42
CA ARG D 240 42.19 -4.71 43.40
C ARG D 240 42.33 -5.48 42.06
N LEU D 241 42.77 -6.73 42.13
CA LEU D 241 43.00 -7.55 40.93
C LEU D 241 41.72 -8.21 40.41
N CYS D 242 41.77 -8.65 39.16
CA CYS D 242 40.65 -9.33 38.49
C CYS D 242 41.00 -9.58 37.01
N ASN D 243 40.90 -10.83 36.57
CA ASN D 243 41.20 -11.16 35.18
C ASN D 243 39.92 -11.06 34.36
N PRO D 244 39.80 -9.98 33.56
CA PRO D 244 38.66 -9.66 32.70
C PRO D 244 38.40 -10.79 31.72
N ASN D 245 39.44 -11.21 31.01
CA ASN D 245 39.32 -12.30 30.06
C ASN D 245 39.85 -13.56 30.72
N LEU D 246 39.16 -14.67 30.52
CA LEU D 246 39.57 -15.90 31.15
C LEU D 246 40.68 -16.60 30.42
N PRO D 247 40.60 -16.68 29.09
CA PRO D 247 41.63 -17.35 28.28
C PRO D 247 42.99 -16.60 28.34
N THR D 248 42.91 -15.27 28.29
CA THR D 248 44.03 -14.28 28.33
C THR D 248 45.41 -14.99 28.32
N GLU D 249 46.20 -14.64 27.30
CA GLU D 249 47.56 -15.15 27.11
C GLU D 249 48.37 -14.05 26.45
N GLU D 250 47.72 -12.95 26.14
CA GLU D 250 48.34 -11.82 25.47
C GLU D 250 48.92 -10.70 26.34
N VAL D 251 49.72 -9.88 25.67
CA VAL D 251 50.35 -8.65 26.14
C VAL D 251 50.39 -7.59 25.06
N PHE D 252 50.00 -6.35 25.32
CA PHE D 252 49.95 -5.47 24.18
C PHE D 252 50.09 -4.02 24.57
N THR D 253 50.11 -3.21 23.52
CA THR D 253 50.22 -1.78 23.60
C THR D 253 49.94 -1.21 22.22
N ALA D 254 49.72 0.10 22.18
CA ALA D 254 49.40 0.79 20.93
C ALA D 254 50.60 1.13 20.10
N PRO D 255 50.56 0.74 18.83
CA PRO D 255 51.67 1.03 17.92
C PRO D 255 51.65 2.53 17.68
N HIS D 256 52.39 3.02 16.68
CA HIS D 256 52.37 4.45 16.39
C HIS D 256 51.59 4.75 15.11
N ARG D 257 50.59 5.60 15.25
CA ARG D 257 49.75 5.99 14.15
C ARG D 257 50.41 6.04 12.76
N GLU D 258 51.54 6.73 12.64
CA GLU D 258 52.19 6.93 11.34
C GLU D 258 53.56 6.23 11.26
N ARG D 259 53.82 5.17 11.99
CA ARG D 259 55.16 4.57 11.86
C ARG D 259 55.24 3.05 11.69
N VAL D 260 54.56 2.51 10.70
CA VAL D 260 54.59 1.08 10.49
C VAL D 260 54.83 0.71 9.04
N GLU D 261 56.09 0.66 8.61
CA GLU D 261 56.34 0.26 7.23
C GLU D 261 56.66 -1.21 7.12
N GLY D 262 56.16 -1.85 6.07
CA GLY D 262 56.44 -3.25 5.88
C GLY D 262 55.32 -4.02 5.20
N VAL D 263 55.52 -5.33 5.05
CA VAL D 263 54.56 -6.23 4.43
C VAL D 263 54.30 -7.32 5.45
N VAL D 264 53.03 -7.57 5.74
CA VAL D 264 52.70 -8.59 6.71
C VAL D 264 51.61 -9.50 6.22
N ARG D 265 51.80 -10.80 6.36
CA ARG D 265 50.83 -11.77 5.88
C ARG D 265 50.22 -12.62 6.97
N ALA D 266 48.91 -12.80 6.89
CA ALA D 266 48.13 -13.56 7.85
C ALA D 266 48.64 -14.92 8.14
N SER D 267 48.28 -15.42 9.31
CA SER D 267 48.67 -16.74 9.77
C SER D 267 47.42 -17.58 10.05
N ARG D 268 46.45 -16.97 10.73
CA ARG D 268 45.18 -17.60 11.07
C ARG D 268 44.00 -16.84 10.49
N PRO D 269 42.91 -17.55 10.18
CA PRO D 269 41.73 -16.90 9.62
C PRO D 269 41.15 -15.83 10.56
N LEU D 270 40.36 -14.95 9.99
CA LEU D 270 39.72 -13.87 10.73
C LEU D 270 38.21 -13.98 10.61
N ALA D 271 37.54 -14.30 11.72
CA ALA D 271 36.09 -14.42 11.71
C ALA D 271 35.50 -13.04 11.94
N LEU D 272 35.14 -12.38 10.85
CA LEU D 272 34.58 -11.03 10.93
C LEU D 272 33.05 -11.02 10.95
N GLY D 273 32.49 -11.39 12.10
CA GLY D 273 31.05 -11.41 12.27
C GLY D 273 30.34 -12.26 11.22
N GLY D 274 30.57 -13.57 11.27
CA GLY D 274 29.92 -14.48 10.32
C GLY D 274 30.68 -14.88 9.06
N THR D 275 31.14 -13.89 8.30
CA THR D 275 31.89 -14.14 7.07
C THR D 275 33.33 -14.57 7.45
N LEU D 276 33.89 -15.49 6.68
CA LEU D 276 35.24 -15.97 6.99
C LEU D 276 36.30 -15.38 6.08
N VAL D 277 37.17 -14.53 6.64
CA VAL D 277 38.25 -13.91 5.87
C VAL D 277 39.52 -14.75 6.06
N GLU D 278 40.07 -15.31 4.97
CA GLU D 278 41.27 -16.14 5.07
C GLU D 278 42.48 -15.62 4.29
N GLY D 279 43.66 -16.03 4.75
CA GLY D 279 44.91 -15.65 4.09
C GLY D 279 45.18 -14.18 3.85
N ILE D 280 44.42 -13.33 4.53
CA ILE D 280 44.56 -11.89 4.39
C ILE D 280 46.02 -11.45 4.28
N PHE D 281 46.24 -10.33 3.62
CA PHE D 281 47.58 -9.79 3.44
C PHE D 281 47.50 -8.29 3.34
N ALA D 282 48.41 -7.59 3.98
CA ALA D 282 48.40 -6.14 3.95
C ALA D 282 49.79 -5.53 3.82
N ARG D 283 49.88 -4.43 3.10
CA ARG D 283 51.15 -3.73 2.91
C ARG D 283 51.08 -2.33 3.50
N PHE D 284 51.98 -2.04 4.43
CA PHE D 284 52.02 -0.78 5.11
C PHE D 284 53.10 0.16 4.63
N GLU D 285 52.75 1.43 4.60
CA GLU D 285 53.63 2.50 4.21
C GLU D 285 53.43 3.72 5.08
N ARG D 286 54.47 4.13 5.80
CA ARG D 286 54.37 5.28 6.69
C ARG D 286 53.10 5.11 7.54
N GLY D 287 52.90 3.90 8.07
CA GLY D 287 51.77 3.62 8.92
C GLY D 287 50.42 3.32 8.29
N PHE D 288 50.30 3.53 6.99
CA PHE D 288 49.04 3.30 6.29
C PHE D 288 49.01 1.99 5.53
N ALA D 289 47.94 1.22 5.70
CA ALA D 289 47.81 -0.04 4.98
C ALA D 289 47.40 0.33 3.57
N VAL D 290 48.39 0.48 2.69
CA VAL D 290 48.10 0.87 1.32
C VAL D 290 47.53 -0.22 0.44
N GLU D 291 47.56 -1.46 0.90
CA GLU D 291 47.05 -2.56 0.09
C GLU D 291 46.59 -3.71 0.96
N VAL D 292 45.30 -3.86 1.14
CA VAL D 292 44.79 -4.97 1.92
C VAL D 292 44.14 -5.93 0.97
N ARG D 293 44.38 -7.22 1.14
CA ARG D 293 43.81 -8.22 0.25
C ARG D 293 43.54 -9.50 1.01
N ALA D 294 42.85 -10.44 0.38
CA ALA D 294 42.56 -11.70 1.04
C ALA D 294 42.03 -12.74 0.08
N GLU D 295 42.40 -13.99 0.32
CA GLU D 295 42.00 -15.11 -0.53
C GLU D 295 40.49 -15.25 -0.57
N LYS D 296 39.83 -14.93 0.55
CA LYS D 296 38.38 -15.06 0.61
C LYS D 296 37.77 -13.94 1.43
N GLY D 297 36.74 -13.32 0.88
CA GLY D 297 36.08 -12.24 1.59
C GLY D 297 36.77 -10.90 1.47
N GLU D 298 37.62 -10.77 0.46
CA GLU D 298 38.32 -9.51 0.24
C GLU D 298 37.29 -8.39 0.23
N GLU D 299 36.22 -8.55 -0.54
CA GLU D 299 35.18 -7.54 -0.62
C GLU D 299 34.79 -7.01 0.77
N VAL D 300 34.38 -7.91 1.66
CA VAL D 300 33.95 -7.57 3.02
C VAL D 300 34.97 -6.81 3.83
N LEU D 301 36.16 -7.37 3.94
CA LEU D 301 37.22 -6.71 4.71
C LEU D 301 37.55 -5.32 4.21
N ARG D 302 37.68 -5.14 2.90
CA ARG D 302 38.00 -3.84 2.34
C ARG D 302 36.99 -2.77 2.75
N ARG D 303 35.71 -3.14 2.81
CA ARG D 303 34.65 -2.20 3.19
C ARG D 303 34.85 -1.75 4.62
N LEU D 304 34.96 -2.70 5.54
CA LEU D 304 35.15 -2.37 6.95
C LEU D 304 36.34 -1.47 7.17
N LEU D 305 37.40 -1.68 6.39
CA LEU D 305 38.61 -0.88 6.50
C LEU D 305 38.57 0.41 5.69
N ASP D 306 37.44 0.65 5.02
CA ASP D 306 37.28 1.87 4.24
C ASP D 306 36.28 2.80 4.94
N THR D 307 36.00 2.50 6.21
CA THR D 307 35.10 3.30 7.03
C THR D 307 35.60 4.76 7.11
N ASP D 308 36.80 4.93 7.63
CA ASP D 308 37.41 6.25 7.73
C ASP D 308 38.91 6.17 7.45
N GLU D 309 39.67 7.19 7.85
CA GLU D 309 41.11 7.15 7.64
C GLU D 309 41.70 6.12 8.61
N GLY D 310 41.50 6.34 9.90
CA GLY D 310 42.02 5.42 10.90
C GLY D 310 41.76 3.95 10.61
N ALA D 311 40.71 3.66 9.87
CA ALA D 311 40.38 2.28 9.54
C ALA D 311 41.58 1.49 9.08
N ARG D 312 42.36 2.06 8.16
CA ARG D 312 43.52 1.37 7.61
C ARG D 312 44.87 1.68 8.29
N ARG D 313 44.83 1.82 9.61
CA ARG D 313 46.03 2.09 10.39
C ARG D 313 45.97 1.16 11.60
N LEU D 314 47.09 0.99 12.30
CA LEU D 314 47.13 0.09 13.43
C LEU D 314 46.88 0.74 14.78
N GLY D 315 46.27 -0.02 15.68
CA GLY D 315 46.00 0.51 16.99
C GLY D 315 46.24 -0.46 18.12
N GLU D 316 47.03 -1.50 17.88
CA GLU D 316 47.30 -2.48 18.93
C GLU D 316 48.31 -3.50 18.45
N VAL D 317 49.33 -3.76 19.25
CA VAL D 317 50.34 -4.74 18.90
C VAL D 317 50.31 -5.70 20.04
N ALA D 318 50.24 -6.99 19.76
CA ALA D 318 50.19 -7.94 20.85
C ALA D 318 51.08 -9.13 20.63
N LEU D 319 51.72 -9.57 21.70
CA LEU D 319 52.63 -10.69 21.63
C LEU D 319 52.11 -11.92 22.37
N VAL D 320 51.89 -13.00 21.63
CA VAL D 320 51.38 -14.23 22.20
C VAL D 320 52.25 -15.42 21.82
N PRO D 321 52.96 -16.00 22.79
CA PRO D 321 53.81 -17.15 22.49
C PRO D 321 52.97 -18.27 21.90
N ALA D 322 53.40 -18.81 20.76
CA ALA D 322 52.63 -19.87 20.12
C ALA D 322 52.87 -21.23 20.75
N ASP D 323 53.32 -21.23 21.99
CA ASP D 323 53.53 -22.49 22.69
C ASP D 323 52.51 -22.52 23.83
N ASN D 324 51.48 -21.68 23.70
CA ASN D 324 50.41 -21.56 24.69
C ASN D 324 49.29 -22.57 24.49
N PRO D 325 48.43 -22.72 25.50
CA PRO D 325 47.29 -23.64 25.47
C PRO D 325 46.32 -23.49 24.31
N ILE D 326 45.72 -22.31 24.16
CA ILE D 326 44.78 -22.11 23.08
C ILE D 326 45.44 -22.47 21.75
N ALA D 327 46.78 -22.38 21.72
CA ALA D 327 47.57 -22.66 20.52
C ALA D 327 47.87 -24.13 20.30
N LYS D 328 48.14 -24.86 21.37
CA LYS D 328 48.43 -26.29 21.31
C LYS D 328 47.26 -27.10 20.73
N THR D 329 46.03 -26.61 20.92
CA THR D 329 44.84 -27.28 20.39
C THR D 329 44.81 -27.15 18.87
N GLY D 330 45.27 -25.99 18.37
CA GLY D 330 45.32 -25.72 16.94
C GLY D 330 43.95 -25.77 16.29
N LEU D 331 43.07 -24.84 16.66
CA LEU D 331 41.71 -24.80 16.13
C LEU D 331 41.28 -23.37 15.89
N VAL D 332 40.17 -23.21 15.21
CA VAL D 332 39.66 -21.88 14.97
C VAL D 332 38.40 -21.74 15.80
N PHE D 333 38.41 -20.81 16.73
CA PHE D 333 37.25 -20.65 17.60
C PHE D 333 36.29 -19.57 17.14
N PHE D 334 36.56 -18.97 15.98
CA PHE D 334 35.67 -17.95 15.44
C PHE D 334 35.08 -17.03 16.54
N ASP D 335 35.86 -16.83 17.58
CA ASP D 335 35.52 -15.97 18.71
C ASP D 335 36.76 -15.13 19.03
N THR D 336 36.55 -13.83 19.18
CA THR D 336 37.61 -12.91 19.51
C THR D 336 38.36 -13.48 20.71
N LEU D 337 37.80 -13.27 21.90
CA LEU D 337 38.39 -13.75 23.15
C LEU D 337 39.31 -14.97 22.99
N PHE D 338 38.86 -15.99 22.27
CA PHE D 338 39.68 -17.19 22.12
C PHE D 338 40.78 -17.10 21.12
N ASP D 339 40.48 -16.52 19.95
CA ASP D 339 41.49 -16.36 18.89
C ASP D 339 42.52 -15.27 19.25
N GLU D 340 42.04 -14.10 19.67
CA GLU D 340 42.92 -12.98 20.06
C GLU D 340 44.08 -13.46 20.93
N ASN D 341 43.81 -14.36 21.86
CA ASN D 341 44.85 -14.87 22.76
C ASN D 341 45.44 -16.17 22.25
N ALA D 342 45.24 -16.42 20.96
CA ALA D 342 45.76 -17.62 20.32
C ALA D 342 47.21 -17.39 19.92
N ALA D 343 47.45 -16.32 19.17
CA ALA D 343 48.79 -15.99 18.72
C ALA D 343 48.96 -14.50 18.49
N SER D 344 50.19 -14.02 18.57
CA SER D 344 50.53 -12.60 18.40
C SER D 344 49.65 -11.97 17.34
N HIS D 345 49.12 -10.78 17.61
CA HIS D 345 48.26 -10.15 16.64
C HIS D 345 48.45 -8.66 16.49
N ILE D 346 47.91 -8.11 15.42
CA ILE D 346 47.98 -6.70 15.15
C ILE D 346 46.55 -6.28 14.87
N ALA D 347 46.18 -5.03 15.13
CA ALA D 347 44.79 -4.62 14.91
C ALA D 347 44.59 -3.24 14.32
N PHE D 348 43.73 -3.16 13.30
CA PHE D 348 43.45 -1.89 12.66
C PHE D 348 42.42 -1.14 13.44
N GLY D 349 42.49 0.20 13.41
CA GLY D 349 41.46 1.00 14.05
C GLY D 349 41.95 1.62 15.36
N GLN D 350 40.94 2.05 16.12
CA GLN D 350 41.09 2.72 17.41
C GLN D 350 42.01 2.00 18.39
N ALA D 351 42.88 2.76 19.06
CA ALA D 351 43.79 2.21 20.02
C ALA D 351 43.28 2.49 21.43
N TYR D 352 43.11 1.45 22.22
CA TYR D 352 42.62 1.62 23.57
C TYR D 352 43.50 2.67 24.26
N GLN D 353 42.88 3.74 24.75
CA GLN D 353 43.64 4.81 25.40
C GLN D 353 44.34 4.37 26.69
N GLU D 354 44.01 3.16 27.12
CA GLU D 354 44.60 2.56 28.33
C GLU D 354 46.06 2.13 28.04
N ASN D 355 46.54 2.40 26.82
CA ASN D 355 47.89 2.03 26.39
C ASN D 355 48.85 3.19 26.27
N LEU D 356 48.36 4.41 26.39
CA LEU D 356 49.24 5.55 26.34
C LEU D 356 49.47 6.02 27.76
N GLU D 357 50.71 5.87 28.23
CA GLU D 357 51.08 6.26 29.59
C GLU D 357 50.68 7.72 29.85
N GLY D 358 49.94 7.92 30.94
CA GLY D 358 49.49 9.27 31.25
C GLY D 358 48.08 9.47 30.70
N GLY D 362 43.03 14.22 23.72
CA GLY D 362 42.13 14.41 22.60
C GLY D 362 42.94 14.85 21.38
N GLU D 363 43.74 15.91 21.55
CA GLU D 363 44.60 16.44 20.48
C GLU D 363 46.04 16.00 20.71
N ALA D 364 46.44 15.90 21.98
CA ALA D 364 47.79 15.46 22.30
C ALA D 364 47.89 13.94 22.11
N PHE D 365 46.75 13.33 21.77
CA PHE D 365 46.63 11.89 21.52
C PHE D 365 47.09 11.53 20.11
N ARG D 366 46.55 12.25 19.14
CA ARG D 366 46.86 12.10 17.72
C ARG D 366 48.29 12.58 17.48
N LYS D 367 48.90 13.19 18.49
CA LYS D 367 50.28 13.70 18.41
C LYS D 367 51.25 12.70 18.99
N ARG D 368 50.86 12.09 20.10
CA ARG D 368 51.71 11.10 20.73
C ARG D 368 51.73 9.85 19.87
N GLY D 369 50.80 9.77 18.93
CA GLY D 369 50.74 8.62 18.04
C GLY D 369 49.49 7.76 18.15
N GLY D 370 48.54 8.18 18.98
CA GLY D 370 47.32 7.42 19.12
C GLY D 370 46.52 7.43 17.83
N ASN D 371 45.91 6.30 17.51
CA ASN D 371 45.10 6.20 16.30
C ASN D 371 43.63 6.23 16.68
N GLU D 372 42.84 7.00 15.92
CA GLU D 372 41.41 7.13 16.20
C GLU D 372 40.53 6.67 15.04
N SER D 373 39.57 5.81 15.35
CA SER D 373 38.63 5.29 14.35
C SER D 373 37.41 4.60 14.95
N LEU D 374 36.50 4.18 14.09
CA LEU D 374 35.29 3.51 14.51
C LEU D 374 35.45 2.01 14.72
N VAL D 375 36.30 1.40 13.89
CA VAL D 375 36.52 -0.05 13.92
C VAL D 375 37.77 -0.55 14.64
N HIS D 376 37.66 -1.74 15.23
CA HIS D 376 38.79 -2.39 15.91
C HIS D 376 38.81 -3.87 15.50
N VAL D 377 39.55 -4.13 14.42
CA VAL D 377 39.69 -5.46 13.88
C VAL D 377 41.02 -6.05 14.27
N ASP D 378 40.99 -7.22 14.90
CA ASP D 378 42.21 -7.90 15.31
C ASP D 378 42.41 -9.11 14.45
N TRP D 379 43.54 -9.19 13.74
CA TRP D 379 43.82 -10.39 12.97
C TRP D 379 45.15 -10.86 13.39
N MET D 380 45.29 -12.16 13.51
CA MET D 380 46.52 -12.73 13.97
C MET D 380 47.54 -12.89 12.89
N ILE D 381 48.81 -12.72 13.26
CA ILE D 381 49.90 -12.87 12.32
C ILE D 381 50.98 -13.74 12.95
N GLY D 382 50.98 -13.82 14.28
CA GLY D 382 51.99 -14.61 14.95
C GLY D 382 51.82 -16.06 14.59
N SER D 383 52.91 -16.82 14.59
CA SER D 383 52.85 -18.23 14.26
C SER D 383 54.02 -18.95 14.91
N GLU D 384 54.19 -20.21 14.55
CA GLU D 384 55.26 -21.02 15.11
C GLU D 384 56.60 -20.67 14.50
N GLU D 385 56.59 -19.89 13.43
CA GLU D 385 57.84 -19.50 12.77
C GLU D 385 58.00 -18.00 12.66
N MET D 386 57.44 -17.29 13.62
CA MET D 386 57.49 -15.83 13.66
C MET D 386 58.58 -15.33 14.58
N ASP D 387 59.62 -14.73 14.03
CA ASP D 387 60.69 -14.23 14.88
C ASP D 387 60.40 -12.77 15.15
N VAL D 388 60.64 -12.32 16.36
CA VAL D 388 60.39 -10.93 16.68
C VAL D 388 61.55 -10.30 17.45
N ASP D 389 62.01 -9.15 16.98
CA ASP D 389 63.10 -8.42 17.60
C ASP D 389 62.50 -7.12 18.06
N GLY D 390 63.20 -6.39 18.91
CA GLY D 390 62.69 -5.12 19.39
C GLY D 390 63.76 -4.08 19.17
N LEU D 391 63.44 -2.99 18.47
CA LEU D 391 64.45 -1.98 18.17
C LEU D 391 64.40 -0.75 19.03
N TYR D 392 65.56 -0.17 19.27
CA TYR D 392 65.69 1.08 20.05
C TYR D 392 65.71 2.20 19.02
N GLU D 393 65.73 3.47 19.44
CA GLU D 393 65.72 4.54 18.44
C GLU D 393 66.94 4.60 17.53
N ASP D 394 68.03 3.99 17.96
CA ASP D 394 69.27 3.99 17.19
C ASP D 394 69.42 2.80 16.25
N GLY D 395 68.61 1.77 16.45
CA GLY D 395 68.69 0.63 15.57
C GLY D 395 69.11 -0.66 16.27
N THR D 396 69.77 -0.52 17.42
CA THR D 396 70.21 -1.69 18.17
C THR D 396 69.00 -2.57 18.44
N ARG D 397 69.13 -3.85 18.14
CA ARG D 397 68.01 -4.74 18.32
C ARG D 397 68.20 -5.89 19.32
N THR D 398 67.24 -6.01 20.24
CA THR D 398 67.24 -7.03 21.27
C THR D 398 66.23 -8.10 20.88
N PRO D 399 66.67 -9.36 20.78
CA PRO D 399 65.72 -10.41 20.40
C PRO D 399 64.63 -10.58 21.45
N LEU D 400 63.38 -10.64 21.01
CA LEU D 400 62.24 -10.82 21.90
C LEU D 400 61.60 -12.18 21.74
N MET D 401 61.40 -12.63 20.52
CA MET D 401 60.80 -13.92 20.31
C MET D 401 61.45 -14.66 19.16
N ARG D 402 61.45 -15.99 19.25
CA ARG D 402 62.03 -16.83 18.22
C ARG D 402 61.17 -18.05 18.02
N ARG D 403 60.97 -18.43 16.76
CA ARG D 403 60.12 -19.54 16.41
C ARG D 403 58.87 -19.53 17.26
N GLY D 404 58.40 -18.33 17.56
CA GLY D 404 57.19 -18.17 18.34
C GLY D 404 57.34 -18.13 19.84
N ARG D 405 58.49 -18.56 20.35
CA ARG D 405 58.68 -18.59 21.79
C ARG D 405 59.45 -17.40 22.29
N TRP D 406 59.24 -17.10 23.56
CA TRP D 406 59.91 -15.98 24.20
C TRP D 406 61.36 -16.32 24.43
N VAL D 407 62.21 -15.32 24.33
CA VAL D 407 63.60 -15.50 24.66
C VAL D 407 63.99 -14.65 25.84
N VAL D 408 63.04 -13.78 26.16
CA VAL D 408 63.12 -12.82 27.26
C VAL D 408 64.19 -11.77 27.00
N ALA E 3 -0.02 -30.84 10.29
CA ALA E 3 -1.34 -31.19 10.90
C ALA E 3 -1.73 -30.23 12.05
N PHE E 4 -0.95 -30.26 13.13
CA PHE E 4 -1.16 -29.43 14.31
C PHE E 4 -0.23 -28.23 14.18
N LYS E 5 0.85 -28.45 13.44
CA LYS E 5 1.83 -27.41 13.19
C LYS E 5 1.11 -26.32 12.39
N ARG E 6 0.05 -26.72 11.67
CA ARG E 6 -0.72 -25.79 10.86
C ARG E 6 -1.57 -24.91 11.76
N ASN E 7 -1.76 -25.34 13.00
CA ASN E 7 -2.55 -24.57 13.97
C ASN E 7 -1.59 -23.64 14.70
N LEU E 8 -0.60 -24.25 15.34
CA LEU E 8 0.44 -23.53 16.08
C LEU E 8 0.81 -22.29 15.30
N GLU E 9 0.87 -22.43 13.99
CA GLU E 9 1.22 -21.31 13.12
C GLU E 9 0.13 -20.26 13.24
N LYS E 10 -1.11 -20.65 12.97
CA LYS E 10 -2.23 -19.71 13.03
C LYS E 10 -2.25 -18.99 14.35
N LEU E 11 -2.11 -19.75 15.44
CA LEU E 11 -2.11 -19.14 16.75
C LEU E 11 -1.12 -17.98 16.68
N ALA E 12 0.14 -18.32 16.48
CA ALA E 12 1.20 -17.34 16.40
C ALA E 12 0.85 -16.23 15.42
N GLU E 13 0.56 -16.63 14.19
CA GLU E 13 0.19 -15.69 13.14
C GLU E 13 -0.82 -14.68 13.68
N LEU E 14 -1.82 -15.21 14.38
CA LEU E 14 -2.89 -14.42 14.97
C LEU E 14 -2.41 -13.47 16.06
N ALA E 15 -1.61 -13.99 16.98
CA ALA E 15 -1.09 -13.20 18.08
C ALA E 15 -0.69 -11.81 17.60
N ILE E 16 -0.29 -11.72 16.34
CA ILE E 16 0.17 -10.47 15.77
C ILE E 16 -0.84 -9.65 14.97
N ARG E 17 -1.45 -10.26 13.95
CA ARG E 17 -2.44 -9.57 13.10
C ARG E 17 -3.74 -9.17 13.84
N VAL E 18 -3.93 -9.72 15.04
CA VAL E 18 -5.11 -9.43 15.85
C VAL E 18 -4.81 -9.04 17.28
N GLY E 19 -3.96 -9.81 17.95
CA GLY E 19 -3.60 -9.51 19.31
C GLY E 19 -2.97 -8.12 19.40
N LEU E 20 -1.91 -7.87 18.63
CA LEU E 20 -1.22 -6.59 18.63
C LEU E 20 -1.70 -5.64 17.55
N ASN E 21 -2.09 -6.20 16.41
CA ASN E 21 -2.52 -5.41 15.26
C ASN E 21 -1.30 -4.56 14.90
N LEU E 22 -0.14 -5.20 15.05
CA LEU E 22 1.17 -4.60 14.80
C LEU E 22 1.25 -3.79 13.53
N GLU E 23 1.64 -2.53 13.68
CA GLU E 23 1.78 -1.63 12.53
C GLU E 23 3.24 -1.70 12.04
N LYS E 24 3.40 -1.70 10.73
CA LYS E 24 4.72 -1.77 10.10
C LYS E 24 5.75 -0.82 10.72
N GLY E 25 6.95 -1.33 10.95
CA GLY E 25 8.03 -0.52 11.49
C GLY E 25 7.89 -0.24 12.97
N GLN E 26 7.18 -1.12 13.66
CA GLN E 26 6.98 -0.99 15.09
C GLN E 26 7.82 -2.06 15.78
N GLU E 27 8.58 -1.67 16.81
CA GLU E 27 9.42 -2.61 17.53
C GLU E 27 8.51 -3.50 18.34
N VAL E 28 9.00 -4.66 18.76
CA VAL E 28 8.16 -5.55 19.54
C VAL E 28 8.90 -6.16 20.71
N ILE E 29 8.76 -5.60 21.90
CA ILE E 29 9.41 -6.15 23.07
C ILE E 29 8.52 -7.27 23.51
N ALA E 30 9.09 -8.39 23.94
CA ALA E 30 8.24 -9.49 24.36
C ALA E 30 8.80 -10.16 25.60
N THR E 31 7.89 -10.50 26.52
CA THR E 31 8.27 -11.17 27.75
C THR E 31 7.89 -12.64 27.50
N ALA E 32 8.72 -13.57 27.95
CA ALA E 32 8.38 -14.96 27.75
C ALA E 32 9.24 -15.86 28.60
N PRO E 33 8.82 -17.11 28.77
CA PRO E 33 9.53 -18.11 29.57
C PRO E 33 10.58 -18.87 28.78
N ILE E 34 11.80 -18.82 29.32
CA ILE E 34 12.97 -19.47 28.76
C ILE E 34 12.75 -20.89 28.23
N GLU E 35 11.60 -21.45 28.58
CA GLU E 35 11.31 -22.82 28.17
C GLU E 35 10.42 -22.92 26.96
N ALA E 36 10.11 -21.78 26.33
CA ALA E 36 9.25 -21.82 25.14
C ALA E 36 9.85 -21.06 23.98
N VAL E 37 11.18 -21.07 23.92
CA VAL E 37 11.91 -20.39 22.87
C VAL E 37 11.30 -20.65 21.52
N ASP E 38 11.25 -21.94 21.16
CA ASP E 38 10.71 -22.36 19.87
C ASP E 38 9.49 -21.58 19.47
N PHE E 39 8.68 -21.22 20.46
CA PHE E 39 7.46 -20.46 20.18
C PHE E 39 7.86 -19.03 19.84
N VAL E 40 8.62 -18.41 20.74
CA VAL E 40 9.06 -17.03 20.53
C VAL E 40 9.43 -16.84 19.07
N ARG E 41 10.35 -17.66 18.60
CA ARG E 41 10.80 -17.59 17.22
C ARG E 41 9.62 -17.62 16.27
N LEU E 42 8.78 -18.64 16.41
CA LEU E 42 7.59 -18.79 15.57
C LEU E 42 6.91 -17.44 15.49
N LEU E 43 6.73 -16.81 16.65
CA LEU E 43 6.08 -15.52 16.71
C LEU E 43 6.93 -14.52 15.94
N ALA E 44 8.15 -14.29 16.42
CA ALA E 44 9.08 -13.37 15.78
C ALA E 44 8.91 -13.42 14.28
N GLU E 45 9.16 -14.58 13.71
CA GLU E 45 9.01 -14.75 12.27
C GLU E 45 7.79 -14.02 11.76
N LYS E 46 6.63 -14.35 12.33
CA LYS E 46 5.37 -13.74 11.96
C LYS E 46 5.32 -12.26 12.31
N ALA E 47 6.03 -11.90 13.37
CA ALA E 47 6.08 -10.52 13.78
C ALA E 47 6.71 -9.75 12.65
N TYR E 48 7.88 -10.21 12.23
CA TYR E 48 8.62 -9.55 11.13
C TYR E 48 7.87 -9.67 9.80
N ARG E 49 7.28 -10.82 9.51
CA ARG E 49 6.55 -10.99 8.26
C ARG E 49 5.44 -9.98 8.14
N GLU E 50 5.12 -9.33 9.25
CA GLU E 50 4.05 -8.34 9.29
C GLU E 50 4.52 -6.90 9.30
N GLY E 51 5.82 -6.67 9.42
CA GLY E 51 6.35 -5.33 9.43
C GLY E 51 7.29 -5.07 10.58
N ALA E 52 7.18 -5.88 11.61
CA ALA E 52 8.03 -5.72 12.78
C ALA E 52 9.44 -5.34 12.36
N SER E 53 9.97 -4.29 12.98
CA SER E 53 11.29 -3.83 12.66
C SER E 53 12.34 -4.33 13.66
N LEU E 54 11.90 -5.01 14.71
CA LEU E 54 12.81 -5.55 15.73
C LEU E 54 12.13 -6.32 16.85
N PHE E 55 12.41 -7.62 16.92
CA PHE E 55 11.83 -8.50 17.92
C PHE E 55 12.83 -8.74 19.03
N THR E 56 12.66 -8.07 20.17
CA THR E 56 13.58 -8.25 21.30
C THR E 56 12.88 -9.02 22.42
N VAL E 57 13.40 -10.17 22.82
CA VAL E 57 12.74 -10.92 23.88
C VAL E 57 13.56 -11.07 25.11
N ILE E 58 12.90 -10.94 26.24
CA ILE E 58 13.57 -11.09 27.50
C ILE E 58 13.02 -12.32 28.16
N TYR E 59 13.84 -13.37 28.22
CA TYR E 59 13.38 -14.60 28.82
C TYR E 59 13.46 -14.62 30.34
N GLY E 60 12.43 -15.19 30.94
CA GLY E 60 12.37 -15.31 32.38
C GLY E 60 12.37 -16.78 32.79
N ASP E 61 13.50 -17.21 33.36
CA ASP E 61 13.66 -18.58 33.83
C ASP E 61 13.30 -18.64 35.31
N GLN E 62 12.51 -19.63 35.69
CA GLN E 62 12.10 -19.78 37.07
C GLN E 62 13.18 -20.49 37.84
N GLU E 63 13.85 -21.43 37.19
CA GLU E 63 14.94 -22.16 37.82
C GLU E 63 15.98 -21.14 38.29
N LEU E 64 16.10 -20.05 37.55
CA LEU E 64 17.06 -18.99 37.89
C LEU E 64 16.68 -18.35 39.21
N ALA E 65 15.40 -18.00 39.35
CA ALA E 65 14.94 -17.40 40.59
C ALA E 65 14.94 -18.49 41.67
N ARG E 66 14.62 -19.72 41.26
CA ARG E 66 14.57 -20.84 42.18
C ARG E 66 15.93 -20.96 42.88
N LYS E 67 16.99 -20.84 42.11
CA LYS E 67 18.33 -20.95 42.68
C LYS E 67 18.69 -19.69 43.43
N ARG E 68 17.99 -18.61 43.14
CA ARG E 68 18.27 -17.35 43.83
C ARG E 68 17.84 -17.45 45.30
N LEU E 69 16.52 -17.58 45.49
CA LEU E 69 15.92 -17.70 46.82
C LEU E 69 16.65 -18.68 47.73
N ALA E 70 17.05 -19.83 47.17
CA ALA E 70 17.72 -20.87 47.94
C ALA E 70 19.19 -20.65 48.24
N LEU E 71 19.86 -19.77 47.47
CA LEU E 71 21.29 -19.54 47.66
C LEU E 71 21.70 -18.08 47.92
N ALA E 72 20.88 -17.15 47.44
CA ALA E 72 21.16 -15.73 47.63
C ALA E 72 21.13 -15.35 49.10
N PRO E 73 21.87 -14.31 49.47
CA PRO E 73 21.88 -13.89 50.87
C PRO E 73 20.62 -13.08 51.22
N GLU E 74 20.09 -13.30 52.43
CA GLU E 74 18.91 -12.57 52.89
C GLU E 74 19.26 -11.08 52.96
N GLU E 75 18.24 -10.22 53.12
CA GLU E 75 18.45 -8.78 53.20
C GLU E 75 19.23 -8.33 51.94
N GLY E 76 19.23 -9.22 50.94
CA GLY E 76 19.88 -8.97 49.67
C GLY E 76 18.92 -9.19 48.52
N LEU E 77 17.83 -9.91 48.78
CA LEU E 77 16.84 -10.18 47.75
C LEU E 77 16.12 -8.91 47.33
N ASP E 78 16.13 -7.92 48.22
CA ASP E 78 15.46 -6.65 47.99
C ASP E 78 15.90 -5.95 46.69
N LYS E 79 16.67 -6.66 45.86
CA LYS E 79 17.16 -6.11 44.58
C LYS E 79 16.22 -6.36 43.41
N ALA E 80 16.12 -5.36 42.55
CA ALA E 80 15.25 -5.46 41.40
C ALA E 80 15.89 -4.97 40.11
N PRO E 81 15.44 -5.53 38.97
CA PRO E 81 15.93 -5.18 37.63
C PRO E 81 15.32 -3.84 37.27
N ALA E 82 15.55 -2.85 38.12
CA ALA E 82 15.02 -1.51 37.91
C ALA E 82 15.35 -1.02 36.51
N TRP E 83 16.65 -0.94 36.21
CA TRP E 83 17.12 -0.47 34.91
C TRP E 83 16.37 -1.10 33.76
N LEU E 84 16.26 -2.42 33.77
CA LEU E 84 15.56 -3.11 32.70
C LEU E 84 14.12 -2.63 32.54
N TYR E 85 13.35 -2.77 33.60
CA TYR E 85 11.95 -2.38 33.60
C TYR E 85 11.78 -0.90 33.22
N GLU E 86 12.47 -0.01 33.94
CA GLU E 86 12.38 1.42 33.67
C GLU E 86 12.70 1.70 32.20
N GLY E 87 13.50 0.83 31.62
CA GLY E 87 13.86 0.98 30.22
C GLY E 87 12.69 0.53 29.34
N MET E 88 12.11 -0.61 29.69
CA MET E 88 10.98 -1.14 28.94
C MET E 88 9.88 -0.10 28.89
N ALA E 89 9.78 0.68 29.95
CA ALA E 89 8.78 1.72 30.02
C ALA E 89 9.03 2.67 28.88
N ARG E 90 10.19 3.34 28.93
CA ARG E 90 10.58 4.31 27.90
C ARG E 90 10.21 3.77 26.53
N ALA E 91 10.68 2.56 26.25
CA ALA E 91 10.41 1.90 24.98
C ALA E 91 8.94 1.94 24.64
N PHE E 92 8.10 1.61 25.62
CA PHE E 92 6.66 1.60 25.46
C PHE E 92 6.13 2.98 25.10
N ARG E 93 6.45 3.95 25.95
CA ARG E 93 5.99 5.32 25.72
C ARG E 93 6.43 5.87 24.34
N GLU E 94 7.60 5.42 23.87
CA GLU E 94 8.15 5.85 22.58
C GLU E 94 7.50 5.16 21.38
N GLY E 95 6.55 4.26 21.63
CA GLY E 95 5.85 3.57 20.55
C GLY E 95 6.04 2.07 20.38
N ALA E 96 6.96 1.47 21.13
CA ALA E 96 7.23 0.04 21.04
C ALA E 96 6.10 -0.86 21.55
N ALA E 97 5.62 -1.74 20.68
CA ALA E 97 4.55 -2.68 21.03
C ALA E 97 5.05 -3.60 22.12
N ARG E 98 4.15 -4.35 22.75
CA ARG E 98 4.55 -5.25 23.83
C ARG E 98 3.80 -6.58 23.88
N LEU E 99 4.41 -7.58 23.29
CA LEU E 99 3.87 -8.92 23.27
C LEU E 99 4.32 -9.53 24.57
N ALA E 100 3.68 -10.60 24.98
CA ALA E 100 4.05 -11.25 26.21
C ALA E 100 3.47 -12.65 26.22
N VAL E 101 4.35 -13.64 26.27
CA VAL E 101 3.94 -15.02 26.29
C VAL E 101 3.72 -15.43 27.73
N SER E 102 2.57 -16.03 28.02
CA SER E 102 2.25 -16.47 29.37
C SER E 102 1.99 -17.97 29.43
N GLY E 103 2.18 -18.53 30.62
CA GLY E 103 2.00 -19.94 30.82
C GLY E 103 3.07 -20.34 31.80
N SER E 104 2.78 -20.17 33.08
CA SER E 104 3.73 -20.51 34.10
C SER E 104 3.30 -21.71 34.94
N ASP E 105 4.27 -22.31 35.62
CA ASP E 105 4.07 -23.47 36.48
C ASP E 105 3.85 -22.98 37.90
N PRO E 106 2.61 -23.07 38.40
CA PRO E 106 2.29 -22.62 39.76
C PRO E 106 3.20 -23.23 40.81
N LYS E 107 3.48 -24.51 40.66
CA LYS E 107 4.32 -25.23 41.61
C LYS E 107 5.84 -25.18 41.39
N ALA E 108 6.35 -24.01 40.98
CA ALA E 108 7.78 -23.83 40.73
C ALA E 108 8.44 -23.33 42.02
N LEU E 109 7.71 -22.50 42.73
CA LEU E 109 8.23 -21.95 43.98
C LEU E 109 7.79 -22.81 45.17
N GLU E 110 7.33 -24.02 44.87
CA GLU E 110 6.89 -24.91 45.93
C GLU E 110 8.10 -25.45 46.69
N GLY E 111 7.96 -25.58 48.00
CA GLY E 111 9.03 -26.10 48.82
C GLY E 111 10.03 -25.05 49.25
N LEU E 112 9.65 -23.79 49.04
CA LEU E 112 10.50 -22.65 49.40
C LEU E 112 9.80 -21.69 50.37
N PRO E 113 10.54 -21.21 51.41
CA PRO E 113 10.02 -20.28 52.43
C PRO E 113 9.31 -19.05 51.85
N PRO E 114 7.96 -19.06 51.89
CA PRO E 114 7.05 -18.01 51.40
C PRO E 114 7.34 -16.60 51.95
N GLU E 115 8.07 -16.58 53.06
CA GLU E 115 8.43 -15.33 53.69
C GLU E 115 9.34 -14.55 52.76
N LYS E 116 10.30 -15.27 52.17
CA LYS E 116 11.27 -14.70 51.24
C LYS E 116 10.65 -14.37 49.88
N VAL E 117 10.05 -15.38 49.25
CA VAL E 117 9.40 -15.23 47.93
C VAL E 117 8.63 -13.94 47.84
N GLY E 118 7.98 -13.57 48.95
CA GLY E 118 7.24 -12.33 48.98
C GLY E 118 8.26 -11.19 48.95
N ARG E 119 9.18 -11.23 49.91
CA ARG E 119 10.23 -10.22 50.04
C ARG E 119 10.92 -9.89 48.70
N ALA E 120 10.90 -10.86 47.78
CA ALA E 120 11.51 -10.70 46.46
C ALA E 120 10.56 -10.12 45.42
N GLN E 121 9.31 -10.60 45.41
CA GLN E 121 8.31 -10.14 44.45
C GLN E 121 7.80 -8.74 44.84
N LYS E 122 7.77 -8.48 46.14
CA LYS E 122 7.32 -7.19 46.64
C LYS E 122 8.29 -6.11 46.18
N ALA E 123 9.52 -6.52 45.91
CA ALA E 123 10.56 -5.59 45.45
C ALA E 123 10.53 -5.51 43.93
N ASN E 124 10.19 -6.63 43.29
CA ASN E 124 10.12 -6.69 41.85
C ASN E 124 9.03 -5.72 41.38
N ALA E 125 7.81 -5.96 41.84
CA ALA E 125 6.69 -5.11 41.47
C ALA E 125 6.99 -3.64 41.73
N ARG E 126 7.88 -3.37 42.69
CA ARG E 126 8.28 -1.99 43.05
C ARG E 126 9.04 -1.27 41.94
N ALA E 127 9.84 -2.02 41.18
CA ALA E 127 10.61 -1.45 40.09
C ALA E 127 9.83 -1.52 38.81
N TYR E 128 9.08 -2.60 38.63
CA TYR E 128 8.30 -2.81 37.41
C TYR E 128 7.17 -1.81 37.24
N LYS E 129 6.66 -1.30 38.35
CA LYS E 129 5.55 -0.35 38.35
C LYS E 129 5.45 0.61 37.14
N PRO E 130 6.48 1.46 36.91
CA PRO E 130 6.39 2.38 35.77
C PRO E 130 6.12 1.70 34.45
N ALA E 131 6.49 0.43 34.34
CA ALA E 131 6.24 -0.30 33.13
C ALA E 131 4.75 -0.62 33.11
N LEU E 132 4.31 -1.35 34.13
CA LEU E 132 2.92 -1.73 34.29
C LEU E 132 2.04 -0.57 33.88
N GLU E 133 2.26 0.58 34.53
CA GLU E 133 1.50 1.79 34.25
C GLU E 133 1.39 2.06 32.75
N ALA E 134 2.53 1.91 32.07
CA ALA E 134 2.60 2.14 30.63
C ALA E 134 1.66 1.19 29.87
N ILE E 135 1.46 -0.02 30.42
CA ILE E 135 0.60 -1.04 29.81
C ILE E 135 -0.85 -0.94 30.30
N THR E 136 -1.02 -0.78 31.63
CA THR E 136 -2.35 -0.67 32.24
C THR E 136 -3.08 0.43 31.51
N GLU E 137 -2.37 1.57 31.40
CA GLU E 137 -2.87 2.74 30.70
C GLU E 137 -2.41 2.57 29.26
N PHE E 138 -3.27 1.96 28.45
CA PHE E 138 -2.96 1.68 27.06
C PHE E 138 -2.26 2.81 26.31
N VAL E 139 -0.94 2.69 26.18
CA VAL E 139 -0.17 3.69 25.46
C VAL E 139 0.29 3.05 24.16
N THR E 140 0.70 1.79 24.23
CA THR E 140 1.12 1.05 23.04
C THR E 140 0.20 -0.14 22.91
N ASN E 141 0.22 -0.77 21.74
CA ASN E 141 -0.63 -1.93 21.54
C ASN E 141 0.08 -3.16 22.08
N TRP E 142 -0.48 -3.76 23.13
CA TRP E 142 0.10 -4.96 23.73
C TRP E 142 -0.87 -6.12 23.74
N THR E 143 -0.34 -7.32 23.95
CA THR E 143 -1.15 -8.53 23.98
C THR E 143 -0.55 -9.55 24.91
N ILE E 144 -1.21 -10.70 25.00
CA ILE E 144 -0.73 -11.77 25.83
C ILE E 144 -1.13 -13.10 25.24
N VAL E 145 -0.19 -13.79 24.59
CA VAL E 145 -0.49 -15.10 24.03
C VAL E 145 0.10 -16.08 24.98
N PRO E 146 -0.49 -17.27 25.07
CA PRO E 146 -0.03 -18.31 25.97
C PRO E 146 0.18 -19.68 25.35
N PHE E 147 1.27 -20.37 25.69
CA PHE E 147 1.43 -21.75 25.21
C PHE E 147 2.00 -22.63 26.30
N ALA E 148 1.71 -23.92 26.16
CA ALA E 148 2.12 -24.99 27.06
C ALA E 148 3.31 -24.71 27.93
N HIS E 149 3.56 -25.64 28.83
CA HIS E 149 4.64 -25.50 29.75
C HIS E 149 4.49 -26.71 30.65
N PRO E 150 5.57 -27.49 30.79
CA PRO E 150 5.57 -28.69 31.64
C PRO E 150 5.23 -28.38 33.11
N GLY E 151 4.69 -27.19 33.32
CA GLY E 151 4.30 -26.76 34.65
C GLY E 151 2.82 -26.43 34.58
N TRP E 152 2.29 -26.69 33.41
CA TRP E 152 0.89 -26.49 33.14
C TRP E 152 0.24 -27.75 32.73
N ALA E 153 0.75 -28.30 31.64
CA ALA E 153 0.23 -29.54 31.16
C ALA E 153 0.44 -30.53 32.32
N ARG E 154 1.40 -30.21 33.18
CA ARG E 154 1.69 -31.08 34.32
C ARG E 154 0.78 -30.76 35.50
N ALA E 155 0.04 -29.66 35.41
CA ALA E 155 -0.86 -29.30 36.48
C ALA E 155 -2.33 -29.38 36.04
N VAL E 156 -2.61 -28.99 34.81
CA VAL E 156 -3.97 -29.05 34.27
C VAL E 156 -4.41 -30.50 34.21
N PHE E 157 -3.59 -31.33 33.57
CA PHE E 157 -3.86 -32.75 33.47
C PHE E 157 -2.83 -33.48 34.31
N PRO E 158 -3.27 -34.30 35.26
CA PRO E 158 -2.21 -34.99 36.00
C PRO E 158 -1.96 -36.31 35.28
N GLY E 159 -2.18 -36.30 33.94
CA GLY E 159 -2.01 -37.45 33.08
C GLY E 159 -0.56 -37.76 32.72
N LEU E 160 0.05 -38.51 33.64
CA LEU E 160 1.48 -38.93 33.52
C LEU E 160 2.18 -38.29 32.24
N PRO E 161 1.99 -38.89 31.04
CA PRO E 161 2.63 -38.37 29.80
C PRO E 161 2.81 -36.83 29.84
N GLU E 162 4.04 -36.38 30.10
CA GLU E 162 4.34 -34.95 30.09
C GLU E 162 4.38 -34.60 28.60
N GLU E 163 5.02 -35.45 27.79
CA GLU E 163 5.09 -35.26 26.35
C GLU E 163 3.69 -35.10 25.83
N GLU E 164 2.77 -35.84 26.46
CA GLU E 164 1.37 -35.84 26.04
C GLU E 164 0.47 -34.88 26.81
N ALA E 165 0.91 -34.41 27.97
CA ALA E 165 0.10 -33.46 28.70
C ALA E 165 0.04 -32.22 27.82
N VAL E 166 1.21 -31.77 27.37
CA VAL E 166 1.31 -30.63 26.49
C VAL E 166 0.45 -30.96 25.28
N ARG E 167 0.66 -32.17 24.76
CA ARG E 167 -0.07 -32.70 23.60
C ARG E 167 -1.58 -32.42 23.71
N ARG E 168 -2.08 -32.33 24.94
CA ARG E 168 -3.49 -32.10 25.18
C ARG E 168 -3.67 -30.59 25.34
N LEU E 169 -3.02 -30.06 26.36
CA LEU E 169 -3.07 -28.65 26.66
C LEU E 169 -2.82 -27.79 25.43
N TRP E 170 -1.77 -28.13 24.67
CA TRP E 170 -1.48 -27.35 23.50
C TRP E 170 -2.73 -27.26 22.63
N GLU E 171 -3.53 -28.32 22.67
CA GLU E 171 -4.73 -28.40 21.85
C GLU E 171 -5.89 -27.64 22.43
N ALA E 172 -5.89 -27.51 23.75
CA ALA E 172 -6.97 -26.80 24.42
C ALA E 172 -6.89 -25.34 23.99
N ILE E 173 -5.67 -24.84 23.90
CA ILE E 173 -5.42 -23.48 23.50
C ILE E 173 -5.81 -23.19 22.09
N PHE E 174 -5.71 -24.18 21.23
CA PHE E 174 -6.07 -23.98 19.83
C PHE E 174 -7.59 -23.78 19.68
N GLN E 175 -8.33 -24.06 20.75
CA GLN E 175 -9.77 -23.86 20.75
C GLN E 175 -10.08 -22.56 21.48
N ALA E 176 -9.52 -22.42 22.66
CA ALA E 176 -9.74 -21.22 23.45
C ALA E 176 -9.32 -19.95 22.75
N THR E 177 -8.31 -20.05 21.90
CA THR E 177 -7.80 -18.88 21.18
C THR E 177 -8.46 -18.75 19.83
N PRO E 184 -8.58 -17.61 10.71
CA PRO E 184 -8.77 -17.10 12.06
C PRO E 184 -8.91 -15.58 12.19
N ILE E 185 -7.96 -14.82 11.66
CA ILE E 185 -8.04 -13.36 11.75
C ILE E 185 -9.43 -12.89 11.34
N ALA E 186 -10.02 -13.61 10.39
CA ALA E 186 -11.34 -13.30 9.88
C ALA E 186 -12.48 -13.79 10.80
N ALA E 187 -12.12 -14.64 11.77
CA ALA E 187 -13.09 -15.15 12.74
C ALA E 187 -13.03 -14.22 13.95
N TRP E 188 -11.84 -13.70 14.22
CA TRP E 188 -11.60 -12.79 15.32
C TRP E 188 -12.05 -11.40 14.96
N GLU E 189 -12.05 -11.10 13.67
CA GLU E 189 -12.47 -9.80 13.20
C GLU E 189 -13.98 -9.73 13.40
N ALA E 190 -14.66 -10.83 13.09
CA ALA E 190 -16.12 -10.91 13.23
C ALA E 190 -16.53 -11.34 14.64
N HIS E 191 -15.57 -11.39 15.55
CA HIS E 191 -15.86 -11.78 16.92
C HIS E 191 -15.80 -10.51 17.76
N ASN E 192 -14.85 -9.64 17.45
CA ASN E 192 -14.74 -8.41 18.19
C ASN E 192 -15.91 -7.54 17.82
N ARG E 193 -16.48 -7.78 16.64
CA ARG E 193 -17.64 -7.01 16.20
C ARG E 193 -18.83 -7.60 16.94
N ALA E 194 -18.91 -8.93 16.93
CA ALA E 194 -19.99 -9.63 17.60
C ALA E 194 -20.05 -9.27 19.08
N LEU E 195 -18.94 -8.77 19.62
CA LEU E 195 -18.84 -8.36 21.02
C LEU E 195 -19.25 -6.91 21.15
N HIS E 196 -18.48 -6.03 20.53
CA HIS E 196 -18.77 -4.61 20.60
C HIS E 196 -20.24 -4.38 20.37
N GLU E 197 -20.94 -5.35 19.78
CA GLU E 197 -22.38 -5.19 19.57
C GLU E 197 -23.11 -5.43 20.87
N LYS E 198 -22.84 -6.55 21.53
CA LYS E 198 -23.47 -6.82 22.81
C LYS E 198 -23.08 -5.71 23.75
N VAL E 199 -21.83 -5.28 23.69
CA VAL E 199 -21.39 -4.21 24.57
C VAL E 199 -22.14 -2.92 24.28
N ALA E 200 -22.65 -2.79 23.06
CA ALA E 200 -23.39 -1.59 22.70
C ALA E 200 -24.79 -1.71 23.25
N TYR E 201 -25.37 -2.89 23.07
CA TYR E 201 -26.70 -3.16 23.58
C TYR E 201 -26.72 -2.86 25.06
N LEU E 202 -26.02 -3.68 25.82
CA LEU E 202 -25.98 -3.54 27.27
C LEU E 202 -25.78 -2.13 27.81
N ASN E 203 -25.12 -1.28 27.05
CA ASN E 203 -24.87 0.09 27.51
C ASN E 203 -26.06 0.98 27.24
N ALA E 204 -26.69 0.75 26.10
CA ALA E 204 -27.83 1.52 25.68
C ALA E 204 -29.08 1.22 26.50
N ARG E 205 -29.42 -0.05 26.64
CA ARG E 205 -30.61 -0.40 27.40
C ARG E 205 -30.53 0.21 28.79
N ARG E 206 -29.32 0.49 29.24
CA ARG E 206 -29.10 1.10 30.55
C ARG E 206 -29.94 0.43 31.63
N PHE E 207 -29.67 -0.84 31.91
CA PHE E 207 -30.40 -1.60 32.92
C PHE E 207 -30.25 -1.07 34.33
N HIS E 208 -31.00 -1.64 35.25
CA HIS E 208 -30.92 -1.24 36.65
C HIS E 208 -30.38 -2.41 37.40
N ALA E 209 -30.51 -3.59 36.80
CA ALA E 209 -30.02 -4.80 37.43
C ALA E 209 -30.29 -6.01 36.58
N LEU E 210 -29.49 -7.06 36.80
CA LEU E 210 -29.65 -8.30 36.08
C LEU E 210 -30.24 -9.29 37.03
N HIS E 211 -30.86 -10.34 36.51
CA HIS E 211 -31.47 -11.33 37.38
C HIS E 211 -31.13 -12.73 36.92
N PHE E 212 -30.21 -13.38 37.63
CA PHE E 212 -29.81 -14.73 37.28
C PHE E 212 -30.74 -15.71 37.93
N LYS E 213 -31.15 -16.73 37.19
CA LYS E 213 -32.03 -17.76 37.74
C LYS E 213 -31.64 -19.09 37.13
N GLY E 214 -31.56 -20.10 37.97
CA GLY E 214 -31.20 -21.41 37.48
C GLY E 214 -31.29 -22.41 38.62
N PRO E 215 -30.69 -23.58 38.46
CA PRO E 215 -30.73 -24.60 39.51
C PRO E 215 -29.93 -24.15 40.71
N GLY E 216 -30.62 -23.75 41.77
CA GLY E 216 -29.95 -23.34 42.98
C GLY E 216 -29.56 -21.88 42.97
N THR E 217 -29.84 -21.18 41.89
CA THR E 217 -29.48 -19.78 41.83
C THR E 217 -30.66 -18.85 41.62
N ASP E 218 -30.62 -17.74 42.33
CA ASP E 218 -31.60 -16.68 42.29
C ASP E 218 -31.05 -15.39 42.85
N LEU E 219 -30.31 -14.68 42.01
CA LEU E 219 -29.65 -13.46 42.42
C LEU E 219 -30.08 -12.25 41.62
N VAL E 220 -30.26 -11.14 42.31
CA VAL E 220 -30.62 -9.92 41.63
C VAL E 220 -29.44 -9.00 41.75
N VAL E 221 -28.53 -9.11 40.81
CA VAL E 221 -27.34 -8.27 40.78
C VAL E 221 -27.70 -6.90 40.27
N GLY E 222 -27.84 -5.96 41.18
CA GLY E 222 -28.17 -4.61 40.76
C GLY E 222 -27.00 -4.14 39.94
N LEU E 223 -27.05 -2.93 39.41
CA LEU E 223 -25.93 -2.43 38.63
C LEU E 223 -25.59 -1.04 39.11
N ALA E 224 -24.32 -0.68 39.03
CA ALA E 224 -23.86 0.63 39.46
C ALA E 224 -24.51 1.73 38.66
N GLU E 225 -24.50 2.94 39.23
CA GLU E 225 -25.10 4.09 38.58
C GLU E 225 -24.19 4.60 37.47
N GLY E 226 -24.78 4.85 36.30
CA GLY E 226 -23.96 5.31 35.19
C GLY E 226 -22.88 4.28 34.93
N HIS E 227 -23.23 3.03 35.13
CA HIS E 227 -22.31 1.93 34.93
C HIS E 227 -21.93 1.93 33.48
N LEU E 228 -20.95 1.11 33.12
CA LEU E 228 -20.50 1.03 31.74
C LEU E 228 -19.93 -0.35 31.42
N TRP E 229 -20.53 -0.99 30.42
CA TRP E 229 -20.13 -2.33 30.00
C TRP E 229 -18.90 -2.35 29.11
N GLN E 230 -17.94 -3.21 29.45
CA GLN E 230 -16.71 -3.35 28.70
C GLN E 230 -16.69 -4.72 28.04
N GLY E 231 -15.85 -4.88 27.02
CA GLY E 231 -15.75 -6.17 26.34
C GLY E 231 -15.07 -6.17 24.99
N GLY E 232 -14.23 -7.16 24.76
CA GLY E 232 -13.55 -7.28 23.48
C GLY E 232 -12.27 -6.49 23.32
N ALA E 233 -12.16 -5.77 22.19
CA ALA E 233 -11.00 -4.94 21.84
C ALA E 233 -11.00 -3.60 22.56
N THR E 234 -9.83 -3.19 23.07
CA THR E 234 -9.69 -1.94 23.80
C THR E 234 -9.02 -0.84 22.96
N ALA E 235 -9.23 0.42 23.36
CA ALA E 235 -8.65 1.57 22.68
C ALA E 235 -7.31 1.97 23.34
N THR E 236 -6.28 2.14 22.52
CA THR E 236 -4.95 2.49 23.01
C THR E 236 -4.58 3.93 22.64
N LYS E 237 -4.61 4.80 23.65
CA LYS E 237 -4.32 6.23 23.53
C LYS E 237 -4.88 6.83 22.21
N GLY E 238 -6.14 7.30 22.29
CA GLY E 238 -6.86 7.88 21.16
C GLY E 238 -7.73 6.86 20.42
N GLY E 239 -7.16 6.30 19.34
CA GLY E 239 -7.85 5.30 18.54
C GLY E 239 -6.82 4.25 18.12
N ARG E 240 -6.82 3.10 18.80
CA ARG E 240 -5.90 2.00 18.49
C ARG E 240 -6.39 0.73 19.18
N LEU E 241 -6.73 -0.29 18.39
CA LEU E 241 -7.24 -1.56 18.91
C LEU E 241 -6.15 -2.55 19.38
N CYS E 242 -6.54 -3.52 20.20
CA CYS E 242 -5.63 -4.54 20.71
C CYS E 242 -6.38 -5.41 21.71
N ASN E 243 -6.34 -6.73 21.51
CA ASN E 243 -7.00 -7.66 22.41
C ASN E 243 -6.02 -8.10 23.50
N PRO E 244 -6.18 -7.54 24.71
CA PRO E 244 -5.35 -7.81 25.88
C PRO E 244 -5.34 -9.31 26.20
N ASN E 245 -6.52 -9.88 26.32
CA ASN E 245 -6.63 -11.29 26.62
C ASN E 245 -6.90 -12.01 25.30
N LEU E 246 -6.25 -13.15 25.11
CA LEU E 246 -6.43 -13.90 23.88
C LEU E 246 -7.67 -14.73 23.86
N PRO E 247 -7.98 -15.46 24.93
CA PRO E 247 -9.17 -16.31 24.99
C PRO E 247 -10.47 -15.49 24.95
N THR E 248 -10.46 -14.35 25.65
CA THR E 248 -11.56 -13.36 25.80
C THR E 248 -12.85 -13.82 25.10
N GLU E 249 -13.91 -13.94 25.90
CA GLU E 249 -15.24 -14.33 25.44
C GLU E 249 -16.27 -13.59 26.30
N GLU E 250 -15.77 -12.84 27.29
CA GLU E 250 -16.62 -12.12 28.23
C GLU E 250 -16.95 -10.68 27.91
N VAL E 251 -17.95 -10.22 28.64
CA VAL E 251 -18.47 -8.84 28.67
C VAL E 251 -18.88 -8.44 30.08
N PHE E 252 -18.50 -7.26 30.57
CA PHE E 252 -18.81 -7.06 31.98
C PHE E 252 -18.91 -5.59 32.32
N THR E 253 -19.27 -5.39 33.59
CA THR E 253 -19.41 -4.08 34.18
C THR E 253 -19.54 -4.27 35.67
N ALA E 254 -19.42 -3.18 36.41
CA ALA E 254 -19.48 -3.21 37.85
C ALA E 254 -20.88 -3.18 38.38
N PRO E 255 -21.20 -4.12 39.29
CA PRO E 255 -22.54 -4.18 39.87
C PRO E 255 -22.67 -2.99 40.80
N HIS E 256 -23.68 -2.97 41.65
CA HIS E 256 -23.79 -1.86 42.59
C HIS E 256 -23.42 -2.31 44.00
N ARG E 257 -22.48 -1.61 44.60
CA ARG E 257 -22.01 -1.88 45.95
C ARG E 257 -23.05 -2.45 46.95
N GLU E 258 -24.19 -1.78 47.08
CA GLU E 258 -25.20 -2.18 48.09
C GLU E 258 -26.51 -2.66 47.43
N ARG E 259 -26.49 -3.22 46.22
CA ARG E 259 -27.77 -3.65 45.65
C ARG E 259 -27.83 -5.04 45.04
N VAL E 260 -27.44 -6.05 45.78
CA VAL E 260 -27.47 -7.40 45.24
C VAL E 260 -28.10 -8.40 46.20
N GLU E 261 -29.43 -8.53 46.20
CA GLU E 261 -30.06 -9.50 47.08
C GLU E 261 -30.34 -10.81 46.37
N GLY E 262 -30.15 -11.92 47.08
CA GLY E 262 -30.39 -13.21 46.47
C GLY E 262 -29.48 -14.32 46.96
N VAL E 263 -29.66 -15.50 46.38
CA VAL E 263 -28.87 -16.68 46.72
C VAL E 263 -28.27 -17.18 45.43
N VAL E 264 -26.97 -17.41 45.41
CA VAL E 264 -26.34 -17.86 44.20
C VAL E 264 -25.39 -19.00 44.48
N ARG E 265 -25.49 -20.03 43.66
CA ARG E 265 -24.65 -21.22 43.82
C ARG E 265 -23.72 -21.51 42.66
N ALA E 266 -22.47 -21.82 43.02
CA ALA E 266 -21.41 -22.11 42.07
C ALA E 266 -21.77 -23.11 41.01
N SER E 267 -21.07 -23.02 39.90
CA SER E 267 -21.25 -23.92 38.76
C SER E 267 -19.93 -24.66 38.48
N ARG E 268 -18.82 -23.90 38.46
CA ARG E 268 -17.48 -24.42 38.21
C ARG E 268 -16.56 -24.15 39.38
N PRO E 269 -15.56 -25.02 39.58
CA PRO E 269 -14.63 -24.84 40.68
C PRO E 269 -13.85 -23.53 40.58
N LEU E 270 -13.30 -23.12 41.71
CA LEU E 270 -12.53 -21.89 41.80
C LEU E 270 -11.11 -22.20 42.25
N ALA E 271 -10.14 -22.02 41.36
CA ALA E 271 -8.76 -22.27 41.71
C ALA E 271 -8.19 -21.02 42.36
N LEU E 272 -8.18 -21.01 43.69
CA LEU E 272 -7.69 -19.86 44.43
C LEU E 272 -6.21 -19.99 44.84
N GLY E 273 -5.32 -19.81 43.85
CA GLY E 273 -3.90 -19.90 44.09
C GLY E 273 -3.48 -21.22 44.73
N GLY E 274 -3.63 -22.31 43.98
CA GLY E 274 -3.25 -23.62 44.49
C GLY E 274 -4.31 -24.49 45.12
N THR E 275 -5.02 -23.94 46.11
CA THR E 275 -6.08 -24.68 46.82
C THR E 275 -7.32 -24.71 45.92
N LEU E 276 -8.05 -25.82 45.93
CA LEU E 276 -9.23 -25.98 45.10
C LEU E 276 -10.55 -25.79 45.84
N VAL E 277 -11.26 -24.69 45.57
CA VAL E 277 -12.53 -24.41 46.22
C VAL E 277 -13.65 -24.93 45.30
N GLU E 278 -14.45 -25.87 45.79
CA GLU E 278 -15.54 -26.41 44.98
C GLU E 278 -16.94 -26.21 45.54
N GLY E 279 -17.93 -26.21 44.63
CA GLY E 279 -19.32 -26.06 45.01
C GLY E 279 -19.71 -24.88 45.86
N ILE E 280 -18.82 -23.89 45.92
CA ILE E 280 -19.08 -22.68 46.69
C ILE E 280 -20.53 -22.20 46.60
N PHE E 281 -20.98 -21.51 47.64
CA PHE E 281 -22.33 -20.99 47.68
C PHE E 281 -22.35 -19.75 48.53
N ALA E 282 -23.08 -18.74 48.08
CA ALA E 282 -23.15 -17.49 48.83
C ALA E 282 -24.53 -16.90 48.85
N ARG E 283 -24.87 -16.24 49.96
CA ARG E 283 -26.16 -15.59 50.12
C ARG E 283 -25.97 -14.10 50.32
N PHE E 284 -26.57 -13.32 49.44
CA PHE E 284 -26.46 -11.88 49.49
C PHE E 284 -27.70 -11.18 50.06
N GLU E 285 -27.43 -10.12 50.82
CA GLU E 285 -28.45 -9.28 51.41
C GLU E 285 -28.07 -7.82 51.34
N ARG E 286 -28.87 -7.00 50.65
CA ARG E 286 -28.56 -5.59 50.49
C ARG E 286 -27.09 -5.43 50.04
N GLY E 287 -26.68 -6.27 49.10
CA GLY E 287 -25.33 -6.21 48.57
C GLY E 287 -24.22 -6.95 49.31
N PHE E 288 -24.48 -7.40 50.53
CA PHE E 288 -23.46 -8.07 51.32
C PHE E 288 -23.60 -9.58 51.32
N ALA E 289 -22.51 -10.28 51.10
CA ALA E 289 -22.54 -11.73 51.11
C ALA E 289 -22.58 -12.15 52.58
N VAL E 290 -23.78 -12.35 53.11
CA VAL E 290 -23.91 -12.68 54.51
C VAL E 290 -23.58 -14.10 54.85
N GLU E 291 -23.41 -14.95 53.86
CA GLU E 291 -23.10 -16.35 54.15
C GLU E 291 -22.36 -17.00 53.00
N VAL E 292 -21.06 -17.19 53.14
CA VAL E 292 -20.31 -17.83 52.08
C VAL E 292 -19.92 -19.17 52.59
N ARG E 293 -20.05 -20.19 51.75
CA ARG E 293 -19.72 -21.55 52.13
C ARG E 293 -19.21 -22.32 50.95
N ALA E 294 -18.68 -23.52 51.21
CA ALA E 294 -18.15 -24.34 50.13
C ALA E 294 -17.88 -25.76 50.57
N GLU E 295 -18.11 -26.70 49.66
CA GLU E 295 -17.90 -28.12 49.93
C GLU E 295 -16.46 -28.42 50.31
N LYS E 296 -15.52 -27.69 49.70
CA LYS E 296 -14.10 -27.91 49.97
C LYS E 296 -13.35 -26.60 50.02
N GLY E 297 -12.53 -26.42 51.06
CA GLY E 297 -11.75 -25.20 51.18
C GLY E 297 -12.51 -24.02 51.73
N GLU E 298 -13.61 -24.30 52.40
CA GLU E 298 -14.41 -23.24 52.99
C GLU E 298 -13.46 -22.38 53.83
N GLU E 299 -12.67 -23.00 54.69
CA GLU E 299 -11.73 -22.27 55.53
C GLU E 299 -10.98 -21.19 54.75
N VAL E 300 -10.28 -21.59 53.69
CA VAL E 300 -9.50 -20.68 52.86
C VAL E 300 -10.29 -19.52 52.28
N LEU E 301 -11.39 -19.83 51.60
CA LEU E 301 -12.20 -18.80 50.98
C LEU E 301 -12.70 -17.78 51.99
N ARG E 302 -13.20 -18.25 53.12
CA ARG E 302 -13.73 -17.34 54.12
C ARG E 302 -12.69 -16.33 54.57
N ARG E 303 -11.44 -16.75 54.68
CA ARG E 303 -10.36 -15.85 55.12
C ARG E 303 -10.17 -14.74 54.11
N LEU E 304 -9.99 -15.13 52.85
CA LEU E 304 -9.76 -14.16 51.78
C LEU E 304 -10.87 -13.14 51.72
N LEU E 305 -12.10 -13.58 51.98
CA LEU E 305 -13.26 -12.71 51.94
C LEU E 305 -13.51 -11.96 53.26
N ASP E 306 -12.64 -12.20 54.24
CA ASP E 306 -12.76 -11.52 55.53
C ASP E 306 -11.65 -10.47 55.67
N THR E 307 -10.99 -10.17 54.54
CA THR E 307 -9.94 -9.17 54.52
C THR E 307 -10.46 -7.82 55.02
N ASP E 308 -11.49 -7.29 54.35
CA ASP E 308 -12.08 -6.02 54.76
C ASP E 308 -13.58 -6.08 54.51
N GLU E 309 -14.23 -4.92 54.49
CA GLU E 309 -15.67 -4.91 54.23
C GLU E 309 -15.91 -5.27 52.77
N GLY E 310 -15.36 -4.47 51.86
CA GLY E 310 -15.54 -4.74 50.45
C GLY E 310 -15.31 -6.18 50.05
N ALA E 311 -14.50 -6.90 50.82
CA ALA E 311 -14.21 -8.29 50.51
C ALA E 311 -15.47 -9.09 50.17
N ARG E 312 -16.50 -8.94 51.00
CA ARG E 312 -17.73 -9.69 50.79
C ARG E 312 -18.82 -8.94 50.02
N ARG E 313 -18.42 -8.19 49.01
CA ARG E 313 -19.35 -7.47 48.15
C ARG E 313 -18.92 -7.72 46.71
N LEU E 314 -19.78 -7.40 45.76
CA LEU E 314 -19.45 -7.64 44.35
C LEU E 314 -18.86 -6.44 43.62
N GLY E 315 -17.96 -6.73 42.68
CA GLY E 315 -17.33 -5.67 41.92
C GLY E 315 -17.22 -5.97 40.43
N GLU E 316 -17.98 -6.91 39.92
CA GLU E 316 -17.92 -7.23 38.50
C GLU E 316 -18.97 -8.25 38.12
N VAL E 317 -19.70 -7.98 37.05
CA VAL E 317 -20.72 -8.90 36.60
C VAL E 317 -20.33 -9.21 35.19
N ALA E 318 -20.29 -10.47 34.82
CA ALA E 318 -19.89 -10.79 33.46
C ALA E 318 -20.75 -11.83 32.80
N LEU E 319 -21.03 -11.63 31.53
CA LEU E 319 -21.87 -12.55 30.78
C LEU E 319 -21.11 -13.31 29.73
N VAL E 320 -21.06 -14.63 29.88
CA VAL E 320 -20.36 -15.49 28.94
C VAL E 320 -21.23 -16.62 28.44
N PRO E 321 -21.60 -16.58 27.16
CA PRO E 321 -22.45 -17.64 26.61
C PRO E 321 -21.77 -18.99 26.81
N ALA E 322 -22.48 -19.95 27.38
CA ALA E 322 -21.88 -21.26 27.59
C ALA E 322 -21.87 -22.13 26.35
N ASP E 323 -21.95 -21.50 25.18
CA ASP E 323 -21.90 -22.24 23.92
C ASP E 323 -20.61 -21.83 23.24
N ASN E 324 -19.71 -21.25 24.04
CA ASN E 324 -18.40 -20.78 23.57
C ASN E 324 -17.33 -21.88 23.55
N PRO E 325 -16.20 -21.61 22.88
CA PRO E 325 -15.07 -22.53 22.76
C PRO E 325 -14.49 -23.07 24.06
N ILE E 326 -14.02 -22.19 24.94
CA ILE E 326 -13.45 -22.63 26.19
C ILE E 326 -14.44 -23.50 26.93
N ALA E 327 -15.71 -23.29 26.63
CA ALA E 327 -16.80 -24.02 27.28
C ALA E 327 -17.08 -25.38 26.66
N LYS E 328 -17.00 -25.47 25.33
CA LYS E 328 -17.25 -26.73 24.59
C LYS E 328 -16.25 -27.84 24.98
N THR E 329 -15.06 -27.43 25.43
CA THR E 329 -14.04 -28.38 25.86
C THR E 329 -14.46 -29.00 27.18
N GLY E 330 -15.06 -28.17 28.04
CA GLY E 330 -15.55 -28.61 29.34
C GLY E 330 -14.43 -29.13 30.24
N LEU E 331 -13.51 -28.23 30.59
CA LEU E 331 -12.37 -28.58 31.41
C LEU E 331 -12.09 -27.51 32.42
N VAL E 332 -11.23 -27.80 33.37
CA VAL E 332 -10.88 -26.82 34.38
C VAL E 332 -9.45 -26.44 34.11
N PHE E 333 -9.20 -25.18 33.77
CA PHE E 333 -7.86 -24.74 33.45
C PHE E 333 -7.09 -24.14 34.60
N PHE E 334 -7.69 -24.16 35.78
CA PHE E 334 -7.05 -23.61 36.98
C PHE E 334 -6.24 -22.35 36.69
N ASP E 335 -6.70 -21.58 35.71
CA ASP E 335 -6.08 -20.33 35.30
C ASP E 335 -7.20 -19.29 35.11
N THR E 336 -7.00 -18.10 35.66
CA THR E 336 -7.98 -17.03 35.54
C THR E 336 -8.34 -16.88 34.07
N LEU E 337 -7.48 -16.19 33.34
CA LEU E 337 -7.68 -15.96 31.92
C LEU E 337 -8.54 -16.99 31.20
N PHE E 338 -8.26 -18.27 31.41
CA PHE E 338 -9.04 -19.30 30.74
C PHE E 338 -10.40 -19.59 31.34
N ASP E 339 -10.48 -19.69 32.67
CA ASP E 339 -11.74 -19.94 33.36
C ASP E 339 -12.66 -18.72 33.30
N GLU E 340 -12.14 -17.54 33.66
CA GLU E 340 -12.91 -16.30 33.63
C GLU E 340 -13.75 -16.18 32.36
N ASN E 341 -13.18 -16.54 31.21
CA ASN E 341 -13.91 -16.46 29.95
C ASN E 341 -14.57 -17.77 29.58
N ALA E 342 -14.76 -18.62 30.58
CA ALA E 342 -15.39 -19.92 30.37
C ALA E 342 -16.89 -19.76 30.43
N ALA E 343 -17.38 -19.17 31.51
CA ALA E 343 -18.82 -18.96 31.66
C ALA E 343 -19.11 -17.75 32.54
N SER E 344 -20.27 -17.15 32.35
CA SER E 344 -20.70 -15.97 33.11
C SER E 344 -20.20 -16.02 34.54
N HIS E 345 -19.66 -14.90 35.03
CA HIS E 345 -19.16 -14.91 36.39
C HIS E 345 -19.44 -13.66 37.19
N ILE E 346 -19.26 -13.76 38.50
CA ILE E 346 -19.48 -12.65 39.40
C ILE E 346 -18.20 -12.57 40.22
N ALA E 347 -17.81 -11.40 40.70
CA ALA E 347 -16.57 -11.28 41.47
C ALA E 347 -16.60 -10.38 42.68
N PHE E 348 -16.09 -10.88 43.80
CA PHE E 348 -16.06 -10.11 45.03
C PHE E 348 -14.88 -9.19 45.04
N GLY E 349 -15.02 -8.03 45.70
CA GLY E 349 -13.88 -7.14 45.83
C GLY E 349 -13.99 -5.93 44.92
N GLN E 350 -12.83 -5.28 44.78
CA GLN E 350 -12.65 -4.06 43.99
C GLN E 350 -13.21 -4.13 42.60
N ALA E 351 -13.85 -3.05 42.18
CA ALA E 351 -14.43 -2.98 40.85
C ALA E 351 -13.54 -2.11 39.98
N TYR E 352 -13.13 -2.65 38.84
CA TYR E 352 -12.28 -1.91 37.91
C TYR E 352 -12.96 -0.58 37.60
N GLN E 353 -12.29 0.53 37.91
CA GLN E 353 -12.88 1.84 37.68
C GLN E 353 -13.16 2.14 36.21
N GLU E 354 -12.68 1.25 35.35
CA GLU E 354 -12.87 1.39 33.91
C GLU E 354 -14.31 1.02 33.53
N ASN E 355 -15.13 0.71 34.55
CA ASN E 355 -16.52 0.32 34.35
C ASN E 355 -17.54 1.38 34.74
N LEU E 356 -17.09 2.46 35.36
CA LEU E 356 -18.00 3.53 35.74
C LEU E 356 -17.82 4.65 34.73
N GLU E 357 -18.85 4.85 33.93
CA GLU E 357 -18.83 5.88 32.91
C GLU E 357 -18.43 7.21 33.51
N GLY E 358 -17.43 7.85 32.91
CA GLY E 358 -16.97 9.13 33.42
C GLY E 358 -15.79 8.88 34.34
N GLY E 362 -13.17 9.16 43.84
CA GLY E 362 -12.64 8.69 45.12
C GLY E 362 -13.79 8.58 46.13
N GLU E 363 -14.57 9.66 46.27
CA GLU E 363 -15.71 9.70 47.19
C GLU E 363 -16.99 9.60 46.38
N ALA E 364 -17.00 10.15 45.17
CA ALA E 364 -18.19 10.08 44.32
C ALA E 364 -18.27 8.67 43.71
N PHE E 365 -17.25 7.86 44.00
CA PHE E 365 -17.16 6.47 43.53
C PHE E 365 -17.99 5.53 44.39
N ARG E 366 -17.77 5.64 45.70
CA ARG E 366 -18.46 4.87 46.73
C ARG E 366 -19.94 5.30 46.77
N LYS E 367 -20.25 6.40 46.06
CA LYS E 367 -21.61 6.94 46.00
C LYS E 367 -22.33 6.44 44.77
N ARG E 368 -21.61 6.39 43.65
CA ARG E 368 -22.20 5.92 42.41
C ARG E 368 -22.40 4.42 42.51
N GLY E 369 -21.79 3.82 43.52
CA GLY E 369 -21.95 2.38 43.71
C GLY E 369 -20.68 1.56 43.55
N GLY E 370 -19.56 2.22 43.35
CA GLY E 370 -18.32 1.49 43.19
C GLY E 370 -17.93 0.79 44.48
N ASN E 371 -17.39 -0.41 44.35
CA ASN E 371 -16.96 -1.16 45.52
C ASN E 371 -15.43 -1.10 45.63
N GLU E 372 -14.93 -0.87 46.83
CA GLU E 372 -13.49 -0.77 47.07
C GLU E 372 -12.95 -1.82 48.05
N SER E 373 -11.91 -2.52 47.63
CA SER E 373 -11.29 -3.55 48.46
C SER E 373 -9.92 -3.98 47.95
N LEU E 374 -9.28 -4.88 48.70
CA LEU E 374 -7.96 -5.40 48.37
C LEU E 374 -8.00 -6.59 47.42
N VAL E 375 -9.02 -7.43 47.58
CA VAL E 375 -9.16 -8.64 46.78
C VAL E 375 -10.13 -8.60 45.59
N HIS E 376 -9.81 -9.37 44.55
CA HIS E 376 -10.65 -9.47 43.36
C HIS E 376 -10.73 -10.96 42.98
N VAL E 377 -11.74 -11.63 43.53
CA VAL E 377 -11.97 -13.04 43.30
C VAL E 377 -13.10 -13.25 42.32
N ASP E 378 -12.83 -13.95 41.24
CA ASP E 378 -13.85 -14.21 40.24
C ASP E 378 -14.23 -15.67 40.32
N TRP E 379 -15.50 -15.96 40.54
CA TRP E 379 -15.95 -17.36 40.54
C TRP E 379 -17.10 -17.41 39.57
N MET E 380 -17.14 -18.48 38.80
CA MET E 380 -18.16 -18.62 37.82
C MET E 380 -19.44 -19.17 38.36
N ILE E 381 -20.54 -18.72 37.79
CA ILE E 381 -21.85 -19.18 38.20
C ILE E 381 -22.67 -19.52 36.97
N GLY E 382 -22.28 -18.96 35.83
CA GLY E 382 -23.01 -19.23 34.60
C GLY E 382 -22.90 -20.69 34.23
N SER E 383 -23.90 -21.23 33.57
CA SER E 383 -23.88 -22.63 33.17
C SER E 383 -24.78 -22.83 31.99
N GLU E 384 -24.98 -24.08 31.62
CA GLU E 384 -25.81 -24.40 30.47
C GLU E 384 -27.29 -24.24 30.76
N GLU E 385 -27.62 -24.07 32.05
CA GLU E 385 -29.03 -23.93 32.44
C GLU E 385 -29.28 -22.64 33.22
N MET E 386 -28.48 -21.62 32.93
CA MET E 386 -28.59 -20.33 33.59
C MET E 386 -29.39 -19.34 32.77
N ASP E 387 -30.58 -18.98 33.23
CA ASP E 387 -31.37 -18.01 32.47
C ASP E 387 -31.10 -16.65 33.05
N VAL E 388 -31.01 -15.64 32.19
CA VAL E 388 -30.74 -14.30 32.67
C VAL E 388 -31.64 -13.28 32.03
N ASP E 389 -32.27 -12.47 32.86
CA ASP E 389 -33.16 -11.42 32.40
C ASP E 389 -32.50 -10.11 32.82
N GLY E 390 -32.96 -8.99 32.26
CA GLY E 390 -32.40 -7.71 32.64
C GLY E 390 -33.54 -6.79 33.04
N LEU E 391 -33.48 -6.22 34.23
CA LEU E 391 -34.56 -5.38 34.70
C LEU E 391 -34.32 -3.90 34.61
N TYR E 392 -35.40 -3.14 34.38
CA TYR E 392 -35.35 -1.68 34.31
C TYR E 392 -35.70 -1.20 35.71
N GLU E 393 -35.66 0.11 35.96
CA GLU E 393 -35.98 0.55 37.32
C GLU E 393 -37.41 0.31 37.76
N ASP E 394 -38.31 0.11 36.81
CA ASP E 394 -39.73 -0.13 37.10
C ASP E 394 -40.08 -1.60 37.27
N GLY E 395 -39.20 -2.48 36.82
CA GLY E 395 -39.47 -3.91 36.97
C GLY E 395 -39.62 -4.63 35.65
N THR E 396 -39.91 -3.89 34.59
CA THR E 396 -40.08 -4.50 33.28
C THR E 396 -38.82 -5.28 32.96
N ARG E 397 -38.97 -6.52 32.54
CA ARG E 397 -37.80 -7.33 32.26
C ARG E 397 -37.64 -7.83 30.83
N THR E 398 -36.47 -7.59 30.27
CA THR E 398 -36.11 -8.00 28.91
C THR E 398 -35.22 -9.22 28.99
N PRO E 399 -35.61 -10.33 28.35
CA PRO E 399 -34.77 -11.52 28.41
C PRO E 399 -33.42 -11.27 27.74
N LEU E 400 -32.34 -11.68 28.41
CA LEU E 400 -30.98 -11.52 27.90
C LEU E 400 -30.35 -12.86 27.53
N MET E 401 -30.49 -13.85 28.40
CA MET E 401 -29.92 -15.15 28.11
C MET E 401 -30.85 -16.26 28.52
N ARG E 402 -30.77 -17.37 27.80
CA ARG E 402 -31.59 -18.55 28.10
C ARG E 402 -30.76 -19.79 27.91
N ARG E 403 -30.92 -20.74 28.82
CA ARG E 403 -30.15 -21.98 28.78
C ARG E 403 -28.72 -21.69 28.41
N GLY E 404 -28.22 -20.56 28.89
CA GLY E 404 -26.85 -20.17 28.65
C GLY E 404 -26.58 -19.41 27.37
N ARG E 405 -27.51 -19.42 26.43
CA ARG E 405 -27.27 -18.73 25.18
C ARG E 405 -27.90 -17.36 25.12
N TRP E 406 -27.34 -16.52 24.27
CA TRP E 406 -27.86 -15.18 24.10
C TRP E 406 -29.16 -15.21 23.33
N VAL E 407 -30.05 -14.31 23.68
CA VAL E 407 -31.28 -14.15 22.94
C VAL E 407 -31.35 -12.81 22.27
N VAL E 408 -30.40 -11.98 22.70
CA VAL E 408 -30.19 -10.60 22.23
C VAL E 408 -31.33 -9.67 22.66
#